data_6SM5
# 
_entry.id   6SM5 
# 
_audit_conform.dict_name       mmcif_pdbx.dic 
_audit_conform.dict_version    5.383 
_audit_conform.dict_location   http://mmcif.pdb.org/dictionaries/ascii/mmcif_pdbx.dic 
# 
loop_
_database_2.database_id 
_database_2.database_code 
_database_2.pdbx_database_accession 
_database_2.pdbx_DOI 
PDB   6SM5         pdb_00006sm5 10.2210/pdb6sm5/pdb 
WWPDB D_1292103906 ?            ?                   
# 
loop_
_pdbx_audit_revision_history.ordinal 
_pdbx_audit_revision_history.data_content_type 
_pdbx_audit_revision_history.major_revision 
_pdbx_audit_revision_history.minor_revision 
_pdbx_audit_revision_history.revision_date 
1 'Structure model' 1 0 2021-01-13 
2 'Structure model' 1 1 2024-01-24 
# 
_pdbx_audit_revision_details.ordinal             1 
_pdbx_audit_revision_details.revision_ordinal    1 
_pdbx_audit_revision_details.data_content_type   'Structure model' 
_pdbx_audit_revision_details.provider            repository 
_pdbx_audit_revision_details.type                'Initial release' 
_pdbx_audit_revision_details.description         ? 
_pdbx_audit_revision_details.details             ? 
# 
loop_
_pdbx_audit_revision_group.ordinal 
_pdbx_audit_revision_group.revision_ordinal 
_pdbx_audit_revision_group.data_content_type 
_pdbx_audit_revision_group.group 
1 2 'Structure model' 'Data collection'        
2 2 'Structure model' 'Database references'    
3 2 'Structure model' 'Refinement description' 
# 
loop_
_pdbx_audit_revision_category.ordinal 
_pdbx_audit_revision_category.revision_ordinal 
_pdbx_audit_revision_category.data_content_type 
_pdbx_audit_revision_category.category 
1 2 'Structure model' chem_comp_atom                
2 2 'Structure model' chem_comp_bond                
3 2 'Structure model' database_2                    
4 2 'Structure model' pdbx_initial_refinement_model 
# 
loop_
_pdbx_audit_revision_item.ordinal 
_pdbx_audit_revision_item.revision_ordinal 
_pdbx_audit_revision_item.data_content_type 
_pdbx_audit_revision_item.item 
1 2 'Structure model' '_database_2.pdbx_DOI'                
2 2 'Structure model' '_database_2.pdbx_database_accession' 
# 
_pdbx_database_status.status_code                     REL 
_pdbx_database_status.status_code_sf                  REL 
_pdbx_database_status.status_code_mr                  ? 
_pdbx_database_status.entry_id                        6SM5 
_pdbx_database_status.recvd_initial_deposition_date   2019-08-21 
_pdbx_database_status.SG_entry                        N 
_pdbx_database_status.deposit_site                    PDBE 
_pdbx_database_status.process_site                    PDBE 
_pdbx_database_status.status_code_cs                  ? 
_pdbx_database_status.methods_development_category    ? 
_pdbx_database_status.pdb_format_compatible           Y 
_pdbx_database_status.status_code_nmr_data            ? 
# 
loop_
_audit_author.name 
_audit_author.pdbx_ordinal 
_audit_author.identifier_ORCID 
'Mann, G.'      1 0000-0002-0294-1598 
'Hantschel, O.' 2 0000-0001-8569-8169 
# 
_citation.abstract                  ? 
_citation.abstract_id_CAS           ? 
_citation.book_id_ISBN              ? 
_citation.book_publisher            ? 
_citation.book_publisher_city       ? 
_citation.book_title                ? 
_citation.coordinate_linkage        ? 
_citation.country                   ? 
_citation.database_id_Medline       ? 
_citation.details                   ? 
_citation.id                        primary 
_citation.journal_abbrev            'To Be Published' 
_citation.journal_id_ASTM           ? 
_citation.journal_id_CSD            0353 
_citation.journal_id_ISSN           ? 
_citation.journal_full              ? 
_citation.journal_issue             ? 
_citation.journal_volume            ? 
_citation.language                  ? 
_citation.page_first                ? 
_citation.page_last                 ? 
_citation.title                     'MbC/SHP1-C-SH2 complex' 
_citation.year                      ? 
_citation.database_id_CSD           ? 
_citation.pdbx_database_id_DOI      ? 
_citation.pdbx_database_id_PubMed   ? 
_citation.unpublished_flag          ? 
# 
_citation_author.citation_id        primary 
_citation_author.name               'Hantschel, O.' 
_citation_author.ordinal            1 
_citation_author.identifier_ORCID   0000-0001-8569-8169 
# 
loop_
_entity.id 
_entity.type 
_entity.src_method 
_entity.pdbx_description 
_entity.formula_weight 
_entity.pdbx_number_of_molecules 
_entity.pdbx_ec 
_entity.pdbx_mutation 
_entity.pdbx_fragment 
_entity.details 
1 polymer man 'Tyrosine-protein phosphatase non-receptor type 6' 13252.853 1  3.1.3.48 ? ? ? 
2 polymer man 'MbC (monobody targeting SHP1-C-SH2)'              10012.031 1  ?        ? ? ? 
3 water   nat water                                              18.015    21 ?        ? ? ? 
# 
_entity_name_com.entity_id   1 
_entity_name_com.name        
'Hematopoietic cell protein-tyrosine phosphatase,Protein-tyrosine phosphatase 1C,PTP-1C,Protein-tyrosine phosphatase SHP-1,SH-PTP1' 
# 
loop_
_entity_poly.entity_id 
_entity_poly.type 
_entity_poly.nstd_linkage 
_entity_poly.nstd_monomer 
_entity_poly.pdbx_seq_one_letter_code 
_entity_poly.pdbx_seq_one_letter_code_can 
_entity_poly.pdbx_strand_id 
_entity_poly.pdbx_target_identifier 
1 'polypeptide(L)' no no 
;GSLNCSDPTSERWYHGHMSGGQAETLLQAKGEPWTFLVRESLSQPGDFVLSVLSDQPKAGPGSPLRVTHIKVMCEGGRYT
VGGLETFDSLTDLVEHFKKTGIEEASGAFVYLRQPYYKEK
;
;GSLNCSDPTSERWYHGHMSGGQAETLLQAKGEPWTFLVRESLSQPGDFVLSVLSDQPKAGPGSPLRVTHIKVMCEGGRYT
VGGLETFDSLTDLVEHFKKTGIEEASGAFVYLRQPYYKEK
;
A ? 
2 'polypeptide(L)' no no 
;GSVSSVPTKLEVVAATPTSLLISWDAPAVTVDYYVITYGETGYPGYQEFEVPGSKSTATISGLKPGVDYTITVYAGFTDQ
YYYGSPISINYRT
;
;GSVSSVPTKLEVVAATPTSLLISWDAPAVTVDYYVITYGETGYPGYQEFEVPGSKSTATISGLKPGVDYTITVYAGFTDQ
YYYGSPISINYRT
;
B ? 
# 
_pdbx_entity_nonpoly.entity_id   3 
_pdbx_entity_nonpoly.name        water 
_pdbx_entity_nonpoly.comp_id     HOH 
# 
loop_
_entity_poly_seq.entity_id 
_entity_poly_seq.num 
_entity_poly_seq.mon_id 
_entity_poly_seq.hetero 
1 1   GLY n 
1 2   SER n 
1 3   LEU n 
1 4   ASN n 
1 5   CYS n 
1 6   SER n 
1 7   ASP n 
1 8   PRO n 
1 9   THR n 
1 10  SER n 
1 11  GLU n 
1 12  ARG n 
1 13  TRP n 
1 14  TYR n 
1 15  HIS n 
1 16  GLY n 
1 17  HIS n 
1 18  MET n 
1 19  SER n 
1 20  GLY n 
1 21  GLY n 
1 22  GLN n 
1 23  ALA n 
1 24  GLU n 
1 25  THR n 
1 26  LEU n 
1 27  LEU n 
1 28  GLN n 
1 29  ALA n 
1 30  LYS n 
1 31  GLY n 
1 32  GLU n 
1 33  PRO n 
1 34  TRP n 
1 35  THR n 
1 36  PHE n 
1 37  LEU n 
1 38  VAL n 
1 39  ARG n 
1 40  GLU n 
1 41  SER n 
1 42  LEU n 
1 43  SER n 
1 44  GLN n 
1 45  PRO n 
1 46  GLY n 
1 47  ASP n 
1 48  PHE n 
1 49  VAL n 
1 50  LEU n 
1 51  SER n 
1 52  VAL n 
1 53  LEU n 
1 54  SER n 
1 55  ASP n 
1 56  GLN n 
1 57  PRO n 
1 58  LYS n 
1 59  ALA n 
1 60  GLY n 
1 61  PRO n 
1 62  GLY n 
1 63  SER n 
1 64  PRO n 
1 65  LEU n 
1 66  ARG n 
1 67  VAL n 
1 68  THR n 
1 69  HIS n 
1 70  ILE n 
1 71  LYS n 
1 72  VAL n 
1 73  MET n 
1 74  CYS n 
1 75  GLU n 
1 76  GLY n 
1 77  GLY n 
1 78  ARG n 
1 79  TYR n 
1 80  THR n 
1 81  VAL n 
1 82  GLY n 
1 83  GLY n 
1 84  LEU n 
1 85  GLU n 
1 86  THR n 
1 87  PHE n 
1 88  ASP n 
1 89  SER n 
1 90  LEU n 
1 91  THR n 
1 92  ASP n 
1 93  LEU n 
1 94  VAL n 
1 95  GLU n 
1 96  HIS n 
1 97  PHE n 
1 98  LYS n 
1 99  LYS n 
1 100 THR n 
1 101 GLY n 
1 102 ILE n 
1 103 GLU n 
1 104 GLU n 
1 105 ALA n 
1 106 SER n 
1 107 GLY n 
1 108 ALA n 
1 109 PHE n 
1 110 VAL n 
1 111 TYR n 
1 112 LEU n 
1 113 ARG n 
1 114 GLN n 
1 115 PRO n 
1 116 TYR n 
1 117 TYR n 
1 118 LYS n 
1 119 GLU n 
1 120 LYS n 
2 1   GLY n 
2 2   SER n 
2 3   VAL n 
2 4   SER n 
2 5   SER n 
2 6   VAL n 
2 7   PRO n 
2 8   THR n 
2 9   LYS n 
2 10  LEU n 
2 11  GLU n 
2 12  VAL n 
2 13  VAL n 
2 14  ALA n 
2 15  ALA n 
2 16  THR n 
2 17  PRO n 
2 18  THR n 
2 19  SER n 
2 20  LEU n 
2 21  LEU n 
2 22  ILE n 
2 23  SER n 
2 24  TRP n 
2 25  ASP n 
2 26  ALA n 
2 27  PRO n 
2 28  ALA n 
2 29  VAL n 
2 30  THR n 
2 31  VAL n 
2 32  ASP n 
2 33  TYR n 
2 34  TYR n 
2 35  VAL n 
2 36  ILE n 
2 37  THR n 
2 38  TYR n 
2 39  GLY n 
2 40  GLU n 
2 41  THR n 
2 42  GLY n 
2 43  TYR n 
2 44  PRO n 
2 45  GLY n 
2 46  TYR n 
2 47  GLN n 
2 48  GLU n 
2 49  PHE n 
2 50  GLU n 
2 51  VAL n 
2 52  PRO n 
2 53  GLY n 
2 54  SER n 
2 55  LYS n 
2 56  SER n 
2 57  THR n 
2 58  ALA n 
2 59  THR n 
2 60  ILE n 
2 61  SER n 
2 62  GLY n 
2 63  LEU n 
2 64  LYS n 
2 65  PRO n 
2 66  GLY n 
2 67  VAL n 
2 68  ASP n 
2 69  TYR n 
2 70  THR n 
2 71  ILE n 
2 72  THR n 
2 73  VAL n 
2 74  TYR n 
2 75  ALA n 
2 76  GLY n 
2 77  PHE n 
2 78  THR n 
2 79  ASP n 
2 80  GLN n 
2 81  TYR n 
2 82  TYR n 
2 83  TYR n 
2 84  GLY n 
2 85  SER n 
2 86  PRO n 
2 87  ILE n 
2 88  SER n 
2 89  ILE n 
2 90  ASN n 
2 91  TYR n 
2 92  ARG n 
2 93  THR n 
# 
loop_
_entity_src_gen.entity_id 
_entity_src_gen.pdbx_src_id 
_entity_src_gen.pdbx_alt_source_flag 
_entity_src_gen.pdbx_seq_type 
_entity_src_gen.pdbx_beg_seq_num 
_entity_src_gen.pdbx_end_seq_num 
_entity_src_gen.gene_src_common_name 
_entity_src_gen.gene_src_genus 
_entity_src_gen.pdbx_gene_src_gene 
_entity_src_gen.gene_src_species 
_entity_src_gen.gene_src_strain 
_entity_src_gen.gene_src_tissue 
_entity_src_gen.gene_src_tissue_fraction 
_entity_src_gen.gene_src_details 
_entity_src_gen.pdbx_gene_src_fragment 
_entity_src_gen.pdbx_gene_src_scientific_name 
_entity_src_gen.pdbx_gene_src_ncbi_taxonomy_id 
_entity_src_gen.pdbx_gene_src_variant 
_entity_src_gen.pdbx_gene_src_cell_line 
_entity_src_gen.pdbx_gene_src_atcc 
_entity_src_gen.pdbx_gene_src_organ 
_entity_src_gen.pdbx_gene_src_organelle 
_entity_src_gen.pdbx_gene_src_cell 
_entity_src_gen.pdbx_gene_src_cellular_location 
_entity_src_gen.host_org_common_name 
_entity_src_gen.pdbx_host_org_scientific_name 
_entity_src_gen.pdbx_host_org_ncbi_taxonomy_id 
_entity_src_gen.host_org_genus 
_entity_src_gen.pdbx_host_org_gene 
_entity_src_gen.pdbx_host_org_organ 
_entity_src_gen.host_org_species 
_entity_src_gen.pdbx_host_org_tissue 
_entity_src_gen.pdbx_host_org_tissue_fraction 
_entity_src_gen.pdbx_host_org_strain 
_entity_src_gen.pdbx_host_org_variant 
_entity_src_gen.pdbx_host_org_cell_line 
_entity_src_gen.pdbx_host_org_atcc 
_entity_src_gen.pdbx_host_org_culture_collection 
_entity_src_gen.pdbx_host_org_cell 
_entity_src_gen.pdbx_host_org_organelle 
_entity_src_gen.pdbx_host_org_cellular_location 
_entity_src_gen.pdbx_host_org_vector_type 
_entity_src_gen.pdbx_host_org_vector 
_entity_src_gen.host_org_details 
_entity_src_gen.expression_system_id 
_entity_src_gen.plasmid_name 
_entity_src_gen.plasmid_details 
_entity_src_gen.pdbx_description 
1 1 sample 'Biological sequence' 1 120 Human ? 'PTPN6, HCP, PTP1C' ? ? ? ? ? ? 'Homo sapiens'        9606  ? ? ? ? ? ? ? ? 
'Escherichia coli BL21' 511693 ? ? ? ? ? ? ? ? ? ? ? ? ? ? ? ? ? ? ? ? ? 
2 1 sample 'Biological sequence' 1 93  ?     ? ?                   ? ? ? ? ? ? 'synthetic construct' 32630 ? ? ? ? ? ? ? ? 
'Escherichia coli BL21' 511693 ? ? ? ? ? ? ? ? ? ? ? ? ? ? ? ? ? ? ? ? ? 
# 
loop_
_chem_comp.id 
_chem_comp.type 
_chem_comp.mon_nstd_flag 
_chem_comp.name 
_chem_comp.pdbx_synonyms 
_chem_comp.formula 
_chem_comp.formula_weight 
ALA 'L-peptide linking' y ALANINE         ? 'C3 H7 N O2'     89.093  
ARG 'L-peptide linking' y ARGININE        ? 'C6 H15 N4 O2 1' 175.209 
ASN 'L-peptide linking' y ASPARAGINE      ? 'C4 H8 N2 O3'    132.118 
ASP 'L-peptide linking' y 'ASPARTIC ACID' ? 'C4 H7 N O4'     133.103 
CYS 'L-peptide linking' y CYSTEINE        ? 'C3 H7 N O2 S'   121.158 
GLN 'L-peptide linking' y GLUTAMINE       ? 'C5 H10 N2 O3'   146.144 
GLU 'L-peptide linking' y 'GLUTAMIC ACID' ? 'C5 H9 N O4'     147.129 
GLY 'peptide linking'   y GLYCINE         ? 'C2 H5 N O2'     75.067  
HIS 'L-peptide linking' y HISTIDINE       ? 'C6 H10 N3 O2 1' 156.162 
HOH non-polymer         . WATER           ? 'H2 O'           18.015  
ILE 'L-peptide linking' y ISOLEUCINE      ? 'C6 H13 N O2'    131.173 
LEU 'L-peptide linking' y LEUCINE         ? 'C6 H13 N O2'    131.173 
LYS 'L-peptide linking' y LYSINE          ? 'C6 H15 N2 O2 1' 147.195 
MET 'L-peptide linking' y METHIONINE      ? 'C5 H11 N O2 S'  149.211 
PHE 'L-peptide linking' y PHENYLALANINE   ? 'C9 H11 N O2'    165.189 
PRO 'L-peptide linking' y PROLINE         ? 'C5 H9 N O2'     115.130 
SER 'L-peptide linking' y SERINE          ? 'C3 H7 N O3'     105.093 
THR 'L-peptide linking' y THREONINE       ? 'C4 H9 N O3'     119.119 
TRP 'L-peptide linking' y TRYPTOPHAN      ? 'C11 H12 N2 O2'  204.225 
TYR 'L-peptide linking' y TYROSINE        ? 'C9 H11 N O3'    181.189 
VAL 'L-peptide linking' y VALINE          ? 'C5 H11 N O2'    117.146 
# 
loop_
_pdbx_poly_seq_scheme.asym_id 
_pdbx_poly_seq_scheme.entity_id 
_pdbx_poly_seq_scheme.seq_id 
_pdbx_poly_seq_scheme.mon_id 
_pdbx_poly_seq_scheme.ndb_seq_num 
_pdbx_poly_seq_scheme.pdb_seq_num 
_pdbx_poly_seq_scheme.auth_seq_num 
_pdbx_poly_seq_scheme.pdb_mon_id 
_pdbx_poly_seq_scheme.auth_mon_id 
_pdbx_poly_seq_scheme.pdb_strand_id 
_pdbx_poly_seq_scheme.pdb_ins_code 
_pdbx_poly_seq_scheme.hetero 
A 1 1   GLY 1   1   ?   ?   ?   A . n 
A 1 2   SER 2   2   ?   ?   ?   A . n 
A 1 3   LEU 3   3   ?   ?   ?   A . n 
A 1 4   ASN 4   4   ?   ?   ?   A . n 
A 1 5   CYS 5   5   ?   ?   ?   A . n 
A 1 6   SER 6   6   ?   ?   ?   A . n 
A 1 7   ASP 7   7   ?   ?   ?   A . n 
A 1 8   PRO 8   8   ?   ?   ?   A . n 
A 1 9   THR 9   9   ?   ?   ?   A . n 
A 1 10  SER 10  10  10  SER SER A . n 
A 1 11  GLU 11  11  11  GLU GLU A . n 
A 1 12  ARG 12  12  12  ARG ARG A . n 
A 1 13  TRP 13  13  13  TRP TRP A . n 
A 1 14  TYR 14  14  14  TYR TYR A . n 
A 1 15  HIS 15  15  15  HIS HIS A . n 
A 1 16  GLY 16  16  16  GLY GLY A . n 
A 1 17  HIS 17  17  17  HIS HIS A . n 
A 1 18  MET 18  18  18  MET MET A . n 
A 1 19  SER 19  19  19  SER SER A . n 
A 1 20  GLY 20  20  20  GLY GLY A . n 
A 1 21  GLY 21  21  21  GLY GLY A . n 
A 1 22  GLN 22  22  22  GLN GLN A . n 
A 1 23  ALA 23  23  23  ALA ALA A . n 
A 1 24  GLU 24  24  24  GLU GLU A . n 
A 1 25  THR 25  25  25  THR THR A . n 
A 1 26  LEU 26  26  26  LEU LEU A . n 
A 1 27  LEU 27  27  27  LEU LEU A . n 
A 1 28  GLN 28  28  28  GLN GLN A . n 
A 1 29  ALA 29  29  29  ALA ALA A . n 
A 1 30  LYS 30  30  30  LYS LYS A . n 
A 1 31  GLY 31  31  31  GLY GLY A . n 
A 1 32  GLU 32  32  32  GLU GLU A . n 
A 1 33  PRO 33  33  33  PRO PRO A . n 
A 1 34  TRP 34  34  34  TRP TRP A . n 
A 1 35  THR 35  35  35  THR THR A . n 
A 1 36  PHE 36  36  36  PHE PHE A . n 
A 1 37  LEU 37  37  37  LEU LEU A . n 
A 1 38  VAL 38  38  38  VAL VAL A . n 
A 1 39  ARG 39  39  39  ARG ARG A . n 
A 1 40  GLU 40  40  40  GLU GLU A . n 
A 1 41  SER 41  41  41  SER SER A . n 
A 1 42  LEU 42  42  42  LEU LEU A . n 
A 1 43  SER 43  43  43  SER SER A . n 
A 1 44  GLN 44  44  44  GLN GLN A . n 
A 1 45  PRO 45  45  45  PRO PRO A . n 
A 1 46  GLY 46  46  46  GLY GLY A . n 
A 1 47  ASP 47  47  47  ASP ASP A . n 
A 1 48  PHE 48  48  48  PHE PHE A . n 
A 1 49  VAL 49  49  49  VAL VAL A . n 
A 1 50  LEU 50  50  50  LEU LEU A . n 
A 1 51  SER 51  51  51  SER SER A . n 
A 1 52  VAL 52  52  52  VAL VAL A . n 
A 1 53  LEU 53  53  53  LEU LEU A . n 
A 1 54  SER 54  54  54  SER SER A . n 
A 1 55  ASP 55  55  55  ASP ASP A . n 
A 1 56  GLN 56  56  56  GLN GLN A . n 
A 1 57  PRO 57  57  57  PRO PRO A . n 
A 1 58  LYS 58  58  58  LYS LYS A . n 
A 1 59  ALA 59  59  59  ALA ALA A . n 
A 1 60  GLY 60  60  60  GLY GLY A . n 
A 1 61  PRO 61  61  61  PRO PRO A . n 
A 1 62  GLY 62  62  62  GLY GLY A . n 
A 1 63  SER 63  63  63  SER SER A . n 
A 1 64  PRO 64  64  64  PRO PRO A . n 
A 1 65  LEU 65  65  65  LEU LEU A . n 
A 1 66  ARG 66  66  66  ARG ARG A . n 
A 1 67  VAL 67  67  67  VAL VAL A . n 
A 1 68  THR 68  68  68  THR THR A . n 
A 1 69  HIS 69  69  69  HIS HIS A . n 
A 1 70  ILE 70  70  70  ILE ILE A . n 
A 1 71  LYS 71  71  71  LYS LYS A . n 
A 1 72  VAL 72  72  72  VAL VAL A . n 
A 1 73  MET 73  73  73  MET MET A . n 
A 1 74  CYS 74  74  74  CYS CYS A . n 
A 1 75  GLU 75  75  75  GLU GLU A . n 
A 1 76  GLY 76  76  76  GLY GLY A . n 
A 1 77  GLY 77  77  77  GLY GLY A . n 
A 1 78  ARG 78  78  78  ARG ARG A . n 
A 1 79  TYR 79  79  79  TYR TYR A . n 
A 1 80  THR 80  80  80  THR THR A . n 
A 1 81  VAL 81  81  81  VAL VAL A . n 
A 1 82  GLY 82  82  ?   ?   ?   A . n 
A 1 83  GLY 83  83  ?   ?   ?   A . n 
A 1 84  LEU 84  84  84  LEU LEU A . n 
A 1 85  GLU 85  85  85  GLU GLU A . n 
A 1 86  THR 86  86  86  THR THR A . n 
A 1 87  PHE 87  87  87  PHE PHE A . n 
A 1 88  ASP 88  88  88  ASP ASP A . n 
A 1 89  SER 89  89  89  SER SER A . n 
A 1 90  LEU 90  90  90  LEU LEU A . n 
A 1 91  THR 91  91  91  THR THR A . n 
A 1 92  ASP 92  92  92  ASP ASP A . n 
A 1 93  LEU 93  93  93  LEU LEU A . n 
A 1 94  VAL 94  94  94  VAL VAL A . n 
A 1 95  GLU 95  95  95  GLU GLU A . n 
A 1 96  HIS 96  96  96  HIS HIS A . n 
A 1 97  PHE 97  97  97  PHE PHE A . n 
A 1 98  LYS 98  98  98  LYS LYS A . n 
A 1 99  LYS 99  99  99  LYS LYS A . n 
A 1 100 THR 100 100 100 THR THR A . n 
A 1 101 GLY 101 101 101 GLY GLY A . n 
A 1 102 ILE 102 102 102 ILE ILE A . n 
A 1 103 GLU 103 103 103 GLU GLU A . n 
A 1 104 GLU 104 104 104 GLU GLU A . n 
A 1 105 ALA 105 105 105 ALA ALA A . n 
A 1 106 SER 106 106 106 SER SER A . n 
A 1 107 GLY 107 107 107 GLY GLY A . n 
A 1 108 ALA 108 108 108 ALA ALA A . n 
A 1 109 PHE 109 109 109 PHE PHE A . n 
A 1 110 VAL 110 110 110 VAL VAL A . n 
A 1 111 TYR 111 111 111 TYR TYR A . n 
A 1 112 LEU 112 112 112 LEU LEU A . n 
A 1 113 ARG 113 113 113 ARG ARG A . n 
A 1 114 GLN 114 114 114 GLN GLN A . n 
A 1 115 PRO 115 115 115 PRO PRO A . n 
A 1 116 TYR 116 116 116 TYR TYR A . n 
A 1 117 TYR 117 117 117 TYR TYR A . n 
A 1 118 LYS 118 118 ?   ?   ?   A . n 
A 1 119 GLU 119 119 ?   ?   ?   A . n 
A 1 120 LYS 120 120 ?   ?   ?   A . n 
B 2 1   GLY 1   1   ?   ?   ?   B . n 
B 2 2   SER 2   2   ?   ?   ?   B . n 
B 2 3   VAL 3   3   3   VAL VAL B . n 
B 2 4   SER 4   4   4   SER SER B . n 
B 2 5   SER 5   5   5   SER SER B . n 
B 2 6   VAL 6   6   6   VAL VAL B . n 
B 2 7   PRO 7   7   7   PRO PRO B . n 
B 2 8   THR 8   8   8   THR THR B . n 
B 2 9   LYS 9   9   9   LYS LYS B . n 
B 2 10  LEU 10  10  10  LEU LEU B . n 
B 2 11  GLU 11  11  11  GLU GLU B . n 
B 2 12  VAL 12  12  12  VAL VAL B . n 
B 2 13  VAL 13  13  13  VAL VAL B . n 
B 2 14  ALA 14  14  14  ALA ALA B . n 
B 2 15  ALA 15  15  15  ALA ALA B . n 
B 2 16  THR 16  16  16  THR THR B . n 
B 2 17  PRO 17  17  17  PRO PRO B . n 
B 2 18  THR 18  18  18  THR THR B . n 
B 2 19  SER 19  19  19  SER SER B . n 
B 2 20  LEU 20  20  20  LEU LEU B . n 
B 2 21  LEU 21  21  21  LEU LEU B . n 
B 2 22  ILE 22  22  22  ILE ILE B . n 
B 2 23  SER 23  23  23  SER SER B . n 
B 2 24  TRP 24  24  24  TRP TRP B . n 
B 2 25  ASP 25  25  25  ASP ASP B . n 
B 2 26  ALA 26  26  26  ALA ALA B . n 
B 2 27  PRO 27  27  27  PRO PRO B . n 
B 2 28  ALA 28  28  28  ALA ALA B . n 
B 2 29  VAL 29  29  29  VAL VAL B . n 
B 2 30  THR 30  30  30  THR THR B . n 
B 2 31  VAL 31  31  31  VAL VAL B . n 
B 2 32  ASP 32  32  32  ASP ASP B . n 
B 2 33  TYR 33  33  33  TYR TYR B . n 
B 2 34  TYR 34  34  34  TYR TYR B . n 
B 2 35  VAL 35  35  35  VAL VAL B . n 
B 2 36  ILE 36  36  36  ILE ILE B . n 
B 2 37  THR 37  37  37  THR THR B . n 
B 2 38  TYR 38  38  38  TYR TYR B . n 
B 2 39  GLY 39  39  39  GLY GLY B . n 
B 2 40  GLU 40  40  40  GLU GLU B . n 
B 2 41  THR 41  41  41  THR THR B . n 
B 2 42  GLY 42  42  42  GLY GLY B . n 
B 2 43  TYR 43  43  43  TYR TYR B . n 
B 2 44  PRO 44  44  44  PRO PRO B . n 
B 2 45  GLY 45  45  45  GLY GLY B . n 
B 2 46  TYR 46  46  46  TYR TYR B . n 
B 2 47  GLN 47  47  47  GLN GLN B . n 
B 2 48  GLU 48  48  48  GLU GLU B . n 
B 2 49  PHE 49  49  49  PHE PHE B . n 
B 2 50  GLU 50  50  50  GLU GLU B . n 
B 2 51  VAL 51  51  51  VAL VAL B . n 
B 2 52  PRO 52  52  52  PRO PRO B . n 
B 2 53  GLY 53  53  53  GLY GLY B . n 
B 2 54  SER 54  54  54  SER SER B . n 
B 2 55  LYS 55  55  55  LYS LYS B . n 
B 2 56  SER 56  56  56  SER SER B . n 
B 2 57  THR 57  57  57  THR THR B . n 
B 2 58  ALA 58  58  58  ALA ALA B . n 
B 2 59  THR 59  59  59  THR THR B . n 
B 2 60  ILE 60  60  60  ILE ILE B . n 
B 2 61  SER 61  61  61  SER SER B . n 
B 2 62  GLY 62  62  62  GLY GLY B . n 
B 2 63  LEU 63  63  63  LEU LEU B . n 
B 2 64  LYS 64  64  64  LYS LYS B . n 
B 2 65  PRO 65  65  65  PRO PRO B . n 
B 2 66  GLY 66  66  66  GLY GLY B . n 
B 2 67  VAL 67  67  67  VAL VAL B . n 
B 2 68  ASP 68  68  68  ASP ASP B . n 
B 2 69  TYR 69  69  69  TYR TYR B . n 
B 2 70  THR 70  70  70  THR THR B . n 
B 2 71  ILE 71  71  71  ILE ILE B . n 
B 2 72  THR 72  72  72  THR THR B . n 
B 2 73  VAL 73  73  73  VAL VAL B . n 
B 2 74  TYR 74  74  74  TYR TYR B . n 
B 2 75  ALA 75  75  75  ALA ALA B . n 
B 2 76  GLY 76  76  76  GLY GLY B . n 
B 2 77  PHE 77  77  77  PHE PHE B . n 
B 2 78  THR 78  78  78  THR THR B . n 
B 2 79  ASP 79  79  79  ASP ASP B . n 
B 2 80  GLN 80  80  80  GLN GLN B . n 
B 2 81  TYR 81  81  81  TYR TYR B . n 
B 2 82  TYR 82  82  82  TYR TYR B . n 
B 2 83  TYR 83  83  83  TYR TYR B . n 
B 2 84  GLY 84  84  84  GLY GLY B . n 
B 2 85  SER 85  85  85  SER SER B . n 
B 2 86  PRO 86  86  86  PRO PRO B . n 
B 2 87  ILE 87  87  87  ILE ILE B . n 
B 2 88  SER 88  88  88  SER SER B . n 
B 2 89  ILE 89  89  89  ILE ILE B . n 
B 2 90  ASN 90  90  90  ASN ASN B . n 
B 2 91  TYR 91  91  91  TYR TYR B . n 
B 2 92  ARG 92  92  92  ARG ARG B . n 
B 2 93  THR 93  93  93  THR THR B . n 
# 
loop_
_pdbx_nonpoly_scheme.asym_id 
_pdbx_nonpoly_scheme.entity_id 
_pdbx_nonpoly_scheme.mon_id 
_pdbx_nonpoly_scheme.ndb_seq_num 
_pdbx_nonpoly_scheme.pdb_seq_num 
_pdbx_nonpoly_scheme.auth_seq_num 
_pdbx_nonpoly_scheme.pdb_mon_id 
_pdbx_nonpoly_scheme.auth_mon_id 
_pdbx_nonpoly_scheme.pdb_strand_id 
_pdbx_nonpoly_scheme.pdb_ins_code 
C 3 HOH 1  201 17 HOH HOH A . 
C 3 HOH 2  202 1  HOH HOH A . 
C 3 HOH 3  203 11 HOH HOH A . 
C 3 HOH 4  204 8  HOH HOH A . 
C 3 HOH 5  205 16 HOH HOH A . 
C 3 HOH 6  206 9  HOH HOH A . 
C 3 HOH 7  207 29 HOH HOH A . 
D 3 HOH 1  101 12 HOH HOH B . 
D 3 HOH 2  102 6  HOH HOH B . 
D 3 HOH 3  103 27 HOH HOH B . 
D 3 HOH 4  104 5  HOH HOH B . 
D 3 HOH 5  105 19 HOH HOH B . 
D 3 HOH 6  106 3  HOH HOH B . 
D 3 HOH 7  107 10 HOH HOH B . 
D 3 HOH 8  108 7  HOH HOH B . 
D 3 HOH 9  109 18 HOH HOH B . 
D 3 HOH 10 110 13 HOH HOH B . 
D 3 HOH 11 111 26 HOH HOH B . 
D 3 HOH 12 112 4  HOH HOH B . 
D 3 HOH 13 113 22 HOH HOH B . 
D 3 HOH 14 114 30 HOH HOH B . 
# 
loop_
_software.citation_id 
_software.classification 
_software.compiler_name 
_software.compiler_version 
_software.contact_author 
_software.contact_author_email 
_software.date 
_software.description 
_software.dependencies 
_software.hardware 
_software.language 
_software.location 
_software.mods 
_software.name 
_software.os 
_software.os_version 
_software.type 
_software.version 
_software.pdbx_ordinal 
? refinement       ? ? ? ? ? ? ? ? ? ? ? PHENIX ? ? ? 1.11.1_2575 1 
? refinement       ? ? ? ? ? ? ? ? ? ? ? PHENIX ? ? ? 1.11.1_2575 2 
? 'data reduction' ? ? ? ? ? ? ? ? ? ? ? XDS    ? ? ? .           3 
? 'data scaling'   ? ? ? ? ? ? ? ? ? ? ? XSCALE ? ? ? .           4 
? phasing          ? ? ? ? ? ? ? ? ? ? ? PHASER ? ? ? .           5 
# 
_cell.angle_alpha                  90.000 
_cell.angle_alpha_esd              ? 
_cell.angle_beta                   90.000 
_cell.angle_beta_esd               ? 
_cell.angle_gamma                  90.000 
_cell.angle_gamma_esd              ? 
_cell.entry_id                     6SM5 
_cell.details                      ? 
_cell.formula_units_Z              ? 
_cell.length_a                     48.898 
_cell.length_a_esd                 ? 
_cell.length_b                     63.820 
_cell.length_b_esd                 ? 
_cell.length_c                     73.101 
_cell.length_c_esd                 ? 
_cell.volume                       228124.124 
_cell.volume_esd                   ? 
_cell.Z_PDB                        4 
_cell.reciprocal_angle_alpha       ? 
_cell.reciprocal_angle_beta        ? 
_cell.reciprocal_angle_gamma       ? 
_cell.reciprocal_angle_alpha_esd   ? 
_cell.reciprocal_angle_beta_esd    ? 
_cell.reciprocal_angle_gamma_esd   ? 
_cell.reciprocal_length_a          ? 
_cell.reciprocal_length_b          ? 
_cell.reciprocal_length_c          ? 
_cell.reciprocal_length_a_esd      ? 
_cell.reciprocal_length_b_esd      ? 
_cell.reciprocal_length_c_esd      ? 
_cell.pdbx_unique_axis             ? 
# 
_symmetry.entry_id                         6SM5 
_symmetry.cell_setting                     ? 
_symmetry.Int_Tables_number                19 
_symmetry.space_group_name_Hall            'P 2ac 2ab' 
_symmetry.space_group_name_H-M             'P 21 21 21' 
_symmetry.pdbx_full_space_group_name_H-M   ? 
# 
_exptl.absorpt_coefficient_mu     ? 
_exptl.absorpt_correction_T_max   ? 
_exptl.absorpt_correction_T_min   ? 
_exptl.absorpt_correction_type    ? 
_exptl.absorpt_process_details    ? 
_exptl.entry_id                   6SM5 
_exptl.crystals_number            1 
_exptl.details                    ? 
_exptl.method                     'X-RAY DIFFRACTION' 
_exptl.method_details             ? 
# 
_exptl_crystal.colour                      ? 
_exptl_crystal.density_diffrn              ? 
_exptl_crystal.density_Matthews            2.62 
_exptl_crystal.density_method              ? 
_exptl_crystal.density_percent_sol         53.10 
_exptl_crystal.description                 ? 
_exptl_crystal.F_000                       ? 
_exptl_crystal.id                          1 
_exptl_crystal.preparation                 ? 
_exptl_crystal.size_max                    ? 
_exptl_crystal.size_mid                    ? 
_exptl_crystal.size_min                    ? 
_exptl_crystal.size_rad                    ? 
_exptl_crystal.colour_lustre               ? 
_exptl_crystal.colour_modifier             ? 
_exptl_crystal.colour_primary              ? 
_exptl_crystal.density_meas                ? 
_exptl_crystal.density_meas_esd            ? 
_exptl_crystal.density_meas_gt             ? 
_exptl_crystal.density_meas_lt             ? 
_exptl_crystal.density_meas_temp           ? 
_exptl_crystal.density_meas_temp_esd       ? 
_exptl_crystal.density_meas_temp_gt        ? 
_exptl_crystal.density_meas_temp_lt        ? 
_exptl_crystal.pdbx_crystal_image_url      ? 
_exptl_crystal.pdbx_crystal_image_format   ? 
_exptl_crystal.pdbx_mosaicity              ? 
_exptl_crystal.pdbx_mosaicity_esd          ? 
# 
_exptl_crystal_grow.apparatus       ? 
_exptl_crystal_grow.atmosphere      ? 
_exptl_crystal_grow.crystal_id      1 
_exptl_crystal_grow.details         ? 
_exptl_crystal_grow.method          'VAPOR DIFFUSION, SITTING DROP' 
_exptl_crystal_grow.method_ref      ? 
_exptl_crystal_grow.pH              ? 
_exptl_crystal_grow.pressure        ? 
_exptl_crystal_grow.pressure_esd    ? 
_exptl_crystal_grow.seeding         ? 
_exptl_crystal_grow.seeding_ref     ? 
_exptl_crystal_grow.temp            291 
_exptl_crystal_grow.temp_details    ? 
_exptl_crystal_grow.temp_esd        ? 
_exptl_crystal_grow.time            ? 
_exptl_crystal_grow.pdbx_details    '0.2 M sodium citrate tribasic, 0.1 M bistros propane 8.4 and 20 % PEG 3350' 
_exptl_crystal_grow.pdbx_pH_range   ? 
# 
_diffrn.ambient_environment              ? 
_diffrn.ambient_temp                     100 
_diffrn.ambient_temp_details             ? 
_diffrn.ambient_temp_esd                 ? 
_diffrn.crystal_id                       1 
_diffrn.crystal_support                  ? 
_diffrn.crystal_treatment                ? 
_diffrn.details                          ? 
_diffrn.id                               1 
_diffrn.ambient_pressure                 ? 
_diffrn.ambient_pressure_esd             ? 
_diffrn.ambient_pressure_gt              ? 
_diffrn.ambient_pressure_lt              ? 
_diffrn.ambient_temp_gt                  ? 
_diffrn.ambient_temp_lt                  ? 
_diffrn.pdbx_serial_crystal_experiment   N 
# 
_diffrn_detector.details                      ? 
_diffrn_detector.detector                     PIXEL 
_diffrn_detector.diffrn_id                    1 
_diffrn_detector.type                         'DECTRIS PILATUS 2M-F' 
_diffrn_detector.area_resol_mean              ? 
_diffrn_detector.dtime                        ? 
_diffrn_detector.pdbx_frames_total            ? 
_diffrn_detector.pdbx_collection_time_total   ? 
_diffrn_detector.pdbx_collection_date         2017-04-10 
_diffrn_detector.pdbx_frequency               ? 
# 
_diffrn_radiation.collimation                      ? 
_diffrn_radiation.diffrn_id                        1 
_diffrn_radiation.filter_edge                      ? 
_diffrn_radiation.inhomogeneity                    ? 
_diffrn_radiation.monochromator                    ? 
_diffrn_radiation.polarisn_norm                    ? 
_diffrn_radiation.polarisn_ratio                   ? 
_diffrn_radiation.probe                            ? 
_diffrn_radiation.type                             ? 
_diffrn_radiation.xray_symbol                      ? 
_diffrn_radiation.wavelength_id                    1 
_diffrn_radiation.pdbx_monochromatic_or_laue_m_l   M 
_diffrn_radiation.pdbx_wavelength_list             ? 
_diffrn_radiation.pdbx_wavelength                  ? 
_diffrn_radiation.pdbx_diffrn_protocol             'SINGLE WAVELENGTH' 
_diffrn_radiation.pdbx_analyzer                    ? 
_diffrn_radiation.pdbx_scattering_type             x-ray 
# 
_diffrn_radiation_wavelength.id           1 
_diffrn_radiation_wavelength.wavelength   1.00 
_diffrn_radiation_wavelength.wt           1.0 
# 
_diffrn_source.current                     ? 
_diffrn_source.details                     ? 
_diffrn_source.diffrn_id                   1 
_diffrn_source.power                       ? 
_diffrn_source.size                        ? 
_diffrn_source.source                      SYNCHROTRON 
_diffrn_source.target                      ? 
_diffrn_source.type                        'SLS BEAMLINE X06DA' 
_diffrn_source.voltage                     ? 
_diffrn_source.take-off_angle              ? 
_diffrn_source.pdbx_wavelength_list        1.00 
_diffrn_source.pdbx_wavelength             ? 
_diffrn_source.pdbx_synchrotron_beamline   X06DA 
_diffrn_source.pdbx_synchrotron_site       SLS 
# 
_reflns.B_iso_Wilson_estimate            39.5181160384 
_reflns.entry_id                         6SM5 
_reflns.data_reduction_details           ? 
_reflns.data_reduction_method            ? 
_reflns.d_resolution_high                2.75 
_reflns.d_resolution_low                 48.1 
_reflns.details                          ? 
_reflns.limit_h_max                      ? 
_reflns.limit_h_min                      ? 
_reflns.limit_k_max                      ? 
_reflns.limit_k_min                      ? 
_reflns.limit_l_max                      ? 
_reflns.limit_l_min                      ? 
_reflns.number_all                       ? 
_reflns.number_obs                       10640 
_reflns.observed_criterion               ? 
_reflns.observed_criterion_F_max         ? 
_reflns.observed_criterion_F_min         ? 
_reflns.observed_criterion_I_max         ? 
_reflns.observed_criterion_I_min         ? 
_reflns.observed_criterion_sigma_F       ? 
_reflns.observed_criterion_sigma_I       ? 
_reflns.percent_possible_obs             92 
_reflns.R_free_details                   ? 
_reflns.Rmerge_F_all                     ? 
_reflns.Rmerge_F_obs                     ? 
_reflns.Friedel_coverage                 ? 
_reflns.number_gt                        ? 
_reflns.threshold_expression             ? 
_reflns.pdbx_redundancy                  2.11 
_reflns.pdbx_Rmerge_I_obs                ? 
_reflns.pdbx_Rmerge_I_all                ? 
_reflns.pdbx_Rsym_value                  ? 
_reflns.pdbx_netI_over_av_sigmaI         ? 
_reflns.pdbx_netI_over_sigmaI            7.09 
_reflns.pdbx_res_netI_over_av_sigmaI_2   ? 
_reflns.pdbx_res_netI_over_sigmaI_2      ? 
_reflns.pdbx_chi_squared                 ? 
_reflns.pdbx_scaling_rejects             ? 
_reflns.pdbx_d_res_high_opt              ? 
_reflns.pdbx_d_res_low_opt               ? 
_reflns.pdbx_d_res_opt_method            ? 
_reflns.phase_calculation_details        ? 
_reflns.pdbx_Rrim_I_all                  0.14 
_reflns.pdbx_Rpim_I_all                  ? 
_reflns.pdbx_d_opt                       ? 
_reflns.pdbx_number_measured_all         ? 
_reflns.pdbx_diffrn_id                   1 
_reflns.pdbx_ordinal                     1 
_reflns.pdbx_CC_half                     0.998 
_reflns.pdbx_R_split                     ? 
# 
_reflns_shell.d_res_high                  2.75 
_reflns_shell.d_res_low                   2.90 
_reflns_shell.meanI_over_sigI_all         ? 
_reflns_shell.meanI_over_sigI_obs         1.73 
_reflns_shell.number_measured_all         ? 
_reflns_shell.number_measured_obs         ? 
_reflns_shell.number_possible             ? 
_reflns_shell.number_unique_all           ? 
_reflns_shell.number_unique_obs           1726 
_reflns_shell.percent_possible_all        ? 
_reflns_shell.percent_possible_obs        ? 
_reflns_shell.Rmerge_F_all                ? 
_reflns_shell.Rmerge_F_obs                ? 
_reflns_shell.Rmerge_I_all                ? 
_reflns_shell.Rmerge_I_obs                ? 
_reflns_shell.meanI_over_sigI_gt          ? 
_reflns_shell.meanI_over_uI_all           ? 
_reflns_shell.meanI_over_uI_gt            ? 
_reflns_shell.number_measured_gt          ? 
_reflns_shell.number_unique_gt            ? 
_reflns_shell.percent_possible_gt         ? 
_reflns_shell.Rmerge_F_gt                 ? 
_reflns_shell.Rmerge_I_gt                 ? 
_reflns_shell.pdbx_redundancy             ? 
_reflns_shell.pdbx_Rsym_value             ? 
_reflns_shell.pdbx_chi_squared            ? 
_reflns_shell.pdbx_netI_over_sigmaI_all   ? 
_reflns_shell.pdbx_netI_over_sigmaI_obs   ? 
_reflns_shell.pdbx_Rrim_I_all             0.65 
_reflns_shell.pdbx_Rpim_I_all             ? 
_reflns_shell.pdbx_rejects                ? 
_reflns_shell.pdbx_ordinal                1 
_reflns_shell.pdbx_diffrn_id              1 
_reflns_shell.pdbx_CC_half                0.688 
_reflns_shell.pdbx_R_split                ? 
# 
_refine.aniso_B[1][1]                            ? 
_refine.aniso_B[1][2]                            ? 
_refine.aniso_B[1][3]                            ? 
_refine.aniso_B[2][2]                            ? 
_refine.aniso_B[2][3]                            ? 
_refine.aniso_B[3][3]                            ? 
_refine.B_iso_max                                ? 
_refine.B_iso_mean                               32.9141762171 
_refine.B_iso_min                                ? 
_refine.correlation_coeff_Fo_to_Fc               ? 
_refine.correlation_coeff_Fo_to_Fc_free          ? 
_refine.details                                  ? 
_refine.diff_density_max                         ? 
_refine.diff_density_max_esd                     ? 
_refine.diff_density_min                         ? 
_refine.diff_density_min_esd                     ? 
_refine.diff_density_rms                         ? 
_refine.diff_density_rms_esd                     ? 
_refine.entry_id                                 6SM5 
_refine.pdbx_refine_id                           'X-RAY DIFFRACTION' 
_refine.ls_abs_structure_details                 ? 
_refine.ls_abs_structure_Flack                   ? 
_refine.ls_abs_structure_Flack_esd               ? 
_refine.ls_abs_structure_Rogers                  ? 
_refine.ls_abs_structure_Rogers_esd              ? 
_refine.ls_d_res_high                            2.75 
_refine.ls_d_res_low                             48.1 
_refine.ls_extinction_coef                       ? 
_refine.ls_extinction_coef_esd                   ? 
_refine.ls_extinction_expression                 ? 
_refine.ls_extinction_method                     ? 
_refine.ls_goodness_of_fit_all                   ? 
_refine.ls_goodness_of_fit_all_esd               ? 
_refine.ls_goodness_of_fit_obs                   ? 
_refine.ls_goodness_of_fit_obs_esd               ? 
_refine.ls_hydrogen_treatment                    ? 
_refine.ls_matrix_type                           ? 
_refine.ls_number_constraints                    ? 
_refine.ls_number_parameters                     ? 
_refine.ls_number_reflns_all                     ? 
_refine.ls_number_reflns_obs                     10610 
_refine.ls_number_reflns_R_free                  1064 
_refine.ls_number_reflns_R_work                  ? 
_refine.ls_number_restraints                     ? 
_refine.ls_percent_reflns_obs                    92.3090307987 
_refine.ls_percent_reflns_R_free                 10.0282752121 
_refine.ls_R_factor_all                          ? 
_refine.ls_R_factor_obs                          0.224949000386 
_refine.ls_R_factor_R_free                       0.276452644706 
_refine.ls_R_factor_R_free_error                 ? 
_refine.ls_R_factor_R_free_error_details         ? 
_refine.ls_R_factor_R_work                       0.219127249237 
_refine.ls_R_Fsqd_factor_obs                     ? 
_refine.ls_R_I_factor_obs                        ? 
_refine.ls_redundancy_reflns_all                 ? 
_refine.ls_redundancy_reflns_obs                 ? 
_refine.ls_restrained_S_all                      ? 
_refine.ls_restrained_S_obs                      ? 
_refine.ls_shift_over_esd_max                    ? 
_refine.ls_shift_over_esd_mean                   ? 
_refine.ls_structure_factor_coef                 ? 
_refine.ls_weighting_details                     ? 
_refine.ls_weighting_scheme                      ? 
_refine.ls_wR_factor_all                         ? 
_refine.ls_wR_factor_obs                         ? 
_refine.ls_wR_factor_R_free                      ? 
_refine.ls_wR_factor_R_work                      ? 
_refine.occupancy_max                            ? 
_refine.occupancy_min                            ? 
_refine.solvent_model_details                    ? 
_refine.solvent_model_param_bsol                 ? 
_refine.solvent_model_param_ksol                 ? 
_refine.ls_R_factor_gt                           ? 
_refine.ls_goodness_of_fit_gt                    ? 
_refine.ls_goodness_of_fit_ref                   ? 
_refine.ls_shift_over_su_max                     ? 
_refine.ls_shift_over_su_max_lt                  ? 
_refine.ls_shift_over_su_mean                    ? 
_refine.ls_shift_over_su_mean_lt                 ? 
_refine.pdbx_ls_sigma_I                          ? 
_refine.pdbx_ls_sigma_F                          1.34188609808 
_refine.pdbx_ls_sigma_Fsqd                       ? 
_refine.pdbx_data_cutoff_high_absF               ? 
_refine.pdbx_data_cutoff_high_rms_absF           ? 
_refine.pdbx_data_cutoff_low_absF                ? 
_refine.pdbx_isotropic_thermal_model             ? 
_refine.pdbx_ls_cross_valid_method               'FREE R-VALUE' 
_refine.pdbx_method_to_determine_struct          'MOLECULAR REPLACEMENT' 
_refine.pdbx_starting_model                      4jeg 
_refine.pdbx_stereochemistry_target_values       ? 
_refine.pdbx_R_Free_selection_details            ? 
_refine.pdbx_stereochem_target_val_spec_case     ? 
_refine.pdbx_overall_ESU_R                       ? 
_refine.pdbx_overall_ESU_R_Free                  ? 
_refine.pdbx_solvent_vdw_probe_radii             1.11 
_refine.pdbx_solvent_ion_probe_radii             ? 
_refine.pdbx_solvent_shrinkage_radii             0.9 
_refine.pdbx_real_space_R                        ? 
_refine.pdbx_density_correlation                 ? 
_refine.pdbx_pd_number_of_powder_patterns        ? 
_refine.pdbx_pd_number_of_points                 ? 
_refine.pdbx_pd_meas_number_of_points            ? 
_refine.pdbx_pd_proc_ls_prof_R_factor            ? 
_refine.pdbx_pd_proc_ls_prof_wR_factor           ? 
_refine.pdbx_pd_Marquardt_correlation_coeff      ? 
_refine.pdbx_pd_Fsqrd_R_factor                   ? 
_refine.pdbx_pd_ls_matrix_band_width             ? 
_refine.pdbx_overall_phase_error                 27.7366742674 
_refine.pdbx_overall_SU_R_free_Cruickshank_DPI   ? 
_refine.pdbx_overall_SU_R_free_Blow_DPI          ? 
_refine.pdbx_overall_SU_R_Blow_DPI               ? 
_refine.pdbx_TLS_residual_ADP_flag               ? 
_refine.pdbx_diffrn_id                           1 
_refine.overall_SU_B                             ? 
_refine.overall_SU_ML                            0.46847011608 
_refine.overall_SU_R_Cruickshank_DPI             ? 
_refine.overall_SU_R_free                        ? 
_refine.overall_FOM_free_R_set                   ? 
_refine.overall_FOM_work_R_set                   ? 
_refine.pdbx_average_fsc_overall                 ? 
_refine.pdbx_average_fsc_work                    ? 
_refine.pdbx_average_fsc_free                    ? 
# 
_refine_hist.pdbx_refine_id                   'X-RAY DIFFRACTION' 
_refine_hist.cycle_id                         LAST 
_refine_hist.details                          ? 
_refine_hist.d_res_high                       2.75 
_refine_hist.d_res_low                        48.1 
_refine_hist.number_atoms_solvent             21 
_refine_hist.number_atoms_total               1557 
_refine_hist.number_reflns_all                ? 
_refine_hist.number_reflns_obs                ? 
_refine_hist.number_reflns_R_free             ? 
_refine_hist.number_reflns_R_work             ? 
_refine_hist.R_factor_all                     ? 
_refine_hist.R_factor_obs                     ? 
_refine_hist.R_factor_R_free                  ? 
_refine_hist.R_factor_R_work                  ? 
_refine_hist.pdbx_number_residues_total       ? 
_refine_hist.pdbx_B_iso_mean_ligand           ? 
_refine_hist.pdbx_B_iso_mean_solvent          ? 
_refine_hist.pdbx_number_atoms_protein        1536 
_refine_hist.pdbx_number_atoms_nucleic_acid   0 
_refine_hist.pdbx_number_atoms_ligand         0 
_refine_hist.pdbx_number_atoms_lipid          ? 
_refine_hist.pdbx_number_atoms_carb           ? 
_refine_hist.pdbx_pseudo_atom_details         ? 
# 
loop_
_refine_ls_restr.pdbx_refine_id 
_refine_ls_restr.criterion 
_refine_ls_restr.dev_ideal 
_refine_ls_restr.dev_ideal_target 
_refine_ls_restr.number 
_refine_ls_restr.rejects 
_refine_ls_restr.type 
_refine_ls_restr.weight 
_refine_ls_restr.pdbx_restraint_function 
'X-RAY DIFFRACTION' ? 0.00316071224976 ? 1579 ? f_bond_d           ? ? 
'X-RAY DIFFRACTION' ? 0.61802229624    ? 2154 ? f_angle_d          ? ? 
'X-RAY DIFFRACTION' ? 0.0444694247405  ? 238  ? f_chiral_restr     ? ? 
'X-RAY DIFFRACTION' ? 0.0055401821697  ? 272  ? f_plane_restr      ? ? 
'X-RAY DIFFRACTION' ? 3.18146150515    ? 913  ? f_dihedral_angle_d ? ? 
# 
loop_
_refine_ls_shell.pdbx_refine_id 
_refine_ls_shell.d_res_high 
_refine_ls_shell.d_res_low 
_refine_ls_shell.number_reflns_all 
_refine_ls_shell.number_reflns_obs 
_refine_ls_shell.number_reflns_R_free 
_refine_ls_shell.number_reflns_R_work 
_refine_ls_shell.percent_reflns_obs 
_refine_ls_shell.percent_reflns_R_free 
_refine_ls_shell.R_factor_all 
_refine_ls_shell.R_factor_obs 
_refine_ls_shell.R_factor_R_free 
_refine_ls_shell.R_factor_R_free_error 
_refine_ls_shell.R_factor_R_work 
_refine_ls_shell.redundancy_reflns_all 
_refine_ls_shell.redundancy_reflns_obs 
_refine_ls_shell.wR_factor_all 
_refine_ls_shell.wR_factor_obs 
_refine_ls_shell.wR_factor_R_free 
_refine_ls_shell.wR_factor_R_work 
_refine_ls_shell.pdbx_total_number_of_bins_used 
_refine_ls_shell.pdbx_phase_error 
_refine_ls_shell.pdbx_fsc_work 
_refine_ls_shell.pdbx_fsc_free 
'X-RAY DIFFRACTION' 2.75   2.8754 . . 133 1218 93.4301521438 . . . 0.424749094524 . 0.312815936757 . . . . . . . . . . 
'X-RAY DIFFRACTION' 2.8754 3.0269 . . 139 1224 94.2600276625 . . . 0.341903404353 . 0.266607118531 . . . . . . . . . . 
'X-RAY DIFFRACTION' 3.0269 3.2165 . . 131 1206 93.3659217877 . . . 0.343809663542 . 0.248501574439 . . . . . . . . . . 
'X-RAY DIFFRACTION' 3.2165 3.4648 . . 132 1182 91.504178273  . . . 0.304500809809 . 0.237881437146 . . . . . . . . . . 
'X-RAY DIFFRACTION' 3.4648 3.8134 . . 125 1132 87.9020979021 . . . 0.262684286714 . 0.205474671321 . . . . . . . . . . 
'X-RAY DIFFRACTION' 3.8134 4.3649 . . 135 1218 94.5492662474 . . . 0.24383195841  . 0.181451272633 . . . . . . . . . . 
'X-RAY DIFFRACTION' 4.3649 5.498  . . 135 1205 92.9264909847 . . . 0.195584376823 . 0.179880835105 . . . . . . . . . . 
'X-RAY DIFFRACTION' 5.498  48.1   . . 134 1161 90.4961565339 . . . 0.29712660483  . 0.234138586506 . . . . . . . . . . 
# 
_struct.entry_id                     6SM5 
_struct.title                        'MbC/SHP1-C-SH2 complex' 
_struct.pdbx_model_details           ? 
_struct.pdbx_formula_weight          ? 
_struct.pdbx_formula_weight_method   ? 
_struct.pdbx_model_type_details      ? 
_struct.pdbx_CASP_flag               N 
# 
_struct_keywords.entry_id        6SM5 
_struct_keywords.text            'Complex, inhibitor, phosphatase, monobody, BIOSYNTHETIC PROTEIN' 
_struct_keywords.pdbx_keywords   'BIOSYNTHETIC PROTEIN' 
# 
loop_
_struct_asym.id 
_struct_asym.pdbx_blank_PDB_chainid_flag 
_struct_asym.pdbx_modified 
_struct_asym.entity_id 
_struct_asym.details 
A N N 1 ? 
B N N 2 ? 
C N N 3 ? 
D N N 3 ? 
# 
loop_
_struct_ref.id 
_struct_ref.db_name 
_struct_ref.db_code 
_struct_ref.pdbx_db_accession 
_struct_ref.pdbx_db_isoform 
_struct_ref.entity_id 
_struct_ref.pdbx_seq_one_letter_code 
_struct_ref.pdbx_align_begin 
1 UNP PTN6_HUMAN P29350 P29350-4 1 
;LNCSDPTSERWYHGHMSGGQAETLLQAKGEPWTFLVRESLSQPGDFVLSVLSDQPKAGPGSPLRVTHIKVMCEGGRYTVG
GLETFDSLTDLVEHFKKTGIEEASGAFVYLRQPYY
;
100 
2 PDB 6SM5       6SM5   ?        2 ? 1   
# 
loop_
_struct_ref_seq.align_id 
_struct_ref_seq.ref_id 
_struct_ref_seq.pdbx_PDB_id_code 
_struct_ref_seq.pdbx_strand_id 
_struct_ref_seq.seq_align_beg 
_struct_ref_seq.pdbx_seq_align_beg_ins_code 
_struct_ref_seq.seq_align_end 
_struct_ref_seq.pdbx_seq_align_end_ins_code 
_struct_ref_seq.pdbx_db_accession 
_struct_ref_seq.db_align_beg 
_struct_ref_seq.pdbx_db_align_beg_ins_code 
_struct_ref_seq.db_align_end 
_struct_ref_seq.pdbx_db_align_end_ins_code 
_struct_ref_seq.pdbx_auth_seq_align_beg 
_struct_ref_seq.pdbx_auth_seq_align_end 
1 1 6SM5 A 3 ? 117 ? P29350 100 ? 214 ? 3 117 
2 2 6SM5 B 1 ? 93  ? 6SM5   1   ? 93  ? 1 93  
# 
loop_
_struct_ref_seq_dif.align_id 
_struct_ref_seq_dif.pdbx_pdb_id_code 
_struct_ref_seq_dif.mon_id 
_struct_ref_seq_dif.pdbx_pdb_strand_id 
_struct_ref_seq_dif.seq_num 
_struct_ref_seq_dif.pdbx_pdb_ins_code 
_struct_ref_seq_dif.pdbx_seq_db_name 
_struct_ref_seq_dif.pdbx_seq_db_accession_code 
_struct_ref_seq_dif.db_mon_id 
_struct_ref_seq_dif.pdbx_seq_db_seq_num 
_struct_ref_seq_dif.details 
_struct_ref_seq_dif.pdbx_auth_seq_num 
_struct_ref_seq_dif.pdbx_ordinal 
1 6SM5 GLY A 1   ? UNP P29350 ? ? 'expression tag' 1   1 
1 6SM5 SER A 2   ? UNP P29350 ? ? 'expression tag' 2   2 
1 6SM5 LYS A 118 ? UNP P29350 ? ? 'expression tag' 118 3 
1 6SM5 GLU A 119 ? UNP P29350 ? ? 'expression tag' 119 4 
1 6SM5 LYS A 120 ? UNP P29350 ? ? 'expression tag' 120 5 
# 
_pdbx_struct_assembly.id                   1 
_pdbx_struct_assembly.details              author_and_software_defined_assembly 
_pdbx_struct_assembly.method_details       PISA 
_pdbx_struct_assembly.oligomeric_details   dimeric 
_pdbx_struct_assembly.oligomeric_count     2 
# 
loop_
_pdbx_struct_assembly_prop.biol_id 
_pdbx_struct_assembly_prop.type 
_pdbx_struct_assembly_prop.value 
_pdbx_struct_assembly_prop.details 
1 'ABSA (A^2)' 1620 ? 
1 MORE         -5   ? 
1 'SSA (A^2)'  9820 ? 
# 
_pdbx_struct_assembly_gen.assembly_id       1 
_pdbx_struct_assembly_gen.oper_expression   1 
_pdbx_struct_assembly_gen.asym_id_list      A,B,C,D 
# 
_pdbx_struct_assembly_auth_evidence.id                     1 
_pdbx_struct_assembly_auth_evidence.assembly_id            1 
_pdbx_struct_assembly_auth_evidence.experimental_support   'isothermal titration calorimetry' 
_pdbx_struct_assembly_auth_evidence.details                ? 
# 
_pdbx_struct_oper_list.id                   1 
_pdbx_struct_oper_list.type                 'identity operation' 
_pdbx_struct_oper_list.name                 1_555 
_pdbx_struct_oper_list.symmetry_operation   x,y,z 
_pdbx_struct_oper_list.matrix[1][1]         1.0000000000 
_pdbx_struct_oper_list.matrix[1][2]         0.0000000000 
_pdbx_struct_oper_list.matrix[1][3]         0.0000000000 
_pdbx_struct_oper_list.vector[1]            0.0000000000 
_pdbx_struct_oper_list.matrix[2][1]         0.0000000000 
_pdbx_struct_oper_list.matrix[2][2]         1.0000000000 
_pdbx_struct_oper_list.matrix[2][3]         0.0000000000 
_pdbx_struct_oper_list.vector[2]            0.0000000000 
_pdbx_struct_oper_list.matrix[3][1]         0.0000000000 
_pdbx_struct_oper_list.matrix[3][2]         0.0000000000 
_pdbx_struct_oper_list.matrix[3][3]         1.0000000000 
_pdbx_struct_oper_list.vector[3]            0.0000000000 
# 
loop_
_struct_conf.conf_type_id 
_struct_conf.id 
_struct_conf.pdbx_PDB_helix_id 
_struct_conf.beg_label_comp_id 
_struct_conf.beg_label_asym_id 
_struct_conf.beg_label_seq_id 
_struct_conf.pdbx_beg_PDB_ins_code 
_struct_conf.end_label_comp_id 
_struct_conf.end_label_asym_id 
_struct_conf.end_label_seq_id 
_struct_conf.pdbx_end_PDB_ins_code 
_struct_conf.beg_auth_comp_id 
_struct_conf.beg_auth_asym_id 
_struct_conf.beg_auth_seq_id 
_struct_conf.end_auth_comp_id 
_struct_conf.end_auth_asym_id 
_struct_conf.end_auth_seq_id 
_struct_conf.pdbx_PDB_helix_class 
_struct_conf.details 
_struct_conf.pdbx_PDB_helix_length 
HELX_P HELX_P1 AA1 SER A 19 ? LYS A 30  ? SER A 19 LYS A 30  1 ? 12 
HELX_P HELX_P2 AA2 SER A 89 ? GLY A 101 ? SER A 89 GLY A 101 1 ? 13 
# 
_struct_conf_type.id          HELX_P 
_struct_conf_type.criteria    ? 
_struct_conf_type.reference   ? 
# 
loop_
_struct_sheet.id 
_struct_sheet.type 
_struct_sheet.number_strands 
_struct_sheet.details 
AA1 ? 5 ? 
AA2 ? 8 ? 
AA3 ? 2 ? 
AA4 ? 3 ? 
# 
loop_
_struct_sheet_order.sheet_id 
_struct_sheet_order.range_id_1 
_struct_sheet_order.range_id_2 
_struct_sheet_order.offset 
_struct_sheet_order.sense 
AA1 1 2 ? parallel      
AA1 2 3 ? anti-parallel 
AA1 3 4 ? anti-parallel 
AA2 1 2 ? anti-parallel 
AA2 2 3 ? anti-parallel 
AA2 3 4 ? anti-parallel 
AA2 5 6 ? anti-parallel 
AA2 6 7 ? anti-parallel 
AA2 7 8 ? anti-parallel 
AA3 1 2 ? anti-parallel 
AA4 1 2 ? anti-parallel 
AA4 2 3 ? anti-parallel 
# 
loop_
_struct_sheet_range.sheet_id 
_struct_sheet_range.id 
_struct_sheet_range.beg_label_comp_id 
_struct_sheet_range.beg_label_asym_id 
_struct_sheet_range.beg_label_seq_id 
_struct_sheet_range.pdbx_beg_PDB_ins_code 
_struct_sheet_range.end_label_comp_id 
_struct_sheet_range.end_label_asym_id 
_struct_sheet_range.end_label_seq_id 
_struct_sheet_range.pdbx_end_PDB_ins_code 
_struct_sheet_range.beg_auth_comp_id 
_struct_sheet_range.beg_auth_asym_id 
_struct_sheet_range.beg_auth_seq_id 
_struct_sheet_range.end_auth_comp_id 
_struct_sheet_range.end_auth_asym_id 
_struct_sheet_range.end_auth_seq_id 
AA1 1 TYR A 14  ? HIS A 17  ? TYR A 14  HIS A 17  
AA1 2 THR A 35  ? GLU A 40  ? THR A 35  GLU A 40  
AA1 3 PHE A 48  ? PRO A 57  ? PHE A 48  PRO A 57  
AA1 4 LEU A 65  ? GLU A 75  ? LEU A 65  GLU A 75  
AA1 5 GLN A 114 ? PRO A 115 ? GLN A 114 PRO A 115 
AA2 1 ARG A 78  ? THR A 80  ? ARG A 78  THR A 80  
AA2 2 LEU A 65  ? GLU A 75  ? LEU A 65  GLU A 75  
AA2 3 PHE A 48  ? PRO A 57  ? PHE A 48  PRO A 57  
AA2 4 THR A 35  ? GLU A 40  ? THR A 35  GLU A 40  
AA2 5 GLY B 45  ? PRO B 52  ? GLY B 45  PRO B 52  
AA2 6 TYR B 33  ? GLU B 40  ? TYR B 33  GLU B 40  
AA2 7 ASP B 68  ? GLY B 76  ? ASP B 68  GLY B 76  
AA2 8 PRO B 86  ? ARG B 92  ? PRO B 86  ARG B 92  
AA3 1 ILE A 102 ? ALA A 105 ? ILE A 102 ALA A 105 
AA3 2 ALA A 108 ? VAL A 110 ? ALA A 108 VAL A 110 
AA4 1 LYS B 9   ? THR B 16  ? LYS B 9   THR B 16  
AA4 2 SER B 19  ? ASP B 25  ? SER B 19  ASP B 25  
AA4 3 THR B 57  ? SER B 61  ? THR B 57  SER B 61  
# 
loop_
_pdbx_struct_sheet_hbond.sheet_id 
_pdbx_struct_sheet_hbond.range_id_1 
_pdbx_struct_sheet_hbond.range_id_2 
_pdbx_struct_sheet_hbond.range_1_label_atom_id 
_pdbx_struct_sheet_hbond.range_1_label_comp_id 
_pdbx_struct_sheet_hbond.range_1_label_asym_id 
_pdbx_struct_sheet_hbond.range_1_label_seq_id 
_pdbx_struct_sheet_hbond.range_1_PDB_ins_code 
_pdbx_struct_sheet_hbond.range_1_auth_atom_id 
_pdbx_struct_sheet_hbond.range_1_auth_comp_id 
_pdbx_struct_sheet_hbond.range_1_auth_asym_id 
_pdbx_struct_sheet_hbond.range_1_auth_seq_id 
_pdbx_struct_sheet_hbond.range_2_label_atom_id 
_pdbx_struct_sheet_hbond.range_2_label_comp_id 
_pdbx_struct_sheet_hbond.range_2_label_asym_id 
_pdbx_struct_sheet_hbond.range_2_label_seq_id 
_pdbx_struct_sheet_hbond.range_2_PDB_ins_code 
_pdbx_struct_sheet_hbond.range_2_auth_atom_id 
_pdbx_struct_sheet_hbond.range_2_auth_comp_id 
_pdbx_struct_sheet_hbond.range_2_auth_asym_id 
_pdbx_struct_sheet_hbond.range_2_auth_seq_id 
AA1 1 2 N HIS A 15  ? N HIS A 15  O VAL A 38  ? O VAL A 38  
AA1 2 3 N ARG A 39  ? N ARG A 39  O VAL A 49  ? O VAL A 49  
AA1 3 4 N GLN A 56  ? N GLN A 56  O ARG A 66  ? O ARG A 66  
AA2 1 2 O THR A 80  ? O THR A 80  N MET A 73  ? N MET A 73  
AA2 2 3 O ARG A 66  ? O ARG A 66  N GLN A 56  ? N GLN A 56  
AA2 3 4 O VAL A 49  ? O VAL A 49  N ARG A 39  ? N ARG A 39  
AA2 5 6 O VAL B 51  ? O VAL B 51  N TYR B 34  ? N TYR B 34  
AA2 6 7 N TYR B 33  ? N TYR B 33  O GLY B 76  ? O GLY B 76  
AA2 7 8 N TYR B 69  ? N TYR B 69  O TYR B 91  ? O TYR B 91  
AA3 1 2 N ILE A 102 ? N ILE A 102 O VAL A 110 ? O VAL A 110 
AA4 1 2 N VAL B 13  ? N VAL B 13  O LEU B 21  ? O LEU B 21  
AA4 2 3 N LEU B 20  ? N LEU B 20  O ILE B 60  ? O ILE B 60  
# 
loop_
_pdbx_validate_torsion.id 
_pdbx_validate_torsion.PDB_model_num 
_pdbx_validate_torsion.auth_comp_id 
_pdbx_validate_torsion.auth_asym_id 
_pdbx_validate_torsion.auth_seq_id 
_pdbx_validate_torsion.PDB_ins_code 
_pdbx_validate_torsion.label_alt_id 
_pdbx_validate_torsion.phi 
_pdbx_validate_torsion.psi 
1 1 HIS A 17  ? ? -65.59  94.31   
2 1 ALA A 59  ? ? -148.44 -127.84 
3 1 SER A 106 ? ? -54.30  99.41   
4 1 SER B 4   ? ? 76.41   -44.76  
# 
loop_
_space_group_symop.id 
_space_group_symop.operation_xyz 
1 x,y,z           
2 x+1/2,-y+1/2,-z 
3 -x,y+1/2,-z+1/2 
4 -x+1/2,-y,z+1/2 
# 
loop_
_pdbx_unobs_or_zero_occ_residues.id 
_pdbx_unobs_or_zero_occ_residues.PDB_model_num 
_pdbx_unobs_or_zero_occ_residues.polymer_flag 
_pdbx_unobs_or_zero_occ_residues.occupancy_flag 
_pdbx_unobs_or_zero_occ_residues.auth_asym_id 
_pdbx_unobs_or_zero_occ_residues.auth_comp_id 
_pdbx_unobs_or_zero_occ_residues.auth_seq_id 
_pdbx_unobs_or_zero_occ_residues.PDB_ins_code 
_pdbx_unobs_or_zero_occ_residues.label_asym_id 
_pdbx_unobs_or_zero_occ_residues.label_comp_id 
_pdbx_unobs_or_zero_occ_residues.label_seq_id 
1  1 Y 1 A GLY 1   ? A GLY 1   
2  1 Y 1 A SER 2   ? A SER 2   
3  1 Y 1 A LEU 3   ? A LEU 3   
4  1 Y 1 A ASN 4   ? A ASN 4   
5  1 Y 1 A CYS 5   ? A CYS 5   
6  1 Y 1 A SER 6   ? A SER 6   
7  1 Y 1 A ASP 7   ? A ASP 7   
8  1 Y 1 A PRO 8   ? A PRO 8   
9  1 Y 1 A THR 9   ? A THR 9   
10 1 Y 1 A GLY 82  ? A GLY 82  
11 1 Y 1 A GLY 83  ? A GLY 83  
12 1 Y 1 A LYS 118 ? A LYS 118 
13 1 Y 1 A GLU 119 ? A GLU 119 
14 1 Y 1 A LYS 120 ? A LYS 120 
15 1 Y 1 B GLY 1   ? B GLY 1   
16 1 Y 1 B SER 2   ? B SER 2   
# 
loop_
_chem_comp_atom.comp_id 
_chem_comp_atom.atom_id 
_chem_comp_atom.type_symbol 
_chem_comp_atom.pdbx_aromatic_flag 
_chem_comp_atom.pdbx_stereo_config 
_chem_comp_atom.pdbx_ordinal 
ALA N    N N N 1   
ALA CA   C N S 2   
ALA C    C N N 3   
ALA O    O N N 4   
ALA CB   C N N 5   
ALA OXT  O N N 6   
ALA H    H N N 7   
ALA H2   H N N 8   
ALA HA   H N N 9   
ALA HB1  H N N 10  
ALA HB2  H N N 11  
ALA HB3  H N N 12  
ALA HXT  H N N 13  
ARG N    N N N 14  
ARG CA   C N S 15  
ARG C    C N N 16  
ARG O    O N N 17  
ARG CB   C N N 18  
ARG CG   C N N 19  
ARG CD   C N N 20  
ARG NE   N N N 21  
ARG CZ   C N N 22  
ARG NH1  N N N 23  
ARG NH2  N N N 24  
ARG OXT  O N N 25  
ARG H    H N N 26  
ARG H2   H N N 27  
ARG HA   H N N 28  
ARG HB2  H N N 29  
ARG HB3  H N N 30  
ARG HG2  H N N 31  
ARG HG3  H N N 32  
ARG HD2  H N N 33  
ARG HD3  H N N 34  
ARG HE   H N N 35  
ARG HH11 H N N 36  
ARG HH12 H N N 37  
ARG HH21 H N N 38  
ARG HH22 H N N 39  
ARG HXT  H N N 40  
ASN N    N N N 41  
ASN CA   C N S 42  
ASN C    C N N 43  
ASN O    O N N 44  
ASN CB   C N N 45  
ASN CG   C N N 46  
ASN OD1  O N N 47  
ASN ND2  N N N 48  
ASN OXT  O N N 49  
ASN H    H N N 50  
ASN H2   H N N 51  
ASN HA   H N N 52  
ASN HB2  H N N 53  
ASN HB3  H N N 54  
ASN HD21 H N N 55  
ASN HD22 H N N 56  
ASN HXT  H N N 57  
ASP N    N N N 58  
ASP CA   C N S 59  
ASP C    C N N 60  
ASP O    O N N 61  
ASP CB   C N N 62  
ASP CG   C N N 63  
ASP OD1  O N N 64  
ASP OD2  O N N 65  
ASP OXT  O N N 66  
ASP H    H N N 67  
ASP H2   H N N 68  
ASP HA   H N N 69  
ASP HB2  H N N 70  
ASP HB3  H N N 71  
ASP HD2  H N N 72  
ASP HXT  H N N 73  
CYS N    N N N 74  
CYS CA   C N R 75  
CYS C    C N N 76  
CYS O    O N N 77  
CYS CB   C N N 78  
CYS SG   S N N 79  
CYS OXT  O N N 80  
CYS H    H N N 81  
CYS H2   H N N 82  
CYS HA   H N N 83  
CYS HB2  H N N 84  
CYS HB3  H N N 85  
CYS HG   H N N 86  
CYS HXT  H N N 87  
GLN N    N N N 88  
GLN CA   C N S 89  
GLN C    C N N 90  
GLN O    O N N 91  
GLN CB   C N N 92  
GLN CG   C N N 93  
GLN CD   C N N 94  
GLN OE1  O N N 95  
GLN NE2  N N N 96  
GLN OXT  O N N 97  
GLN H    H N N 98  
GLN H2   H N N 99  
GLN HA   H N N 100 
GLN HB2  H N N 101 
GLN HB3  H N N 102 
GLN HG2  H N N 103 
GLN HG3  H N N 104 
GLN HE21 H N N 105 
GLN HE22 H N N 106 
GLN HXT  H N N 107 
GLU N    N N N 108 
GLU CA   C N S 109 
GLU C    C N N 110 
GLU O    O N N 111 
GLU CB   C N N 112 
GLU CG   C N N 113 
GLU CD   C N N 114 
GLU OE1  O N N 115 
GLU OE2  O N N 116 
GLU OXT  O N N 117 
GLU H    H N N 118 
GLU H2   H N N 119 
GLU HA   H N N 120 
GLU HB2  H N N 121 
GLU HB3  H N N 122 
GLU HG2  H N N 123 
GLU HG3  H N N 124 
GLU HE2  H N N 125 
GLU HXT  H N N 126 
GLY N    N N N 127 
GLY CA   C N N 128 
GLY C    C N N 129 
GLY O    O N N 130 
GLY OXT  O N N 131 
GLY H    H N N 132 
GLY H2   H N N 133 
GLY HA2  H N N 134 
GLY HA3  H N N 135 
GLY HXT  H N N 136 
HIS N    N N N 137 
HIS CA   C N S 138 
HIS C    C N N 139 
HIS O    O N N 140 
HIS CB   C N N 141 
HIS CG   C Y N 142 
HIS ND1  N Y N 143 
HIS CD2  C Y N 144 
HIS CE1  C Y N 145 
HIS NE2  N Y N 146 
HIS OXT  O N N 147 
HIS H    H N N 148 
HIS H2   H N N 149 
HIS HA   H N N 150 
HIS HB2  H N N 151 
HIS HB3  H N N 152 
HIS HD1  H N N 153 
HIS HD2  H N N 154 
HIS HE1  H N N 155 
HIS HE2  H N N 156 
HIS HXT  H N N 157 
HOH O    O N N 158 
HOH H1   H N N 159 
HOH H2   H N N 160 
ILE N    N N N 161 
ILE CA   C N S 162 
ILE C    C N N 163 
ILE O    O N N 164 
ILE CB   C N S 165 
ILE CG1  C N N 166 
ILE CG2  C N N 167 
ILE CD1  C N N 168 
ILE OXT  O N N 169 
ILE H    H N N 170 
ILE H2   H N N 171 
ILE HA   H N N 172 
ILE HB   H N N 173 
ILE HG12 H N N 174 
ILE HG13 H N N 175 
ILE HG21 H N N 176 
ILE HG22 H N N 177 
ILE HG23 H N N 178 
ILE HD11 H N N 179 
ILE HD12 H N N 180 
ILE HD13 H N N 181 
ILE HXT  H N N 182 
LEU N    N N N 183 
LEU CA   C N S 184 
LEU C    C N N 185 
LEU O    O N N 186 
LEU CB   C N N 187 
LEU CG   C N N 188 
LEU CD1  C N N 189 
LEU CD2  C N N 190 
LEU OXT  O N N 191 
LEU H    H N N 192 
LEU H2   H N N 193 
LEU HA   H N N 194 
LEU HB2  H N N 195 
LEU HB3  H N N 196 
LEU HG   H N N 197 
LEU HD11 H N N 198 
LEU HD12 H N N 199 
LEU HD13 H N N 200 
LEU HD21 H N N 201 
LEU HD22 H N N 202 
LEU HD23 H N N 203 
LEU HXT  H N N 204 
LYS N    N N N 205 
LYS CA   C N S 206 
LYS C    C N N 207 
LYS O    O N N 208 
LYS CB   C N N 209 
LYS CG   C N N 210 
LYS CD   C N N 211 
LYS CE   C N N 212 
LYS NZ   N N N 213 
LYS OXT  O N N 214 
LYS H    H N N 215 
LYS H2   H N N 216 
LYS HA   H N N 217 
LYS HB2  H N N 218 
LYS HB3  H N N 219 
LYS HG2  H N N 220 
LYS HG3  H N N 221 
LYS HD2  H N N 222 
LYS HD3  H N N 223 
LYS HE2  H N N 224 
LYS HE3  H N N 225 
LYS HZ1  H N N 226 
LYS HZ2  H N N 227 
LYS HZ3  H N N 228 
LYS HXT  H N N 229 
MET N    N N N 230 
MET CA   C N S 231 
MET C    C N N 232 
MET O    O N N 233 
MET CB   C N N 234 
MET CG   C N N 235 
MET SD   S N N 236 
MET CE   C N N 237 
MET OXT  O N N 238 
MET H    H N N 239 
MET H2   H N N 240 
MET HA   H N N 241 
MET HB2  H N N 242 
MET HB3  H N N 243 
MET HG2  H N N 244 
MET HG3  H N N 245 
MET HE1  H N N 246 
MET HE2  H N N 247 
MET HE3  H N N 248 
MET HXT  H N N 249 
PHE N    N N N 250 
PHE CA   C N S 251 
PHE C    C N N 252 
PHE O    O N N 253 
PHE CB   C N N 254 
PHE CG   C Y N 255 
PHE CD1  C Y N 256 
PHE CD2  C Y N 257 
PHE CE1  C Y N 258 
PHE CE2  C Y N 259 
PHE CZ   C Y N 260 
PHE OXT  O N N 261 
PHE H    H N N 262 
PHE H2   H N N 263 
PHE HA   H N N 264 
PHE HB2  H N N 265 
PHE HB3  H N N 266 
PHE HD1  H N N 267 
PHE HD2  H N N 268 
PHE HE1  H N N 269 
PHE HE2  H N N 270 
PHE HZ   H N N 271 
PHE HXT  H N N 272 
PRO N    N N N 273 
PRO CA   C N S 274 
PRO C    C N N 275 
PRO O    O N N 276 
PRO CB   C N N 277 
PRO CG   C N N 278 
PRO CD   C N N 279 
PRO OXT  O N N 280 
PRO H    H N N 281 
PRO HA   H N N 282 
PRO HB2  H N N 283 
PRO HB3  H N N 284 
PRO HG2  H N N 285 
PRO HG3  H N N 286 
PRO HD2  H N N 287 
PRO HD3  H N N 288 
PRO HXT  H N N 289 
SER N    N N N 290 
SER CA   C N S 291 
SER C    C N N 292 
SER O    O N N 293 
SER CB   C N N 294 
SER OG   O N N 295 
SER OXT  O N N 296 
SER H    H N N 297 
SER H2   H N N 298 
SER HA   H N N 299 
SER HB2  H N N 300 
SER HB3  H N N 301 
SER HG   H N N 302 
SER HXT  H N N 303 
THR N    N N N 304 
THR CA   C N S 305 
THR C    C N N 306 
THR O    O N N 307 
THR CB   C N R 308 
THR OG1  O N N 309 
THR CG2  C N N 310 
THR OXT  O N N 311 
THR H    H N N 312 
THR H2   H N N 313 
THR HA   H N N 314 
THR HB   H N N 315 
THR HG1  H N N 316 
THR HG21 H N N 317 
THR HG22 H N N 318 
THR HG23 H N N 319 
THR HXT  H N N 320 
TRP N    N N N 321 
TRP CA   C N S 322 
TRP C    C N N 323 
TRP O    O N N 324 
TRP CB   C N N 325 
TRP CG   C Y N 326 
TRP CD1  C Y N 327 
TRP CD2  C Y N 328 
TRP NE1  N Y N 329 
TRP CE2  C Y N 330 
TRP CE3  C Y N 331 
TRP CZ2  C Y N 332 
TRP CZ3  C Y N 333 
TRP CH2  C Y N 334 
TRP OXT  O N N 335 
TRP H    H N N 336 
TRP H2   H N N 337 
TRP HA   H N N 338 
TRP HB2  H N N 339 
TRP HB3  H N N 340 
TRP HD1  H N N 341 
TRP HE1  H N N 342 
TRP HE3  H N N 343 
TRP HZ2  H N N 344 
TRP HZ3  H N N 345 
TRP HH2  H N N 346 
TRP HXT  H N N 347 
TYR N    N N N 348 
TYR CA   C N S 349 
TYR C    C N N 350 
TYR O    O N N 351 
TYR CB   C N N 352 
TYR CG   C Y N 353 
TYR CD1  C Y N 354 
TYR CD2  C Y N 355 
TYR CE1  C Y N 356 
TYR CE2  C Y N 357 
TYR CZ   C Y N 358 
TYR OH   O N N 359 
TYR OXT  O N N 360 
TYR H    H N N 361 
TYR H2   H N N 362 
TYR HA   H N N 363 
TYR HB2  H N N 364 
TYR HB3  H N N 365 
TYR HD1  H N N 366 
TYR HD2  H N N 367 
TYR HE1  H N N 368 
TYR HE2  H N N 369 
TYR HH   H N N 370 
TYR HXT  H N N 371 
VAL N    N N N 372 
VAL CA   C N S 373 
VAL C    C N N 374 
VAL O    O N N 375 
VAL CB   C N N 376 
VAL CG1  C N N 377 
VAL CG2  C N N 378 
VAL OXT  O N N 379 
VAL H    H N N 380 
VAL H2   H N N 381 
VAL HA   H N N 382 
VAL HB   H N N 383 
VAL HG11 H N N 384 
VAL HG12 H N N 385 
VAL HG13 H N N 386 
VAL HG21 H N N 387 
VAL HG22 H N N 388 
VAL HG23 H N N 389 
VAL HXT  H N N 390 
# 
loop_
_chem_comp_bond.comp_id 
_chem_comp_bond.atom_id_1 
_chem_comp_bond.atom_id_2 
_chem_comp_bond.value_order 
_chem_comp_bond.pdbx_aromatic_flag 
_chem_comp_bond.pdbx_stereo_config 
_chem_comp_bond.pdbx_ordinal 
ALA N   CA   sing N N 1   
ALA N   H    sing N N 2   
ALA N   H2   sing N N 3   
ALA CA  C    sing N N 4   
ALA CA  CB   sing N N 5   
ALA CA  HA   sing N N 6   
ALA C   O    doub N N 7   
ALA C   OXT  sing N N 8   
ALA CB  HB1  sing N N 9   
ALA CB  HB2  sing N N 10  
ALA CB  HB3  sing N N 11  
ALA OXT HXT  sing N N 12  
ARG N   CA   sing N N 13  
ARG N   H    sing N N 14  
ARG N   H2   sing N N 15  
ARG CA  C    sing N N 16  
ARG CA  CB   sing N N 17  
ARG CA  HA   sing N N 18  
ARG C   O    doub N N 19  
ARG C   OXT  sing N N 20  
ARG CB  CG   sing N N 21  
ARG CB  HB2  sing N N 22  
ARG CB  HB3  sing N N 23  
ARG CG  CD   sing N N 24  
ARG CG  HG2  sing N N 25  
ARG CG  HG3  sing N N 26  
ARG CD  NE   sing N N 27  
ARG CD  HD2  sing N N 28  
ARG CD  HD3  sing N N 29  
ARG NE  CZ   sing N N 30  
ARG NE  HE   sing N N 31  
ARG CZ  NH1  sing N N 32  
ARG CZ  NH2  doub N N 33  
ARG NH1 HH11 sing N N 34  
ARG NH1 HH12 sing N N 35  
ARG NH2 HH21 sing N N 36  
ARG NH2 HH22 sing N N 37  
ARG OXT HXT  sing N N 38  
ASN N   CA   sing N N 39  
ASN N   H    sing N N 40  
ASN N   H2   sing N N 41  
ASN CA  C    sing N N 42  
ASN CA  CB   sing N N 43  
ASN CA  HA   sing N N 44  
ASN C   O    doub N N 45  
ASN C   OXT  sing N N 46  
ASN CB  CG   sing N N 47  
ASN CB  HB2  sing N N 48  
ASN CB  HB3  sing N N 49  
ASN CG  OD1  doub N N 50  
ASN CG  ND2  sing N N 51  
ASN ND2 HD21 sing N N 52  
ASN ND2 HD22 sing N N 53  
ASN OXT HXT  sing N N 54  
ASP N   CA   sing N N 55  
ASP N   H    sing N N 56  
ASP N   H2   sing N N 57  
ASP CA  C    sing N N 58  
ASP CA  CB   sing N N 59  
ASP CA  HA   sing N N 60  
ASP C   O    doub N N 61  
ASP C   OXT  sing N N 62  
ASP CB  CG   sing N N 63  
ASP CB  HB2  sing N N 64  
ASP CB  HB3  sing N N 65  
ASP CG  OD1  doub N N 66  
ASP CG  OD2  sing N N 67  
ASP OD2 HD2  sing N N 68  
ASP OXT HXT  sing N N 69  
CYS N   CA   sing N N 70  
CYS N   H    sing N N 71  
CYS N   H2   sing N N 72  
CYS CA  C    sing N N 73  
CYS CA  CB   sing N N 74  
CYS CA  HA   sing N N 75  
CYS C   O    doub N N 76  
CYS C   OXT  sing N N 77  
CYS CB  SG   sing N N 78  
CYS CB  HB2  sing N N 79  
CYS CB  HB3  sing N N 80  
CYS SG  HG   sing N N 81  
CYS OXT HXT  sing N N 82  
GLN N   CA   sing N N 83  
GLN N   H    sing N N 84  
GLN N   H2   sing N N 85  
GLN CA  C    sing N N 86  
GLN CA  CB   sing N N 87  
GLN CA  HA   sing N N 88  
GLN C   O    doub N N 89  
GLN C   OXT  sing N N 90  
GLN CB  CG   sing N N 91  
GLN CB  HB2  sing N N 92  
GLN CB  HB3  sing N N 93  
GLN CG  CD   sing N N 94  
GLN CG  HG2  sing N N 95  
GLN CG  HG3  sing N N 96  
GLN CD  OE1  doub N N 97  
GLN CD  NE2  sing N N 98  
GLN NE2 HE21 sing N N 99  
GLN NE2 HE22 sing N N 100 
GLN OXT HXT  sing N N 101 
GLU N   CA   sing N N 102 
GLU N   H    sing N N 103 
GLU N   H2   sing N N 104 
GLU CA  C    sing N N 105 
GLU CA  CB   sing N N 106 
GLU CA  HA   sing N N 107 
GLU C   O    doub N N 108 
GLU C   OXT  sing N N 109 
GLU CB  CG   sing N N 110 
GLU CB  HB2  sing N N 111 
GLU CB  HB3  sing N N 112 
GLU CG  CD   sing N N 113 
GLU CG  HG2  sing N N 114 
GLU CG  HG3  sing N N 115 
GLU CD  OE1  doub N N 116 
GLU CD  OE2  sing N N 117 
GLU OE2 HE2  sing N N 118 
GLU OXT HXT  sing N N 119 
GLY N   CA   sing N N 120 
GLY N   H    sing N N 121 
GLY N   H2   sing N N 122 
GLY CA  C    sing N N 123 
GLY CA  HA2  sing N N 124 
GLY CA  HA3  sing N N 125 
GLY C   O    doub N N 126 
GLY C   OXT  sing N N 127 
GLY OXT HXT  sing N N 128 
HIS N   CA   sing N N 129 
HIS N   H    sing N N 130 
HIS N   H2   sing N N 131 
HIS CA  C    sing N N 132 
HIS CA  CB   sing N N 133 
HIS CA  HA   sing N N 134 
HIS C   O    doub N N 135 
HIS C   OXT  sing N N 136 
HIS CB  CG   sing N N 137 
HIS CB  HB2  sing N N 138 
HIS CB  HB3  sing N N 139 
HIS CG  ND1  sing Y N 140 
HIS CG  CD2  doub Y N 141 
HIS ND1 CE1  doub Y N 142 
HIS ND1 HD1  sing N N 143 
HIS CD2 NE2  sing Y N 144 
HIS CD2 HD2  sing N N 145 
HIS CE1 NE2  sing Y N 146 
HIS CE1 HE1  sing N N 147 
HIS NE2 HE2  sing N N 148 
HIS OXT HXT  sing N N 149 
HOH O   H1   sing N N 150 
HOH O   H2   sing N N 151 
ILE N   CA   sing N N 152 
ILE N   H    sing N N 153 
ILE N   H2   sing N N 154 
ILE CA  C    sing N N 155 
ILE CA  CB   sing N N 156 
ILE CA  HA   sing N N 157 
ILE C   O    doub N N 158 
ILE C   OXT  sing N N 159 
ILE CB  CG1  sing N N 160 
ILE CB  CG2  sing N N 161 
ILE CB  HB   sing N N 162 
ILE CG1 CD1  sing N N 163 
ILE CG1 HG12 sing N N 164 
ILE CG1 HG13 sing N N 165 
ILE CG2 HG21 sing N N 166 
ILE CG2 HG22 sing N N 167 
ILE CG2 HG23 sing N N 168 
ILE CD1 HD11 sing N N 169 
ILE CD1 HD12 sing N N 170 
ILE CD1 HD13 sing N N 171 
ILE OXT HXT  sing N N 172 
LEU N   CA   sing N N 173 
LEU N   H    sing N N 174 
LEU N   H2   sing N N 175 
LEU CA  C    sing N N 176 
LEU CA  CB   sing N N 177 
LEU CA  HA   sing N N 178 
LEU C   O    doub N N 179 
LEU C   OXT  sing N N 180 
LEU CB  CG   sing N N 181 
LEU CB  HB2  sing N N 182 
LEU CB  HB3  sing N N 183 
LEU CG  CD1  sing N N 184 
LEU CG  CD2  sing N N 185 
LEU CG  HG   sing N N 186 
LEU CD1 HD11 sing N N 187 
LEU CD1 HD12 sing N N 188 
LEU CD1 HD13 sing N N 189 
LEU CD2 HD21 sing N N 190 
LEU CD2 HD22 sing N N 191 
LEU CD2 HD23 sing N N 192 
LEU OXT HXT  sing N N 193 
LYS N   CA   sing N N 194 
LYS N   H    sing N N 195 
LYS N   H2   sing N N 196 
LYS CA  C    sing N N 197 
LYS CA  CB   sing N N 198 
LYS CA  HA   sing N N 199 
LYS C   O    doub N N 200 
LYS C   OXT  sing N N 201 
LYS CB  CG   sing N N 202 
LYS CB  HB2  sing N N 203 
LYS CB  HB3  sing N N 204 
LYS CG  CD   sing N N 205 
LYS CG  HG2  sing N N 206 
LYS CG  HG3  sing N N 207 
LYS CD  CE   sing N N 208 
LYS CD  HD2  sing N N 209 
LYS CD  HD3  sing N N 210 
LYS CE  NZ   sing N N 211 
LYS CE  HE2  sing N N 212 
LYS CE  HE3  sing N N 213 
LYS NZ  HZ1  sing N N 214 
LYS NZ  HZ2  sing N N 215 
LYS NZ  HZ3  sing N N 216 
LYS OXT HXT  sing N N 217 
MET N   CA   sing N N 218 
MET N   H    sing N N 219 
MET N   H2   sing N N 220 
MET CA  C    sing N N 221 
MET CA  CB   sing N N 222 
MET CA  HA   sing N N 223 
MET C   O    doub N N 224 
MET C   OXT  sing N N 225 
MET CB  CG   sing N N 226 
MET CB  HB2  sing N N 227 
MET CB  HB3  sing N N 228 
MET CG  SD   sing N N 229 
MET CG  HG2  sing N N 230 
MET CG  HG3  sing N N 231 
MET SD  CE   sing N N 232 
MET CE  HE1  sing N N 233 
MET CE  HE2  sing N N 234 
MET CE  HE3  sing N N 235 
MET OXT HXT  sing N N 236 
PHE N   CA   sing N N 237 
PHE N   H    sing N N 238 
PHE N   H2   sing N N 239 
PHE CA  C    sing N N 240 
PHE CA  CB   sing N N 241 
PHE CA  HA   sing N N 242 
PHE C   O    doub N N 243 
PHE C   OXT  sing N N 244 
PHE CB  CG   sing N N 245 
PHE CB  HB2  sing N N 246 
PHE CB  HB3  sing N N 247 
PHE CG  CD1  doub Y N 248 
PHE CG  CD2  sing Y N 249 
PHE CD1 CE1  sing Y N 250 
PHE CD1 HD1  sing N N 251 
PHE CD2 CE2  doub Y N 252 
PHE CD2 HD2  sing N N 253 
PHE CE1 CZ   doub Y N 254 
PHE CE1 HE1  sing N N 255 
PHE CE2 CZ   sing Y N 256 
PHE CE2 HE2  sing N N 257 
PHE CZ  HZ   sing N N 258 
PHE OXT HXT  sing N N 259 
PRO N   CA   sing N N 260 
PRO N   CD   sing N N 261 
PRO N   H    sing N N 262 
PRO CA  C    sing N N 263 
PRO CA  CB   sing N N 264 
PRO CA  HA   sing N N 265 
PRO C   O    doub N N 266 
PRO C   OXT  sing N N 267 
PRO CB  CG   sing N N 268 
PRO CB  HB2  sing N N 269 
PRO CB  HB3  sing N N 270 
PRO CG  CD   sing N N 271 
PRO CG  HG2  sing N N 272 
PRO CG  HG3  sing N N 273 
PRO CD  HD2  sing N N 274 
PRO CD  HD3  sing N N 275 
PRO OXT HXT  sing N N 276 
SER N   CA   sing N N 277 
SER N   H    sing N N 278 
SER N   H2   sing N N 279 
SER CA  C    sing N N 280 
SER CA  CB   sing N N 281 
SER CA  HA   sing N N 282 
SER C   O    doub N N 283 
SER C   OXT  sing N N 284 
SER CB  OG   sing N N 285 
SER CB  HB2  sing N N 286 
SER CB  HB3  sing N N 287 
SER OG  HG   sing N N 288 
SER OXT HXT  sing N N 289 
THR N   CA   sing N N 290 
THR N   H    sing N N 291 
THR N   H2   sing N N 292 
THR CA  C    sing N N 293 
THR CA  CB   sing N N 294 
THR CA  HA   sing N N 295 
THR C   O    doub N N 296 
THR C   OXT  sing N N 297 
THR CB  OG1  sing N N 298 
THR CB  CG2  sing N N 299 
THR CB  HB   sing N N 300 
THR OG1 HG1  sing N N 301 
THR CG2 HG21 sing N N 302 
THR CG2 HG22 sing N N 303 
THR CG2 HG23 sing N N 304 
THR OXT HXT  sing N N 305 
TRP N   CA   sing N N 306 
TRP N   H    sing N N 307 
TRP N   H2   sing N N 308 
TRP CA  C    sing N N 309 
TRP CA  CB   sing N N 310 
TRP CA  HA   sing N N 311 
TRP C   O    doub N N 312 
TRP C   OXT  sing N N 313 
TRP CB  CG   sing N N 314 
TRP CB  HB2  sing N N 315 
TRP CB  HB3  sing N N 316 
TRP CG  CD1  doub Y N 317 
TRP CG  CD2  sing Y N 318 
TRP CD1 NE1  sing Y N 319 
TRP CD1 HD1  sing N N 320 
TRP CD2 CE2  doub Y N 321 
TRP CD2 CE3  sing Y N 322 
TRP NE1 CE2  sing Y N 323 
TRP NE1 HE1  sing N N 324 
TRP CE2 CZ2  sing Y N 325 
TRP CE3 CZ3  doub Y N 326 
TRP CE3 HE3  sing N N 327 
TRP CZ2 CH2  doub Y N 328 
TRP CZ2 HZ2  sing N N 329 
TRP CZ3 CH2  sing Y N 330 
TRP CZ3 HZ3  sing N N 331 
TRP CH2 HH2  sing N N 332 
TRP OXT HXT  sing N N 333 
TYR N   CA   sing N N 334 
TYR N   H    sing N N 335 
TYR N   H2   sing N N 336 
TYR CA  C    sing N N 337 
TYR CA  CB   sing N N 338 
TYR CA  HA   sing N N 339 
TYR C   O    doub N N 340 
TYR C   OXT  sing N N 341 
TYR CB  CG   sing N N 342 
TYR CB  HB2  sing N N 343 
TYR CB  HB3  sing N N 344 
TYR CG  CD1  doub Y N 345 
TYR CG  CD2  sing Y N 346 
TYR CD1 CE1  sing Y N 347 
TYR CD1 HD1  sing N N 348 
TYR CD2 CE2  doub Y N 349 
TYR CD2 HD2  sing N N 350 
TYR CE1 CZ   doub Y N 351 
TYR CE1 HE1  sing N N 352 
TYR CE2 CZ   sing Y N 353 
TYR CE2 HE2  sing N N 354 
TYR CZ  OH   sing N N 355 
TYR OH  HH   sing N N 356 
TYR OXT HXT  sing N N 357 
VAL N   CA   sing N N 358 
VAL N   H    sing N N 359 
VAL N   H2   sing N N 360 
VAL CA  C    sing N N 361 
VAL CA  CB   sing N N 362 
VAL CA  HA   sing N N 363 
VAL C   O    doub N N 364 
VAL C   OXT  sing N N 365 
VAL CB  CG1  sing N N 366 
VAL CB  CG2  sing N N 367 
VAL CB  HB   sing N N 368 
VAL CG1 HG11 sing N N 369 
VAL CG1 HG12 sing N N 370 
VAL CG1 HG13 sing N N 371 
VAL CG2 HG21 sing N N 372 
VAL CG2 HG22 sing N N 373 
VAL CG2 HG23 sing N N 374 
VAL OXT HXT  sing N N 375 
# 
_pdbx_audit_support.funding_organization   'European Research Council' 
_pdbx_audit_support.country                ? 
_pdbx_audit_support.grant_number           ? 
_pdbx_audit_support.ordinal                1 
# 
_pdbx_initial_refinement_model.id               1 
_pdbx_initial_refinement_model.entity_id_list   ? 
_pdbx_initial_refinement_model.type             'experimental model' 
_pdbx_initial_refinement_model.source_name      PDB 
_pdbx_initial_refinement_model.accession_code   4JEG 
_pdbx_initial_refinement_model.details          ? 
# 
_space_group.name_H-M_alt     'P 21 21 21' 
_space_group.name_Hall        'P 2ac 2ab' 
_space_group.IT_number        19 
_space_group.crystal_system   orthorhombic 
_space_group.id               1 
# 
_atom_sites.entry_id                    6SM5 
_atom_sites.Cartn_transf_matrix[1][1]   ? 
_atom_sites.Cartn_transf_matrix[1][2]   ? 
_atom_sites.Cartn_transf_matrix[1][3]   ? 
_atom_sites.Cartn_transf_matrix[2][1]   ? 
_atom_sites.Cartn_transf_matrix[2][2]   ? 
_atom_sites.Cartn_transf_matrix[2][3]   ? 
_atom_sites.Cartn_transf_matrix[3][1]   ? 
_atom_sites.Cartn_transf_matrix[3][2]   ? 
_atom_sites.Cartn_transf_matrix[3][3]   ? 
_atom_sites.Cartn_transf_vector[1]      ? 
_atom_sites.Cartn_transf_vector[2]      ? 
_atom_sites.Cartn_transf_vector[3]      ? 
_atom_sites.fract_transf_matrix[1][1]   -0.01225248 
_atom_sites.fract_transf_matrix[1][2]   -0.00198956 
_atom_sites.fract_transf_matrix[1][3]   -0.01625306 
_atom_sites.fract_transf_matrix[2][1]   0.00266544 
_atom_sites.fract_transf_matrix[2][2]   0.01495549 
_atom_sites.fract_transf_matrix[2][3]   -0.00384008 
_atom_sites.fract_transf_matrix[3][1]   0.01070302 
_atom_sites.fract_transf_matrix[3][2]   -0.00385802 
_atom_sites.fract_transf_matrix[3][3]   -0.00759628 
_atom_sites.fract_transf_vector[1]      0.555958 
_atom_sites.fract_transf_vector[2]      0.628725 
_atom_sites.fract_transf_vector[3]      0.401792 
_atom_sites.solution_primary            ? 
_atom_sites.solution_secondary          ? 
_atom_sites.solution_hydrogens          ? 
_atom_sites.special_details             ? 
# 
loop_
_atom_type.symbol 
_atom_type.scat_dispersion_real 
_atom_type.scat_dispersion_imag 
_atom_type.scat_Cromer_Mann_a1 
_atom_type.scat_Cromer_Mann_a2 
_atom_type.scat_Cromer_Mann_b1 
_atom_type.scat_Cromer_Mann_b2 
_atom_type.scat_Cromer_Mann_c 
_atom_type.scat_source 
_atom_type.scat_dispersion_source 
C ? ? 3.54356 2.42580 25.62398 1.50364  0.0 
;2-Gaussian fit: Grosse-Kunstleve RW, Sauter NK, Adams PD: Newsletter of the IUCr Commission on Crystallographic Computing 2004, 3, 22-31.
;
? 
N ? ? 4.01032 2.96436 19.97189 1.75589  0.0 
;2-Gaussian fit: Grosse-Kunstleve RW, Sauter NK, Adams PD: Newsletter of the IUCr Commission on Crystallographic Computing 2004, 3, 22-31.
;
? 
O ? ? 7.96527 ?       9.05267  ?        0.0 
;1-Gaussian fit: Grosse-Kunstleve RW, Sauter NK, Adams PD: Newsletter of the IUCr Commission on Crystallographic Computing 2004, 3, 22-31.
;
? 
S ? ? 9.55732 6.39887 1.23737  29.19336 0.0 
;2-Gaussian fit: Grosse-Kunstleve RW, Sauter NK, Adams PD: Newsletter of the IUCr Commission on Crystallographic Computing 2004, 3, 22-31.
;
? 
# 
loop_
_atom_site.group_PDB 
_atom_site.id 
_atom_site.type_symbol 
_atom_site.label_atom_id 
_atom_site.label_alt_id 
_atom_site.label_comp_id 
_atom_site.label_asym_id 
_atom_site.label_entity_id 
_atom_site.label_seq_id 
_atom_site.pdbx_PDB_ins_code 
_atom_site.Cartn_x 
_atom_site.Cartn_y 
_atom_site.Cartn_z 
_atom_site.occupancy 
_atom_site.B_iso_or_equiv 
_atom_site.pdbx_formal_charge 
_atom_site.auth_seq_id 
_atom_site.auth_comp_id 
_atom_site.auth_asym_id 
_atom_site.auth_atom_id 
_atom_site.pdbx_PDB_model_num 
ATOM   1    N N   . SER A 1 10  ? -10.86322 14.20205  14.72585  1.000 41.27762 ? 10  SER A N   1 
ATOM   2    C CA  . SER A 1 10  ? -10.08758 13.02138  15.08101  1.000 48.63298 ? 10  SER A CA  1 
ATOM   3    C C   . SER A 1 10  ? -10.79161 11.76233  14.60047  1.000 42.10295 ? 10  SER A C   1 
ATOM   4    O O   . SER A 1 10  ? -10.31175 10.64945  14.80903  1.000 43.96838 ? 10  SER A O   1 
ATOM   5    C CB  . SER A 1 10  ? -9.85982  12.95883  16.59018  1.000 50.36489 ? 10  SER A CB  1 
ATOM   6    O OG  . SER A 1 10  ? -9.15555  14.10219  17.04461  1.000 61.21678 ? 10  SER A OG  1 
ATOM   7    N N   . GLU A 1 11  ? -11.94153 11.95112  13.95788  1.000 48.42195 ? 11  GLU A N   1 
ATOM   8    C CA  . GLU A 1 11  ? -12.70275 10.84868  13.38878  1.000 37.41801 ? 11  GLU A CA  1 
ATOM   9    C C   . GLU A 1 11  ? -13.12873 11.07237  11.94673  1.000 39.45905 ? 11  GLU A C   1 
ATOM   10   O O   . GLU A 1 11  ? -13.49185 10.09684  11.27862  1.000 46.52136 ? 11  GLU A O   1 
ATOM   11   C CB  . GLU A 1 11  ? -13.95670 10.56768  14.23361  1.000 36.72178 ? 11  GLU A CB  1 
ATOM   12   C CG  . GLU A 1 11  ? -13.76626 9.52255   15.33036  1.000 41.44108 ? 11  GLU A CG  1 
ATOM   13   C CD  . GLU A 1 11  ? -13.88943 8.09993   14.81115  1.000 51.81510 ? 11  GLU A CD  1 
ATOM   14   O OE1 . GLU A 1 11  ? -12.86478 7.38384   14.75432  1.000 44.30042 ? 11  GLU A OE1 1 
ATOM   15   O OE2 . GLU A 1 11  ? -15.01632 7.70015   14.45144  1.000 47.74124 ? 11  GLU A OE2 1 
ATOM   16   N N   . ARG A 1 12  ? -13.09221 12.30387  11.43784  1.000 30.90945 ? 12  ARG A N   1 
ATOM   17   C CA  . ARG A 1 12  ? -13.61818 12.56623  10.10611  1.000 35.29431 ? 12  ARG A CA  1 
ATOM   18   C C   . ARG A 1 12  ? -12.62584 12.24998  8.99349   1.000 33.06713 ? 12  ARG A C   1 
ATOM   19   O O   . ARG A 1 12  ? -13.03298 12.18850  7.82833   1.000 31.71625 ? 12  ARG A O   1 
ATOM   20   C CB  . ARG A 1 12  ? -14.07931 14.02254  9.99806   1.000 45.99799 ? 12  ARG A CB  1 
ATOM   21   C CG  . ARG A 1 12  ? -15.13358 14.25662  8.91694   1.000 58.49822 ? 12  ARG A CG  1 
ATOM   22   C CD  . ARG A 1 12  ? -16.30738 15.07496  9.43061   1.000 50.13245 ? 12  ARG A CD  1 
ATOM   23   N NE  . ARG A 1 12  ? -15.86593 16.25410  10.16778  1.000 60.93765 ? 12  ARG A NE  1 
ATOM   24   C CZ  . ARG A 1 12  ? -15.98044 17.50037  9.71922   1.000 62.69956 ? 12  ARG A CZ  1 
ATOM   25   N NH1 . ARG A 1 12  ? -16.52592 17.73237  8.53331   1.000 57.06728 ? 12  ARG A NH1 1 
ATOM   26   N NH2 . ARG A 1 12  ? -15.54947 18.51618  10.45537  1.000 55.80302 ? 12  ARG A NH2 1 
ATOM   27   N N   . TRP A 1 13  ? -11.34669 12.05077  9.30537   1.000 27.67883 ? 13  TRP A N   1 
ATOM   28   C CA  . TRP A 1 13  ? -10.41681 11.54296  8.30533   1.000 34.52565 ? 13  TRP A CA  1 
ATOM   29   C C   . TRP A 1 13  ? -10.42085 10.02255  8.22968   1.000 32.04626 ? 13  TRP A C   1 
ATOM   30   O O   . TRP A 1 13  ? -9.73854  9.45384   7.37131   1.000 27.23678 ? 13  TRP A O   1 
ATOM   31   C CB  . TRP A 1 13  ? -8.98727  12.04334  8.56543   1.000 25.20865 ? 13  TRP A CB  1 
ATOM   32   C CG  . TRP A 1 13  ? -8.55369  12.09917  10.00408  1.000 22.36466 ? 13  TRP A CG  1 
ATOM   33   C CD1 . TRP A 1 13  ? -8.25284  13.21954  10.71848  1.000 26.96659 ? 13  TRP A CD1 1 
ATOM   34   C CD2 . TRP A 1 13  ? -8.34184  10.99147  10.89145  1.000 31.33438 ? 13  TRP A CD2 1 
ATOM   35   N NE1 . TRP A 1 13  ? -7.88019  12.88450  11.99528  1.000 28.97390 ? 13  TRP A NE1 1 
ATOM   36   C CE2 . TRP A 1 13  ? -7.92631  11.52250  12.12812  1.000 31.38045 ? 13  TRP A CE2 1 
ATOM   37   C CE3 . TRP A 1 13  ? -8.47045  9.60507   10.76373  1.000 34.30726 ? 13  TRP A CE3 1 
ATOM   38   C CZ2 . TRP A 1 13  ? -7.63680  10.71711  13.22896  1.000 34.04711 ? 13  TRP A CZ2 1 
ATOM   39   C CZ3 . TRP A 1 13  ? -8.18506  8.80672   11.85913  1.000 38.71022 ? 13  TRP A CZ3 1 
ATOM   40   C CH2 . TRP A 1 13  ? -7.77181  9.36562   13.07495  1.000 35.87087 ? 13  TRP A CH2 1 
ATOM   41   N N   . TYR A 1 14  ? -11.17086 9.35705   9.10079   1.000 22.78146 ? 14  TYR A N   1 
ATOM   42   C CA  . TYR A 1 14  ? -11.25997 7.90604   9.09797   1.000 34.23883 ? 14  TYR A CA  1 
ATOM   43   C C   . TYR A 1 14  ? -12.42616 7.47615   8.21715   1.000 34.58892 ? 14  TYR A C   1 
ATOM   44   O O   . TYR A 1 14  ? -13.52322 8.03590   8.31234   1.000 27.68807 ? 14  TYR A O   1 
ATOM   45   C CB  . TYR A 1 14  ? -11.43100 7.37871   10.52367  1.000 31.76112 ? 14  TYR A CB  1 
ATOM   46   C CG  . TYR A 1 14  ? -11.58004 5.87934   10.61290  1.000 31.87482 ? 14  TYR A CG  1 
ATOM   47   C CD1 . TYR A 1 14  ? -10.46428 5.05327   10.63781  1.000 34.90052 ? 14  TYR A CD1 1 
ATOM   48   C CD2 . TYR A 1 14  ? -12.83571 5.28827   10.68478  1.000 30.90656 ? 14  TYR A CD2 1 
ATOM   49   C CE1 . TYR A 1 14  ? -10.59418 3.67735   10.72044  1.000 33.58236 ? 14  TYR A CE1 1 
ATOM   50   C CE2 . TYR A 1 14  ? -12.97586 3.91538   10.77226  1.000 30.81498 ? 14  TYR A CE2 1 
ATOM   51   C CZ  . TYR A 1 14  ? -11.85203 3.11364   10.78749  1.000 32.71256 ? 14  TYR A CZ  1 
ATOM   52   O OH  . TYR A 1 14  ? -11.98341 1.74469   10.87116  1.000 35.03440 ? 14  TYR A OH  1 
ATOM   53   N N   . HIS A 1 15  ? -12.18630 6.48371   7.35748   1.000 30.66030 ? 15  HIS A N   1 
ATOM   54   C CA  . HIS A 1 15  ? -13.19070 6.05479   6.39288   1.000 34.09471 ? 15  HIS A CA  1 
ATOM   55   C C   . HIS A 1 15  ? -13.47740 4.55792   6.45888   1.000 36.84118 ? 15  HIS A C   1 
ATOM   56   O O   . HIS A 1 15  ? -14.19414 4.03883   5.59379   1.000 32.55058 ? 15  HIS A O   1 
ATOM   57   C CB  . HIS A 1 15  ? -12.76730 6.46096   4.97589   1.000 24.69759 ? 15  HIS A CB  1 
ATOM   58   C CG  . HIS A 1 15  ? -12.75982 7.94235   4.75672   1.000 28.51796 ? 15  HIS A CG  1 
ATOM   59   N ND1 . HIS A 1 15  ? -13.83159 8.62067   4.21736   1.000 41.07807 ? 15  HIS A ND1 1 
ATOM   60   C CD2 . HIS A 1 15  ? -11.81833 8.87879   5.02194   1.000 30.47610 ? 15  HIS A CD2 1 
ATOM   61   C CE1 . HIS A 1 15  ? -13.54687 9.90905   4.14864   1.000 32.94759 ? 15  HIS A CE1 1 
ATOM   62   N NE2 . HIS A 1 15  ? -12.33126 10.09237  4.63131   1.000 35.94055 ? 15  HIS A NE2 1 
ATOM   63   N N   . GLY A 1 16  ? -12.93708 3.85533   7.45369   1.000 30.96249 ? 16  GLY A N   1 
ATOM   64   C CA  . GLY A 1 16  ? -13.36544 2.48996   7.72000   1.000 33.01236 ? 16  GLY A CA  1 
ATOM   65   C C   . GLY A 1 16  ? -12.94749 1.51232   6.64022   1.000 31.88873 ? 16  GLY A C   1 
ATOM   66   O O   . GLY A 1 16  ? -11.83152 1.56077   6.10962   1.000 31.67649 ? 16  GLY A O   1 
ATOM   67   N N   . HIS A 1 17  ? -13.85936 0.59211   6.32787   1.000 33.05731 ? 17  HIS A N   1 
ATOM   68   C CA  . HIS A 1 17  ? -13.64618 -0.40253  5.28616   1.000 33.30536 ? 17  HIS A CA  1 
ATOM   69   C C   . HIS A 1 17  ? -13.55023 0.27365   3.92688   1.000 29.00597 ? 17  HIS A C   1 
ATOM   70   O O   . HIS A 1 17  ? -14.57186 0.53818   3.28442   1.000 33.57610 ? 17  HIS A O   1 
ATOM   71   C CB  . HIS A 1 17  ? -14.77633 -1.43643  5.30361   1.000 42.26859 ? 17  HIS A CB  1 
ATOM   72   C CG  . HIS A 1 17  ? -14.46338 -2.69624  4.55589   1.000 41.47454 ? 17  HIS A CG  1 
ATOM   73   N ND1 . HIS A 1 17  ? -13.45027 -3.55290  4.93013   1.000 41.19149 ? 17  HIS A ND1 1 
ATOM   74   C CD2 . HIS A 1 17  ? -15.04801 -3.25754  3.47099   1.000 33.68834 ? 17  HIS A CD2 1 
ATOM   75   C CE1 . HIS A 1 17  ? -13.41601 -4.58070  4.10042   1.000 32.43231 ? 17  HIS A CE1 1 
ATOM   76   N NE2 . HIS A 1 17  ? -14.37452 -4.42543  3.20549   1.000 44.02992 ? 17  HIS A NE2 1 
ATOM   77   N N   . MET A 1 18  ? -12.32922 0.56950   3.48758   1.000 29.80721 ? 18  MET A N   1 
ATOM   78   C CA  . MET A 1 18  ? -12.11074 1.18132   2.18619   1.000 32.10139 ? 18  MET A CA  1 
ATOM   79   C C   . MET A 1 18  ? -10.81822 0.64935   1.58682   1.000 26.21152 ? 18  MET A C   1 
ATOM   80   O O   . MET A 1 18  ? -9.81366  0.49760   2.28712   1.000 28.32378 ? 18  MET A O   1 
ATOM   81   C CB  . MET A 1 18  ? -12.06407 2.70740   2.28387   1.000 23.86679 ? 18  MET A CB  1 
ATOM   82   C CG  . MET A 1 18  ? -12.14261 3.39978   0.94039   1.000 27.05686 ? 18  MET A CG  1 
ATOM   83   S SD  . MET A 1 18  ? -11.98976 5.17929   1.11684   1.000 31.30307 ? 18  MET A SD  1 
ATOM   84   C CE  . MET A 1 18  ? -10.29159 5.25442   1.64604   1.000 29.02641 ? 18  MET A CE  1 
ATOM   85   N N   . SER A 1 19  ? -10.85575 0.36165   0.29010   1.000 22.33280 ? 19  SER A N   1 
ATOM   86   C CA  . SER A 1 19  ? -9.72264  -0.24573  -0.38457  1.000 21.56166 ? 19  SER A CA  1 
ATOM   87   C C   . SER A 1 19  ? -8.65554  0.79865   -0.68951  1.000 22.96422 ? 19  SER A C   1 
ATOM   88   O O   . SER A 1 19  ? -8.92665  1.99829   -0.77257  1.000 28.20619 ? 19  SER A O   1 
ATOM   89   C CB  . SER A 1 19  ? -10.16942 -0.92367  -1.67867  1.000 26.28947 ? 19  SER A CB  1 
ATOM   90   O OG  . SER A 1 19  ? -10.66385 0.03089   -2.60139  1.000 26.82007 ? 19  SER A OG  1 
ATOM   91   N N   . GLY A 1 20  ? -7.42234  0.32226   -0.85878  1.000 27.02423 ? 20  GLY A N   1 
ATOM   92   C CA  . GLY A 1 20  ? -6.33975  1.22460   -1.21285  1.000 24.96002 ? 20  GLY A CA  1 
ATOM   93   C C   . GLY A 1 20  ? -6.57687  1.93551   -2.53090  1.000 25.93537 ? 20  GLY A C   1 
ATOM   94   O O   . GLY A 1 20  ? -6.27099  3.12283   -2.67077  1.000 23.97220 ? 20  GLY A O   1 
ATOM   95   N N   . GLY A 1 21  ? -7.12984  1.22034   -3.51390  1.000 27.48595 ? 21  GLY A N   1 
ATOM   96   C CA  . GLY A 1 21  ? -7.39410  1.82613   -4.80726  1.000 22.07380 ? 21  GLY A CA  1 
ATOM   97   C C   . GLY A 1 21  ? -8.47741  2.88386   -4.76712  1.000 23.42185 ? 21  GLY A C   1 
ATOM   98   O O   . GLY A 1 21  ? -8.41030  3.87222   -5.50417  1.000 23.11676 ? 21  GLY A O   1 
ATOM   99   N N   . GLN A 1 22  ? -9.49106  2.69705   -3.91913  1.000 19.85313 ? 22  GLN A N   1 
ATOM   100  C CA  . GLN A 1 22  ? -10.50712 3.73345   -3.77531  1.000 25.93436 ? 22  GLN A CA  1 
ATOM   101  C C   . GLN A 1 22  ? -9.93768  4.96875   -3.08742  1.000 27.22871 ? 22  GLN A C   1 
ATOM   102  O O   . GLN A 1 22  ? -10.29381 6.09938   -3.44052  1.000 33.44796 ? 22  GLN A O   1 
ATOM   103  C CB  . GLN A 1 22  ? -11.71582 3.20221   -3.00656  1.000 21.96835 ? 22  GLN A CB  1 
ATOM   104  C CG  . GLN A 1 22  ? -12.95144 4.06973   -3.19160  1.000 31.15556 ? 22  GLN A CG  1 
ATOM   105  C CD  . GLN A 1 22  ? -14.10119 3.67801   -2.28731  1.000 39.96150 ? 22  GLN A CD  1 
ATOM   106  O OE1 . GLN A 1 22  ? -14.11806 2.58829   -1.71196  1.000 40.76153 ? 22  GLN A OE1 1 
ATOM   107  N NE2 . GLN A 1 22  ? -15.07335 4.57306   -2.15522  1.000 31.43663 ? 22  GLN A NE2 1 
ATOM   108  N N   . ALA A 1 23  ? -9.06215  4.77323   -2.09704  1.000 24.59382 ? 23  ALA A N   1 
ATOM   109  C CA  . ALA A 1 23  ? -8.36142  5.89403   -1.47977  1.000 22.09482 ? 23  ALA A CA  1 
ATOM   110  C C   . ALA A 1 23  ? -7.59411  6.68910   -2.52797  1.000 25.67817 ? 23  ALA A C   1 
ATOM   111  O O   . ALA A 1 23  ? -7.70840  7.91721   -2.60905  1.000 20.97007 ? 23  ALA A O   1 
ATOM   112  C CB  . ALA A 1 23  ? -7.41546  5.38567   -0.38964  1.000 20.40218 ? 23  ALA A CB  1 
ATOM   113  N N   . GLU A 1 24  ? -6.81082  5.98479   -3.34927  1.000 22.85700 ? 24  GLU A N   1 
ATOM   114  C CA  . GLU A 1 24  ? -6.06818  6.61950   -4.43431  1.000 24.99786 ? 24  GLU A CA  1 
ATOM   115  C C   . GLU A 1 24  ? -6.98130  7.45140   -5.32467  1.000 20.97128 ? 24  GLU A C   1 
ATOM   116  O O   . GLU A 1 24  ? -6.71689  8.62984   -5.58428  1.000 24.44437 ? 24  GLU A O   1 
ATOM   117  C CB  . GLU A 1 24  ? -5.35355  5.54760   -5.25701  1.000 22.54685 ? 24  GLU A CB  1 
ATOM   118  C CG  . GLU A 1 24  ? -4.23044  6.07899   -6.12400  1.000 34.52714 ? 24  GLU A CG  1 
ATOM   119  C CD  . GLU A 1 24  ? -3.73121  5.06682   -7.13629  1.000 45.57874 ? 24  GLU A CD  1 
ATOM   120  O OE1 . GLU A 1 24  ? -4.47851  4.11996   -7.46250  1.000 43.80169 ? 24  GLU A OE1 1 
ATOM   121  O OE2 . GLU A 1 24  ? -2.57860  5.21693   -7.59624  1.000 52.04779 ? 24  GLU A OE2 1 
ATOM   122  N N   . THR A 1 25  ? -8.06000  6.84122   -5.81153  1.000 21.75487 ? 25  THR A N   1 
ATOM   123  C CA  . THR A 1 25  ? -9.02546  7.56775   -6.62688  1.000 24.20749 ? 25  THR A CA  1 
ATOM   124  C C   . THR A 1 25  ? -9.57487  8.77759   -5.88247  1.000 26.67113 ? 25  THR A C   1 
ATOM   125  O O   . THR A 1 25  ? -9.70696  9.86337   -6.45881  1.000 26.85251 ? 25  THR A O   1 
ATOM   126  C CB  . THR A 1 25  ? -10.16074 6.62948   -7.03813  1.000 20.66967 ? 25  THR A CB  1 
ATOM   127  O OG1 . THR A 1 25  ? -9.60669  5.42549   -7.57946  1.000 28.48562 ? 25  THR A OG1 1 
ATOM   128  C CG2 . THR A 1 25  ? -11.04173 7.28218   -8.08094  1.000 16.93186 ? 25  THR A CG2 1 
ATOM   129  N N   . LEU A 1 26  ? -9.88805  8.61166   -4.59476  1.000 25.72482 ? 26  LEU A N   1 
ATOM   130  C CA  . LEU A 1 26  ? -10.46348 9.70887   -3.82377  1.000 26.76142 ? 26  LEU A CA  1 
ATOM   131  C C   . LEU A 1 26  ? -9.45712  10.83563  -3.62055  1.000 26.67204 ? 26  LEU A C   1 
ATOM   132  O O   . LEU A 1 26  ? -9.80815  12.01714  -3.72273  1.000 28.03608 ? 26  LEU A O   1 
ATOM   133  C CB  . LEU A 1 26  ? -10.96980 9.18868   -2.47905  1.000 26.17063 ? 26  LEU A CB  1 
ATOM   134  C CG  . LEU A 1 26  ? -12.33620 8.50301   -2.50496  1.000 27.51865 ? 26  LEU A CG  1 
ATOM   135  C CD1 . LEU A 1 26  ? -12.74935 8.07048   -1.10661  1.000 22.37157 ? 26  LEU A CD1 1 
ATOM   136  C CD2 . LEU A 1 26  ? -13.38380 9.42197   -3.11474  1.000 21.71329 ? 26  LEU A CD2 1 
ATOM   137  N N   . LEU A 1 27  ? -8.19896  10.49061  -3.33899  1.000 25.01728 ? 27  LEU A N   1 
ATOM   138  C CA  . LEU A 1 27  ? -7.19352  11.50737  -3.05763  1.000 25.04046 ? 27  LEU A CA  1 
ATOM   139  C C   . LEU A 1 27  ? -6.65783  12.15215  -4.32864  1.000 28.41655 ? 27  LEU A C   1 
ATOM   140  O O   . LEU A 1 27  ? -6.33272  13.34367  -4.32038  1.000 32.61514 ? 27  LEU A O   1 
ATOM   141  C CB  . LEU A 1 27  ? -6.04265  10.90025  -2.25124  1.000 25.31576 ? 27  LEU A CB  1 
ATOM   142  C CG  . LEU A 1 27  ? -6.42735  10.29842  -0.89640  1.000 19.86559 ? 27  LEU A CG  1 
ATOM   143  C CD1 . LEU A 1 27  ? -5.38478  9.29384   -0.43659  1.000 17.66126 ? 27  LEU A CD1 1 
ATOM   144  C CD2 . LEU A 1 27  ? -6.63523  11.37796  0.14894   1.000 22.84761 ? 27  LEU A CD2 1 
ATOM   145  N N   . GLN A 1 28  ? -6.56492  11.39533  -5.42464  1.000 23.97433 ? 28  GLN A N   1 
ATOM   146  C CA  . GLN A 1 28  ? -6.01462  11.95244  -6.65698  1.000 23.04701 ? 28  GLN A CA  1 
ATOM   147  C C   . GLN A 1 28  ? -6.99127  12.91863  -7.31750  1.000 29.31612 ? 28  GLN A C   1 
ATOM   148  O O   . GLN A 1 28  ? -6.57348  13.92205  -7.90770  1.000 30.83056 ? 28  GLN A O   1 
ATOM   149  C CB  . GLN A 1 28  ? -5.63815  10.82871  -7.62322  1.000 18.88610 ? 28  GLN A CB  1 
ATOM   150  C CG  . GLN A 1 28  ? -4.33350  10.12085  -7.29050  1.000 24.88982 ? 28  GLN A CG  1 
ATOM   151  C CD  . GLN A 1 28  ? -4.04222  8.95615   -8.22327  1.000 29.03668 ? 28  GLN A CD  1 
ATOM   152  O OE1 . GLN A 1 28  ? -4.95616  8.34125   -8.77475  1.000 25.24391 ? 28  GLN A OE1 1 
ATOM   153  N NE2 . GLN A 1 28  ? -2.76170  8.64539   -8.39903  1.000 32.03237 ? 28  GLN A NE2 1 
ATOM   154  N N   . ALA A 1 29  ? -8.29222  12.62601  -7.24340  1.000 33.06434 ? 29  ALA A N   1 
ATOM   155  C CA  . ALA A 1 29  ? -9.29312  13.51809  -7.82096  1.000 38.33756 ? 29  ALA A CA  1 
ATOM   156  C C   . ALA A 1 29  ? -9.27562  14.87232  -7.12309  1.000 36.96894 ? 29  ALA A C   1 
ATOM   157  O O   . ALA A 1 29  ? -9.10700  15.91640  -7.76404  1.000 40.69649 ? 29  ALA A O   1 
ATOM   158  C CB  . ALA A 1 29  ? -10.67904 12.87418  -7.73957  1.000 32.07396 ? 29  ALA A CB  1 
ATOM   159  N N   . LYS A 1 30  ? -9.44310  14.87175  -5.80106  1.000 38.59993 ? 30  LYS A N   1 
ATOM   160  C CA  . LYS A 1 30  ? -9.23639  16.06391  -4.97941  1.000 41.42283 ? 30  LYS A CA  1 
ATOM   161  C C   . LYS A 1 30  ? -7.72897  16.21155  -4.78428  1.000 44.91404 ? 30  LYS A C   1 
ATOM   162  O O   . LYS A 1 30  ? -7.16867  15.92648  -3.72236  1.000 51.83760 ? 30  LYS A O   1 
ATOM   163  C CB  . LYS A 1 30  ? -9.99101  15.93270  -3.66135  1.000 42.10303 ? 30  LYS A CB  1 
ATOM   164  C CG  . LYS A 1 30  ? -9.95868  17.14437  -2.75161  1.000 48.34303 ? 30  LYS A CG  1 
ATOM   165  C CD  . LYS A 1 30  ? -8.61708  17.29277  -2.07416  1.000 50.97303 ? 30  LYS A CD  1 
ATOM   166  C CE  . LYS A 1 30  ? -8.80833  17.89221  -0.69394  1.000 51.12303 ? 30  LYS A CE  1 
ATOM   167  N NZ  . LYS A 1 30  ? -9.81194  19.00094  -0.66490  1.000 56.04303 ? 30  LYS A NZ  1 
ATOM   168  N N   . GLY A 1 31  ? -7.06639  16.67705  -5.84472  1.000 34.69323 ? 31  GLY A N   1 
ATOM   169  C CA  . GLY A 1 31  ? -5.63529  16.49260  -6.00241  1.000 28.28019 ? 31  GLY A CA  1 
ATOM   170  C C   . GLY A 1 31  ? -4.71305  17.52801  -5.39384  1.000 29.92718 ? 31  GLY A C   1 
ATOM   171  O O   . GLY A 1 31  ? -3.90491  18.13634  -6.10196  1.000 24.09303 ? 31  GLY A O   1 
ATOM   172  N N   . GLU A 1 32  ? -4.79796  17.71852  -4.08234  1.000 30.86144 ? 32  GLU A N   1 
ATOM   173  C CA  . GLU A 1 32  ? -3.89025  18.61264  -3.38510  1.000 27.47136 ? 32  GLU A CA  1 
ATOM   174  C C   . GLU A 1 32  ? -2.88970  17.79928  -2.58230  1.000 31.78343 ? 32  GLU A C   1 
ATOM   175  O O   . GLU A 1 32  ? -3.28847  16.85535  -1.88602  1.000 29.92070 ? 32  GLU A O   1 
ATOM   176  C CB  . GLU A 1 32  ? -4.66526  19.55257  -2.46197  1.000 19.33422 ? 32  GLU A CB  1 
ATOM   177  C CG  . GLU A 1 32  ? -5.53432  20.54132  -3.21079  1.000 20.77235 ? 32  GLU A CG  1 
ATOM   178  C CD  . GLU A 1 32  ? -6.59951  21.16264  -2.33332  1.000 31.68070 ? 32  GLU A CD  1 
ATOM   179  O OE1 . GLU A 1 32  ? -6.78611  20.67775  -1.19893  1.000 40.92876 ? 32  GLU A OE1 1 
ATOM   180  O OE2 . GLU A 1 32  ? -7.24925  22.13353  -2.77386  1.000 30.07231 ? 32  GLU A OE2 1 
ATOM   181  N N   . PRO A 1 33  ? -1.59809  18.12204  -2.65253  1.000 28.58202 ? 33  PRO A N   1 
ATOM   182  C CA  . PRO A 1 33  ? -0.59284  17.28471  -1.98695  1.000 25.78907 ? 33  PRO A CA  1 
ATOM   183  C C   . PRO A 1 33  ? -0.82380  17.18726  -0.48747  1.000 21.57866 ? 33  PRO A C   1 
ATOM   184  O O   . PRO A 1 33  ? -1.38822  18.08530  0.14026   1.000 22.97892 ? 33  PRO A O   1 
ATOM   185  C CB  . PRO A 1 33  ? 0.72945   17.99674  -2.29930  1.000 27.18869 ? 33  PRO A CB  1 
ATOM   186  C CG  . PRO A 1 33  ? 0.44174   18.83511  -3.50447  1.000 22.63869 ? 33  PRO A CG  1 
ATOM   187  C CD  . PRO A 1 33  ? -0.99123  19.25014  -3.37843  1.000 21.62667 ? 33  PRO A CD  1 
ATOM   188  N N   . TRP A 1 34  ? -0.38209  16.06319  0.07585   1.000 28.53400 ? 34  TRP A N   1 
ATOM   189  C CA  . TRP A 1 34  ? -0.41227  15.81952  1.51608   1.000 25.62519 ? 34  TRP A CA  1 
ATOM   190  C C   . TRP A 1 34  ? -1.83656  15.78347  2.06158   1.000 30.39622 ? 34  TRP A C   1 
ATOM   191  O O   . TRP A 1 34  ? -2.08158  16.16513  3.20911   1.000 33.69933 ? 34  TRP A O   1 
ATOM   192  C CB  . TRP A 1 34  ? 0.43614   16.84984  2.26853   1.000 21.79241 ? 34  TRP A CB  1 
ATOM   193  C CG  . TRP A 1 34  ? 1.78538   17.10255  1.63588   1.000 23.32542 ? 34  TRP A CG  1 
ATOM   194  C CD1 . TRP A 1 34  ? 2.33680   18.31711  1.34835   1.000 20.44893 ? 34  TRP A CD1 1 
ATOM   195  C CD2 . TRP A 1 34  ? 2.74686   16.11865  1.21340   1.000 25.73891 ? 34  TRP A CD2 1 
ATOM   196  N NE1 . TRP A 1 34  ? 3.57452   18.15407  0.77604   1.000 19.83005 ? 34  TRP A NE1 1 
ATOM   197  C CE2 . TRP A 1 34  ? 3.85053   16.81592  0.68226   1.000 25.25582 ? 34  TRP A CE2 1 
ATOM   198  C CE3 . TRP A 1 34  ? 2.78232   14.71864  1.23391   1.000 27.27526 ? 34  TRP A CE3 1 
ATOM   199  C CZ2 . TRP A 1 34  ? 4.97569   16.16328  0.17585   1.000 22.56768 ? 34  TRP A CZ2 1 
ATOM   200  C CZ3 . TRP A 1 34  ? 3.90252   14.07206  0.72667   1.000 24.42594 ? 34  TRP A CZ3 1 
ATOM   201  C CH2 . TRP A 1 34  ? 4.98202   14.79567  0.20714   1.000 21.96449 ? 34  TRP A CH2 1 
ATOM   202  N N   . THR A 1 35  ? -2.78525  15.33018  1.24323   1.000 27.79160 ? 35  THR A N   1 
ATOM   203  C CA  . THR A 1 35  ? -4.12985  15.02297  1.71354   1.000 29.63662 ? 35  THR A CA  1 
ATOM   204  C C   . THR A 1 35  ? -4.17694  13.55982  2.13770   1.000 27.06336 ? 35  THR A C   1 
ATOM   205  O O   . THR A 1 35  ? -3.79034  12.67184  1.37093   1.000 24.56656 ? 35  THR A O   1 
ATOM   206  C CB  . THR A 1 35  ? -5.17621  15.30147  0.63232   1.000 26.23896 ? 35  THR A CB  1 
ATOM   207  O OG1 . THR A 1 35  ? -5.19315  16.70162  0.33048   1.000 29.56820 ? 35  THR A OG1 1 
ATOM   208  C CG2 . THR A 1 35  ? -6.56064  14.88838  1.11212   1.000 27.14942 ? 35  THR A CG2 1 
ATOM   209  N N   . PHE A 1 36  ? -4.64315  13.31207  3.35835   1.000 25.25364 ? 36  PHE A N   1 
ATOM   210  C CA  . PHE A 1 36  ? -4.54780  11.99265  3.96196   1.000 26.27826 ? 36  PHE A CA  1 
ATOM   211  C C   . PHE A 1 36  ? -5.91166  11.51586  4.44091   1.000 29.45421 ? 36  PHE A C   1 
ATOM   212  O O   . PHE A 1 36  ? -6.83287  12.30707  4.65818   1.000 32.91547 ? 36  PHE A O   1 
ATOM   213  C CB  . PHE A 1 36  ? -3.57202  11.99331  5.14331   1.000 22.20856 ? 36  PHE A CB  1 
ATOM   214  C CG  . PHE A 1 36  ? -4.09621  12.70716  6.35862   1.000 25.45329 ? 36  PHE A CG  1 
ATOM   215  C CD1 . PHE A 1 36  ? -4.02333  14.08822  6.45730   1.000 34.24559 ? 36  PHE A CD1 1 
ATOM   216  C CD2 . PHE A 1 36  ? -4.67419  11.99786  7.39679   1.000 23.77434 ? 36  PHE A CD2 1 
ATOM   217  C CE1 . PHE A 1 36  ? -4.51007  14.74651  7.57322   1.000 32.42991 ? 36  PHE A CE1 1 
ATOM   218  C CE2 . PHE A 1 36  ? -5.16488  12.64916  8.51097   1.000 29.71843 ? 36  PHE A CE2 1 
ATOM   219  C CZ  . PHE A 1 36  ? -5.08315  14.02571  8.59890   1.000 33.68495 ? 36  PHE A CZ  1 
ATOM   220  N N   . LEU A 1 37  ? -6.02071  10.19882  4.61150   1.000 28.63849 ? 37  LEU A N   1 
ATOM   221  C CA  . LEU A 1 37  ? -7.13653  9.59609   5.32770   1.000 29.03764 ? 37  LEU A CA  1 
ATOM   222  C C   . LEU A 1 37  ? -6.67674  8.27654   5.93140   1.000 29.45408 ? 37  LEU A C   1 
ATOM   223  O O   . LEU A 1 37  ? -5.68623  7.68177   5.49765   1.000 28.84677 ? 37  LEU A O   1 
ATOM   224  C CB  . LEU A 1 37  ? -8.36523  9.38416   4.42812   1.000 23.08950 ? 37  LEU A CB  1 
ATOM   225  C CG  . LEU A 1 37  ? -8.21751  8.72904   3.05237   1.000 26.85596 ? 37  LEU A CG  1 
ATOM   226  C CD1 . LEU A 1 37  ? -7.91488  7.24282   3.15873   1.000 29.20386 ? 37  LEU A CD1 1 
ATOM   227  C CD2 . LEU A 1 37  ? -9.48366  8.94534   2.24101   1.000 21.70701 ? 37  LEU A CD2 1 
ATOM   228  N N   . VAL A 1 38  ? -7.41252  7.82005   6.93800   1.000 29.65198 ? 38  VAL A N   1 
ATOM   229  C CA  . VAL A 1 38  ? -7.14027  6.54955   7.59426   1.000 25.14404 ? 38  VAL A CA  1 
ATOM   230  C C   . VAL A 1 38  ? -8.24816  5.57545   7.23217   1.000 28.70449 ? 38  VAL A C   1 
ATOM   231  O O   . VAL A 1 38  ? -9.43244  5.93056   7.24582   1.000 31.61926 ? 38  VAL A O   1 
ATOM   232  C CB  . VAL A 1 38  ? -7.03082  6.70090   9.12222   1.000 29.08742 ? 38  VAL A CB  1 
ATOM   233  C CG1 . VAL A 1 38  ? -6.84788  5.33105   9.77711   1.000 33.35549 ? 38  VAL A CG1 1 
ATOM   234  C CG2 . VAL A 1 38  ? -5.90013  7.65203   9.48205   1.000 26.50565 ? 38  VAL A CG2 1 
ATOM   235  N N   . ARG A 1 39  ? -7.85789  4.34573   6.91236   1.000 30.50392 ? 39  ARG A N   1 
ATOM   236  C CA  . ARG A 1 39  ? -8.78343  3.27937   6.56814   1.000 30.55447 ? 39  ARG A CA  1 
ATOM   237  C C   . ARG A 1 39  ? -8.25138  1.97666   7.14606   1.000 26.42625 ? 39  ARG A C   1 
ATOM   238  O O   . ARG A 1 39  ? -7.04220  1.82002   7.33254   1.000 34.60026 ? 39  ARG A O   1 
ATOM   239  C CB  . ARG A 1 39  ? -8.93938  3.15885   5.05078   1.000 27.21718 ? 39  ARG A CB  1 
ATOM   240  C CG  . ARG A 1 39  ? -7.63089  2.80940   4.37447   1.000 21.89978 ? 39  ARG A CG  1 
ATOM   241  C CD  . ARG A 1 39  ? -7.72113  2.84960   2.86617   1.000 20.54640 ? 39  ARG A CD  1 
ATOM   242  N NE  . ARG A 1 39  ? -6.46656  2.42140   2.25534   1.000 23.17909 ? 39  ARG A NE  1 
ATOM   243  C CZ  . ARG A 1 39  ? -6.04153  1.16117   2.22665   1.000 28.01019 ? 39  ARG A CZ  1 
ATOM   244  N NH1 . ARG A 1 39  ? -6.77688  0.19627   2.76289   1.000 33.07035 ? 39  ARG A NH1 1 
ATOM   245  N NH2 . ARG A 1 39  ? -4.88330  0.86010   1.65401   1.000 28.53913 ? 39  ARG A NH2 1 
ATOM   246  N N   . GLU A 1 40  ? -9.15476  1.04221   7.43513   1.000 27.12429 ? 40  GLU A N   1 
ATOM   247  C CA  . GLU A 1 40  ? -8.71052  -0.26446  7.89982   1.000 31.88840 ? 40  GLU A CA  1 
ATOM   248  C C   . GLU A 1 40  ? -8.04761  -1.02717  6.75837   1.000 34.82832 ? 40  GLU A C   1 
ATOM   249  O O   . GLU A 1 40  ? -8.37310  -0.84159  5.58212   1.000 33.06801 ? 40  GLU A O   1 
ATOM   250  C CB  . GLU A 1 40  ? -9.87438  -1.08161  8.46592   1.000 26.98698 ? 40  GLU A CB  1 
ATOM   251  C CG  . GLU A 1 40  ? -11.08030 -1.16934  7.56156   1.000 39.49429 ? 40  GLU A CG  1 
ATOM   252  C CD  . GLU A 1 40  ? -12.28413 -1.80131  8.23778   1.000 45.26585 ? 40  GLU A CD  1 
ATOM   253  O OE1 . GLU A 1 40  ? -12.34264 -3.04608  8.31658   1.000 44.23877 ? 40  GLU A OE1 1 
ATOM   254  O OE2 . GLU A 1 40  ? -13.17147 -1.05016  8.69534   1.000 48.03717 ? 40  GLU A OE2 1 
ATOM   255  N N   . SER A 1 41  ? -7.09605  -1.88249  7.11814   1.000 28.02114 ? 41  SER A N   1 
ATOM   256  C CA  . SER A 1 41  ? -6.37991  -2.68247  6.13592   1.000 29.03143 ? 41  SER A CA  1 
ATOM   257  C C   . SER A 1 41  ? -7.21174  -3.89898  5.75380   1.000 29.69982 ? 41  SER A C   1 
ATOM   258  O O   . SER A 1 41  ? -7.70801  -4.61700  6.62678   1.000 35.22426 ? 41  SER A O   1 
ATOM   259  C CB  . SER A 1 41  ? -5.02617  -3.12059  6.69553   1.000 30.12600 ? 41  SER A CB  1 
ATOM   260  O OG  . SER A 1 41  ? -4.56413  -4.29968  6.05762   1.000 25.44826 ? 41  SER A OG  1 
ATOM   261  N N   . LEU A 1 42  ? -7.37594  -4.12250  4.44956   1.000 32.60317 ? 42  LEU A N   1 
ATOM   262  C CA  . LEU A 1 42  ? -8.06018  -5.31375  3.96230   1.000 36.17733 ? 42  LEU A CA  1 
ATOM   263  C C   . LEU A 1 42  ? -7.13219  -6.51647  3.85187   1.000 39.85352 ? 42  LEU A C   1 
ATOM   264  O O   . LEU A 1 42  ? -7.60904  -7.63125  3.60798   1.000 33.93985 ? 42  LEU A O   1 
ATOM   265  C CB  . LEU A 1 42  ? -8.71366  -5.04796  2.59843   1.000 27.03057 ? 42  LEU A CB  1 
ATOM   266  C CG  . LEU A 1 42  ? -9.47712  -3.73694  2.37614   1.000 31.41550 ? 42  LEU A CG  1 
ATOM   267  C CD1 . LEU A 1 42  ? -10.32734 -3.83450  1.11707   1.000 33.10119 ? 42  LEU A CD1 1 
ATOM   268  C CD2 . LEU A 1 42  ? -10.33561 -3.35858  3.57713   1.000 28.64141 ? 42  LEU A CD2 1 
ATOM   269  N N   . SER A 1 43  ? -5.82561  -6.31755  4.02340   1.000 34.04404 ? 43  SER A N   1 
ATOM   270  C CA  . SER A 1 43  ? -4.87427  -7.41998  4.02990   1.000 32.21585 ? 43  SER A CA  1 
ATOM   271  C C   . SER A 1 43  ? -4.69280  -8.00736  5.42315   1.000 38.58616 ? 43  SER A C   1 
ATOM   272  O O   . SER A 1 43  ? -4.61545  -9.23153  5.57310   1.000 36.59357 ? 43  SER A O   1 
ATOM   273  C CB  . SER A 1 43  ? -3.52398  -6.95375  3.48304   1.000 27.02731 ? 43  SER A CB  1 
ATOM   274  O OG  . SER A 1 43  ? -2.98373  -5.91316  4.27885   1.000 47.35277 ? 43  SER A OG  1 
ATOM   275  N N   . GLN A 1 44  ? -4.61916  -7.16010  6.44284   1.000 33.33540 ? 44  GLN A N   1 
ATOM   276  C CA  . GLN A 1 44  ? -4.50605  -7.61149  7.82903   1.000 36.67025 ? 44  GLN A CA  1 
ATOM   277  C C   . GLN A 1 44  ? -5.66626  -7.05587  8.63820   1.000 38.32600 ? 44  GLN A C   1 
ATOM   278  O O   . GLN A 1 44  ? -5.74305  -5.82913  8.84265   1.000 31.59427 ? 44  GLN A O   1 
ATOM   279  C CB  . GLN A 1 44  ? -3.17583  -7.17739  8.44359   1.000 28.63481 ? 44  GLN A CB  1 
ATOM   280  C CG  . GLN A 1 44  ? -3.02119  -7.56757  9.90715   1.000 42.34875 ? 44  GLN A CG  1 
ATOM   281  C CD  . GLN A 1 44  ? -3.09073  -9.07088  10.13567  1.000 50.83604 ? 44  GLN A CD  1 
ATOM   282  O OE1 . GLN A 1 44  ? -4.00843  -9.56987  10.79054  1.000 40.47581 ? 44  GLN A OE1 1 
ATOM   283  N NE2 . GLN A 1 44  ? -2.10983  -9.79690  9.60910   1.000 37.61359 ? 44  GLN A NE2 1 
ATOM   284  N N   . PRO A 1 45  ? -6.58715  -7.89475  9.10992   1.000 41.01933 ? 45  PRO A N   1 
ATOM   285  C CA  . PRO A 1 45  ? -7.67132  -7.38786  9.95866   1.000 39.73296 ? 45  PRO A CA  1 
ATOM   286  C C   . PRO A 1 45  ? -7.13308  -6.88976  11.29127  1.000 45.04004 ? 45  PRO A C   1 
ATOM   287  O O   . PRO A 1 45  ? -6.20463  -7.46652  11.86407  1.000 35.89319 ? 45  PRO A O   1 
ATOM   288  C CB  . PRO A 1 45  ? -8.58384  -8.60602  10.14114  1.000 33.78581 ? 45  PRO A CB  1 
ATOM   289  C CG  . PRO A 1 45  ? -7.70923  -9.78360  9.87714   1.000 31.78451 ? 45  PRO A CG  1 
ATOM   290  C CD  . PRO A 1 45  ? -6.69365  -9.34285  8.86777   1.000 29.43724 ? 45  PRO A CD  1 
ATOM   291  N N   . GLY A 1 46  ? -7.72958  -5.80341  11.78358  1.000 41.05144 ? 46  GLY A N   1 
ATOM   292  C CA  . GLY A 1 46  ? -7.28203  -5.15999  12.99652  1.000 40.06832 ? 46  GLY A CA  1 
ATOM   293  C C   . GLY A 1 46  ? -6.27842  -4.04836  12.78776  1.000 30.27640 ? 46  GLY A C   1 
ATOM   294  O O   . GLY A 1 46  ? -6.19598  -3.14203  13.62266  1.000 35.87468 ? 46  GLY A O   1 
ATOM   295  N N   . ASP A 1 47  ? -5.51282  -4.09358  11.70460  1.000 28.35730 ? 47  ASP A N   1 
ATOM   296  C CA  . ASP A 1 47  ? -4.60137  -3.01545  11.36908  1.000 30.17775 ? 47  ASP A CA  1 
ATOM   297  C C   . ASP A 1 47  ? -5.32399  -1.95190  10.54873  1.000 39.60663 ? 47  ASP A C   1 
ATOM   298  O O   . ASP A 1 47  ? -6.49762  -2.08550  10.19051  1.000 37.25305 ? 47  ASP A O   1 
ATOM   299  C CB  . ASP A 1 47  ? -3.38726  -3.54874  10.60953  1.000 27.17169 ? 47  ASP A CB  1 
ATOM   300  C CG  . ASP A 1 47  ? -2.58318  -4.54089  11.42420  1.000 42.78841 ? 47  ASP A CG  1 
ATOM   301  O OD1 . ASP A 1 47  ? -3.05940  -4.94553  12.50670  1.000 46.24184 ? 47  ASP A OD1 1 
ATOM   302  O OD2 . ASP A 1 47  ? -1.47219  -4.90994  10.98905  1.000 46.63797 ? 47  ASP A OD2 1 
ATOM   303  N N   . PHE A 1 48  ? -4.60601  -0.87236  10.26444  1.000 33.53210 ? 48  PHE A N   1 
ATOM   304  C CA  . PHE A 1 48  ? -5.14486  0.24313   9.50784   1.000 28.70507 ? 48  PHE A CA  1 
ATOM   305  C C   . PHE A 1 48  ? -4.09534  0.69683   8.50396   1.000 24.38890 ? 48  PHE A C   1 
ATOM   306  O O   . PHE A 1 48  ? -2.95247  0.23132   8.51470   1.000 25.92871 ? 48  PHE A O   1 
ATOM   307  C CB  . PHE A 1 48  ? -5.57737  1.38669   10.43969  1.000 20.17110 ? 48  PHE A CB  1 
ATOM   308  C CG  . PHE A 1 48  ? -6.60454  0.97370   11.46357  1.000 27.04748 ? 48  PHE A CG  1 
ATOM   309  C CD1 . PHE A 1 48  ? -6.21988  0.35412   12.64380  1.000 28.51535 ? 48  PHE A CD1 1 
ATOM   310  C CD2 . PHE A 1 48  ? -7.95648  1.18521   11.23565  1.000 32.05177 ? 48  PHE A CD2 1 
ATOM   311  C CE1 . PHE A 1 48  ? -7.15853  -0.04033  13.57541  1.000 27.53021 ? 48  PHE A CE1 1 
ATOM   312  C CE2 . PHE A 1 48  ? -8.89949  0.79434   12.16593  1.000 29.92515 ? 48  PHE A CE2 1 
ATOM   313  C CZ  . PHE A 1 48  ? -8.49914  0.18065   13.33630  1.000 34.35072 ? 48  PHE A CZ  1 
ATOM   314  N N   . VAL A 1 49  ? -4.49003  1.60476   7.61725   1.000 27.66207 ? 49  VAL A N   1 
ATOM   315  C CA  . VAL A 1 49  ? -3.61065  2.09359   6.56351   1.000 25.65870 ? 49  VAL A CA  1 
ATOM   316  C C   . VAL A 1 49  ? -3.74783  3.60595   6.48222   1.000 21.85654 ? 49  VAL A C   1 
ATOM   317  O O   . VAL A 1 49  ? -4.86532  4.13378   6.47207   1.000 26.96823 ? 49  VAL A O   1 
ATOM   318  C CB  . VAL A 1 49  ? -3.92498  1.44346   5.20114   1.000 23.93170 ? 49  VAL A CB  1 
ATOM   319  C CG1 . VAL A 1 49  ? -3.11368  2.10100   4.10705   1.000 22.44210 ? 49  VAL A CG1 1 
ATOM   320  C CG2 . VAL A 1 49  ? -3.64024  -0.05458  5.23855   1.000 22.40911 ? 49  VAL A CG2 1 
ATOM   321  N N   . LEU A 1 50  ? -2.61167  4.29720   6.44546   1.000 27.17336 ? 50  LEU A N   1 
ATOM   322  C CA  . LEU A 1 50  ? -2.55381  5.74056   6.24133   1.000 25.74815 ? 50  LEU A CA  1 
ATOM   323  C C   . LEU A 1 50  ? -2.30545  5.99425   4.75845   1.000 23.61400 ? 50  LEU A C   1 
ATOM   324  O O   . LEU A 1 50  ? -1.19728  5.76779   4.26143   1.000 24.31140 ? 50  LEU A O   1 
ATOM   325  C CB  . LEU A 1 50  ? -1.45637  6.35971   7.10536   1.000 23.72489 ? 50  LEU A CB  1 
ATOM   326  C CG  . LEU A 1 50  ? -1.87923  7.18798   8.31999   1.000 22.45476 ? 50  LEU A CG  1 
ATOM   327  C CD1 . LEU A 1 50  ? -0.65355  7.66767   9.08636   1.000 19.20210 ? 50  LEU A CD1 1 
ATOM   328  C CD2 . LEU A 1 50  ? -2.74570  8.37109   7.88706   1.000 28.46952 ? 50  LEU A CD2 1 
ATOM   329  N N   . SER A 1 51  ? -3.33915  6.44478   4.05122   1.000 26.93226 ? 51  SER A N   1 
ATOM   330  C CA  . SER A 1 51  ? -3.26454  6.68769   2.61520   1.000 21.61923 ? 51  SER A CA  1 
ATOM   331  C C   . SER A 1 51  ? -3.08289  8.18050   2.37138   1.000 24.63770 ? 51  SER A C   1 
ATOM   332  O O   . SER A 1 51  ? -3.95802  8.98338   2.71483   1.000 24.16418 ? 51  SER A O   1 
ATOM   333  C CB  . SER A 1 51  ? -4.51426  6.16635   1.90821   1.000 16.64756 ? 51  SER A CB  1 
ATOM   334  O OG  . SER A 1 51  ? -4.46057  4.75628   1.77135   1.000 22.38179 ? 51  SER A OG  1 
ATOM   335  N N   . VAL A 1 52  ? -1.95031  8.54518   1.77705   1.000 25.55227 ? 52  VAL A N   1 
ATOM   336  C CA  . VAL A 1 52  ? -1.53818  9.93454   1.63350   1.000 20.76599 ? 52  VAL A CA  1 
ATOM   337  C C   . VAL A 1 52  ? -1.28540  10.23216  0.16340   1.000 18.63034 ? 52  VAL A C   1 
ATOM   338  O O   . VAL A 1 52  ? -0.68041  9.42399   -0.54912  1.000 24.42975 ? 52  VAL A O   1 
ATOM   339  C CB  . VAL A 1 52  ? -0.27712  10.22804  2.47199   1.000 20.27187 ? 52  VAL A CB  1 
ATOM   340  C CG1 . VAL A 1 52  ? 0.07488   11.70565  2.41489   1.000 22.67524 ? 52  VAL A CG1 1 
ATOM   341  C CG2 . VAL A 1 52  ? -0.47947  9.76894   3.90786   1.000 18.36282 ? 52  VAL A CG2 1 
ATOM   342  N N   . LEU A 1 53  ? -1.75056  11.39410  -0.28732  1.000 23.02493 ? 53  LEU A N   1 
ATOM   343  C CA  . LEU A 1 53  ? -1.44423  11.88955  -1.62283  1.000 22.28534 ? 53  LEU A CA  1 
ATOM   344  C C   . LEU A 1 53  ? -0.14774  12.68942  -1.56211  1.000 21.62898 ? 53  LEU A C   1 
ATOM   345  O O   . LEU A 1 53  ? -0.06264  13.69038  -0.84366  1.000 18.97059 ? 53  LEU A O   1 
ATOM   346  C CB  . LEU A 1 53  ? -2.58803  12.74832  -2.16225  1.000 20.54046 ? 53  LEU A CB  1 
ATOM   347  C CG  . LEU A 1 53  ? -2.43480  13.25050  -3.60264  1.000 24.58713 ? 53  LEU A CG  1 
ATOM   348  C CD1 . LEU A 1 53  ? -2.65184  12.13182  -4.60082  1.000 21.16342 ? 53  LEU A CD1 1 
ATOM   349  C CD2 . LEU A 1 53  ? -3.38150  14.40482  -3.88959  1.000 32.96505 ? 53  LEU A CD2 1 
ATOM   350  N N   . SER A 1 54  ? 0.86091   12.24363  -2.30297  1.000 19.78002 ? 54  SER A N   1 
ATOM   351  C CA  . SER A 1 54  ? 2.14002   12.93284  -2.32030  1.000 22.81244 ? 54  SER A CA  1 
ATOM   352  C C   . SER A 1 54  ? 2.06112   14.16939  -3.20996  1.000 23.21249 ? 54  SER A C   1 
ATOM   353  O O   . SER A 1 54  ? 1.00098   14.53688  -3.72424  1.000 27.00291 ? 54  SER A O   1 
ATOM   354  C CB  . SER A 1 54  ? 3.24484   11.99663  -2.80273  1.000 25.10982 ? 54  SER A CB  1 
ATOM   355  O OG  . SER A 1 54  ? 3.00880   11.58891  -4.14081  1.000 25.26963 ? 54  SER A OG  1 
ATOM   356  N N   . ASP A 1 55  ? 3.20714   14.82247  -3.38895  1.000 27.36147 ? 55  ASP A N   1 
ATOM   357  C CA  . ASP A 1 55  ? 3.35735   15.88932  -4.36665  1.000 25.94074 ? 55  ASP A CA  1 
ATOM   358  C C   . ASP A 1 55  ? 4.08209   15.42836  -5.62205  1.000 24.52562 ? 55  ASP A C   1 
ATOM   359  O O   . ASP A 1 55  ? 4.30822   16.23905  -6.52482  1.000 29.50032 ? 55  ASP A O   1 
ATOM   360  C CB  . ASP A 1 55  ? 4.10263   17.07894  -3.75151  1.000 28.16285 ? 55  ASP A CB  1 
ATOM   361  C CG  . ASP A 1 55  ? 5.49526   16.71483  -3.25712  1.000 30.55979 ? 55  ASP A CG  1 
ATOM   362  O OD1 . ASP A 1 55  ? 5.86986   15.52312  -3.30445  1.000 21.05715 ? 55  ASP A OD1 1 
ATOM   363  O OD2 . ASP A 1 55  ? 6.22059   17.63665  -2.82240  1.000 30.27301 ? 55  ASP A OD2 1 
ATOM   364  N N   . GLN A 1 56  ? 4.44990   14.15246  -5.69958  1.000 25.21096 ? 56  GLN A N   1 
ATOM   365  C CA  . GLN A 1 56  ? 5.22417   13.64434  -6.82522  1.000 26.96896 ? 56  GLN A CA  1 
ATOM   366  C C   . GLN A 1 56  ? 4.29445   13.08825  -7.89409  1.000 26.58564 ? 56  GLN A C   1 
ATOM   367  O O   . GLN A 1 56  ? 3.47310   12.21225  -7.59790  1.000 29.66599 ? 56  GLN A O   1 
ATOM   368  C CB  . GLN A 1 56  ? 6.18987   12.55988  -6.37536  1.000 25.76194 ? 56  GLN A CB  1 
ATOM   369  C CG  . GLN A 1 56  ? 7.31065   12.29106  -7.36395  1.000 29.05901 ? 56  GLN A CG  1 
ATOM   370  C CD  . GLN A 1 56  ? 7.79197   10.85658  -7.31962  1.000 53.35035 ? 56  GLN A CD  1 
ATOM   371  O OE1 . GLN A 1 56  ? 7.12208   9.97926   -6.77082  1.000 55.59393 ? 56  GLN A OE1 1 
ATOM   372  N NE2 . GLN A 1 56  ? 8.95895   10.60802  -7.90179  1.000 57.66268 ? 56  GLN A NE2 1 
ATOM   373  N N   . PRO A 1 57  ? 4.38656   13.57264  -9.12851  1.000 31.05711 ? 57  PRO A N   1 
ATOM   374  C CA  . PRO A 1 57  ? 3.54381   13.02318  -10.19559 1.000 26.78040 ? 57  PRO A CA  1 
ATOM   375  C C   . PRO A 1 57  ? 3.86371   11.55921  -10.45933 1.000 26.11741 ? 57  PRO A C   1 
ATOM   376  O O   . PRO A 1 57  ? 5.01668   11.13037  -10.38077 1.000 32.06132 ? 57  PRO A O   1 
ATOM   377  C CB  . PRO A 1 57  ? 3.88457   13.89929  -11.40608 1.000 28.17802 ? 57  PRO A CB  1 
ATOM   378  C CG  . PRO A 1 57  ? 4.45862   15.15528  -10.83313 1.000 31.10727 ? 57  PRO A CG  1 
ATOM   379  C CD  . PRO A 1 57  ? 5.13378   14.76804  -9.55526  1.000 25.28684 ? 57  PRO A CD  1 
ATOM   380  N N   . LYS A 1 58  ? 2.81932   10.78987  -10.77803 1.000 26.45226 ? 58  LYS A N   1 
ATOM   381  C CA  . LYS A 1 58  ? 3.01412   9.38526   -11.11917 1.000 24.68667 ? 58  LYS A CA  1 
ATOM   382  C C   . LYS A 1 58  ? 3.83659   9.23185   -12.38920 1.000 26.73681 ? 58  LYS A C   1 
ATOM   383  O O   . LYS A 1 58  ? 4.49758   8.20540   -12.58217 1.000 35.76202 ? 58  LYS A O   1 
ATOM   384  C CB  . LYS A 1 58  ? 1.66158   8.69096   -11.27795 1.000 30.04483 ? 58  LYS A CB  1 
ATOM   385  C CG  . LYS A 1 58  ? 1.34645   7.68559   -10.18212 1.000 39.73759 ? 58  LYS A CG  1 
ATOM   386  C CD  . LYS A 1 58  ? 0.00421   7.00779   -10.41459 1.000 37.33617 ? 58  LYS A CD  1 
ATOM   387  C CE  . LYS A 1 58  ? 0.09800   5.96268   -11.51205 1.000 36.56874 ? 58  LYS A CE  1 
ATOM   388  N NZ  . LYS A 1 58  ? 1.32218   5.13046   -11.37360 1.000 41.60434 ? 58  LYS A NZ  1 
ATOM   389  N N   . ALA A 1 59  ? 3.80712   10.23669  -13.26303 1.000 31.08272 ? 59  ALA A N   1 
ATOM   390  C CA  . ALA A 1 59  ? 4.57970   10.21530  -14.49712 1.000 30.00556 ? 59  ALA A CA  1 
ATOM   391  C C   . ALA A 1 59  ? 4.99484   11.62916  -14.88523 1.000 26.32600 ? 59  ALA A C   1 
ATOM   392  O O   . ALA A 1 59  ? 5.56713   12.35867  -14.06920 1.000 26.32522 ? 59  ALA A O   1 
ATOM   393  C CB  . ALA A 1 59  ? 3.77658   9.55897   -15.62157 1.000 27.21655 ? 59  ALA A CB  1 
ATOM   394  N N   . GLY A 1 60  ? 4.70844   12.02535  -16.12571 1.000 22.66603 ? 60  GLY A N   1 
ATOM   395  C CA  . GLY A 1 60  ? 5.07562   13.33594  -16.60369 1.000 24.83081 ? 60  GLY A CA  1 
ATOM   396  C C   . GLY A 1 60  ? 4.14004   14.41269  -16.10000 1.000 29.95592 ? 60  GLY A C   1 
ATOM   397  O O   . GLY A 1 60  ? 3.20285   14.16635  -15.32752 1.000 30.92712 ? 60  GLY A O   1 
ATOM   398  N N   . PRO A 1 61  ? 4.39780   15.64628  -16.53844 1.000 28.68699 ? 61  PRO A N   1 
ATOM   399  C CA  . PRO A 1 61  ? 3.56506   16.77497  -16.10187 1.000 29.70553 ? 61  PRO A CA  1 
ATOM   400  C C   . PRO A 1 61  ? 2.09739   16.56508  -16.44591 1.000 30.20820 ? 61  PRO A C   1 
ATOM   401  O O   . PRO A 1 61  ? 1.74855   16.12678  -17.54492 1.000 30.83965 ? 61  PRO A O   1 
ATOM   402  C CB  . PRO A 1 61  ? 4.15414   17.96807  -16.86259 1.000 20.21802 ? 61  PRO A CB  1 
ATOM   403  C CG  . PRO A 1 61  ? 5.55229   17.56972  -17.18082 1.000 28.59967 ? 61  PRO A CG  1 
ATOM   404  C CD  . PRO A 1 61  ? 5.54571   16.07871  -17.35414 1.000 27.69540 ? 61  PRO A CD  1 
ATOM   405  N N   . GLY A 1 62  ? 1.23522   16.88902  -15.48496 1.000 25.20327 ? 62  GLY A N   1 
ATOM   406  C CA  . GLY A 1 62  ? -0.18775  16.71253  -15.62856 1.000 21.33127 ? 62  GLY A CA  1 
ATOM   407  C C   . GLY A 1 62  ? -0.72009  15.40014  -15.09950 1.000 22.87613 ? 62  GLY A C   1 
ATOM   408  O O   . GLY A 1 62  ? -1.91119  15.31569  -14.78252 1.000 31.17619 ? 62  GLY A O   1 
ATOM   409  N N   . SER A 1 63  ? 0.12855   14.37932  -14.99068 1.000 27.10330 ? 63  SER A N   1 
ATOM   410  C CA  . SER A 1 63  ? -0.29156  13.07983  -14.49605 1.000 27.35830 ? 63  SER A CA  1 
ATOM   411  C C   . SER A 1 63  ? -0.73641  13.17482  -13.03734 1.000 31.05594 ? 63  SER A C   1 
ATOM   412  O O   . SER A 1 63  ? -0.37066  14.11421  -12.32586 1.000 34.06133 ? 63  SER A O   1 
ATOM   413  C CB  . SER A 1 63  ? 0.84880   12.07353  -14.63245 1.000 30.66366 ? 63  SER A CB  1 
ATOM   414  O OG  . SER A 1 63  ? 2.02577   12.55309  -14.00507 1.000 27.00368 ? 63  SER A OG  1 
ATOM   415  N N   . PRO A 1 64  ? -1.54028  12.21612  -12.57221 1.000 32.25604 ? 64  PRO A N   1 
ATOM   416  C CA  . PRO A 1 64  ? -1.96854  12.23387  -11.16798 1.000 26.54030 ? 64  PRO A CA  1 
ATOM   417  C C   . PRO A 1 64  ? -0.78731  12.11390  -10.21540 1.000 27.12565 ? 64  PRO A C   1 
ATOM   418  O O   . PRO A 1 64  ? 0.27219   11.58635  -10.56307 1.000 20.94086 ? 64  PRO A O   1 
ATOM   419  C CB  . PRO A 1 64  ? -2.89952  11.01798  -11.05715 1.000 22.87209 ? 64  PRO A CB  1 
ATOM   420  C CG  . PRO A 1 64  ? -2.69756  10.22479  -12.31570 1.000 25.70986 ? 64  PRO A CG  1 
ATOM   421  C CD  . PRO A 1 64  ? -2.24442  11.18684  -13.35637 1.000 31.18765 ? 64  PRO A CD  1 
ATOM   422  N N   . LEU A 1 65  ? -0.98587  12.61650  -8.99789  1.000 26.35606 ? 65  LEU A N   1 
ATOM   423  C CA  . LEU A 1 65  ? 0.04085   12.55398  -7.96780  1.000 20.32821 ? 65  LEU A CA  1 
ATOM   424  C C   . LEU A 1 65  ? 0.07290   11.17372  -7.32240  1.000 27.79107 ? 65  LEU A C   1 
ATOM   425  O O   . LEU A 1 65  ? -0.96009  10.51335  -7.16957  1.000 26.80531 ? 65  LEU A O   1 
ATOM   426  C CB  . LEU A 1 65  ? -0.19596  13.62843  -6.90406  1.000 22.68904 ? 65  LEU A CB  1 
ATOM   427  C CG  . LEU A 1 65  ? -0.20017  15.08088  -7.39339  1.000 22.50776 ? 65  LEU A CG  1 
ATOM   428  C CD1 . LEU A 1 65  ? -0.52110  16.04394  -6.26105  1.000 24.08101 ? 65  LEU A CD1 1 
ATOM   429  C CD2 . LEU A 1 65  ? 1.13589   15.43371  -8.03102  1.000 23.93361 ? 65  LEU A CD2 1 
ATOM   430  N N   . ARG A 1 66  ? 1.27476   10.74854  -6.94166  1.000 28.27484 ? 66  ARG A N   1 
ATOM   431  C CA  . ARG A 1 66  ? 1.48857   9.41338   -6.40245  1.000 23.83087 ? 66  ARG A CA  1 
ATOM   432  C C   . ARG A 1 66  ? 0.85182   9.28896   -5.02448  1.000 25.12265 ? 66  ARG A C   1 
ATOM   433  O O   . ARG A 1 66  ? 1.10825   10.10615  -4.13719  1.000 31.52472 ? 66  ARG A O   1 
ATOM   434  C CB  . ARG A 1 66  ? 2.98916   9.13311   -6.33133  1.000 29.94101 ? 66  ARG A CB  1 
ATOM   435  C CG  . ARG A 1 66  ? 3.38602   7.75859   -5.83654  1.000 31.71236 ? 66  ARG A CG  1 
ATOM   436  C CD  . ARG A 1 66  ? 4.85327   7.52297   -6.15256  1.000 47.00112 ? 66  ARG A CD  1 
ATOM   437  N NE  . ARG A 1 66  ? 5.07626   7.47479   -7.59644  1.000 60.11832 ? 66  ARG A NE  1 
ATOM   438  C CZ  . ARG A 1 66  ? 6.25211   7.23831   -8.17028  1.000 62.29563 ? 66  ARG A CZ  1 
ATOM   439  N NH1 . ARG A 1 66  ? 7.33069   7.03831   -7.42447  1.000 48.24792 ? 66  ARG A NH1 1 
ATOM   440  N NH2 . ARG A 1 66  ? 6.35159   7.21311   -9.49311  1.000 58.48891 ? 66  ARG A NH2 1 
ATOM   441  N N   . VAL A 1 67  ? 0.01064   8.27501   -4.84713  1.000 26.05457 ? 67  VAL A N   1 
ATOM   442  C CA  . VAL A 1 67  ? -0.59271  7.98656   -3.54952  1.000 24.88291 ? 67  VAL A CA  1 
ATOM   443  C C   . VAL A 1 67  ? 0.25764   6.94396   -2.83651  1.000 24.18605 ? 67  VAL A C   1 
ATOM   444  O O   . VAL A 1 67  ? 0.68093   5.95062   -3.44004  1.000 25.66882 ? 67  VAL A O   1 
ATOM   445  C CB  . VAL A 1 67  ? -2.04890  7.51102   -3.70363  1.000 22.79095 ? 67  VAL A CB  1 
ATOM   446  C CG1 . VAL A 1 67  ? -2.53126  6.82160   -2.43992  1.000 17.10494 ? 67  VAL A CG1 1 
ATOM   447  C CG2 . VAL A 1 67  ? -2.96168  8.68669   -4.00849  1.000 21.35289 ? 67  VAL A CG2 1 
ATOM   448  N N   . THR A 1 68  ? 0.51932   7.17695   -1.55390  1.000 24.21023 ? 68  THR A N   1 
ATOM   449  C CA  . THR A 1 68  ? 1.35508   6.30447   -0.74284  1.000 24.20178 ? 68  THR A CA  1 
ATOM   450  C C   . THR A 1 68  ? 0.54649   5.77429   0.43142   1.000 25.05475 ? 68  THR A C   1 
ATOM   451  O O   . THR A 1 68  ? -0.15119  6.53752   1.10924   1.000 21.64032 ? 68  THR A O   1 
ATOM   452  C CB  . THR A 1 68  ? 2.59640   7.04629   -0.24165  1.000 23.93400 ? 68  THR A CB  1 
ATOM   453  O OG1 . THR A 1 68  ? 3.58325   7.08042   -1.27886  1.000 35.61080 ? 68  THR A OG1 1 
ATOM   454  C CG2 . THR A 1 68  ? 3.17181   6.36166   0.98182   1.000 23.90761 ? 68  THR A CG2 1 
ATOM   455  N N   . HIS A 1 69  ? 0.63780   4.47060   0.66348   1.000 19.27757 ? 69  HIS A N   1 
ATOM   456  C CA  . HIS A 1 69  ? -0.02540  3.83221   1.78760   1.000 25.23016 ? 69  HIS A CA  1 
ATOM   457  C C   . HIS A 1 69  ? 1.00614   3.42946   2.83235   1.000 23.87479 ? 69  HIS A C   1 
ATOM   458  O O   . HIS A 1 69  ? 2.08714   2.93529   2.49609   1.000 23.56675 ? 69  HIS A O   1 
ATOM   459  C CB  . HIS A 1 69  ? -0.81686  2.60878   1.32578   1.000 21.18581 ? 69  HIS A CB  1 
ATOM   460  C CG  . HIS A 1 69  ? -1.70094  2.87021   0.14640   1.000 22.35593 ? 69  HIS A CG  1 
ATOM   461  N ND1 . HIS A 1 69  ? -2.88964  3.56070   0.24529   1.000 20.06912 ? 69  HIS A ND1 1 
ATOM   462  C CD2 . HIS A 1 69  ? -1.56960  2.53303   -1.15840  1.000 23.28118 ? 69  HIS A CD2 1 
ATOM   463  C CE1 . HIS A 1 69  ? -3.45305  3.63664   -0.94687  1.000 19.80612 ? 69  HIS A CE1 1 
ATOM   464  N NE2 . HIS A 1 69  ? -2.67161  3.02199   -1.81657  1.000 27.89307 ? 69  HIS A NE2 1 
ATOM   465  N N   . ILE A 1 70  ? 0.66578   3.64922   4.09958   1.000 20.18698 ? 70  ILE A N   1 
ATOM   466  C CA  . ILE A 1 70  ? 1.53789   3.34118   5.22448   1.000 23.58008 ? 70  ILE A CA  1 
ATOM   467  C C   . ILE A 1 70  ? 0.79221   2.41395   6.17348   1.000 24.83587 ? 70  ILE A C   1 
ATOM   468  O O   . ILE A 1 70  ? -0.30869  2.74048   6.63347   1.000 22.86643 ? 70  ILE A O   1 
ATOM   469  C CB  . ILE A 1 70  ? 1.99862   4.62008   5.94741   1.000 32.40998 ? 70  ILE A CB  1 
ATOM   470  C CG1 . ILE A 1 70  ? 2.73590   5.54886   4.97796   1.000 24.13642 ? 70  ILE A CG1 1 
ATOM   471  C CG2 . ILE A 1 70  ? 2.89035   4.28170   7.12907   1.000 36.49439 ? 70  ILE A CG2 1 
ATOM   472  C CD1 . ILE A 1 70  ? 1.94393   6.77347   4.56809   1.000 25.57074 ? 70  ILE A CD1 1 
ATOM   473  N N   . LYS A 1 71  ? 1.38836   1.25698   6.45336   1.000 25.98775 ? 71  LYS A N   1 
ATOM   474  C CA  . LYS A 1 71  ? 0.80470   0.31488   7.39794   1.000 30.60232 ? 71  LYS A CA  1 
ATOM   475  C C   . LYS A 1 71  ? 0.86768   0.89917   8.80587   1.000 30.47537 ? 71  LYS A C   1 
ATOM   476  O O   . LYS A 1 71  ? 1.91511   1.39029   9.23534   1.000 36.36916 ? 71  LYS A O   1 
ATOM   477  C CB  . LYS A 1 71  ? 1.56628   -1.01311  7.35556   1.000 37.92587 ? 71  LYS A CB  1 
ATOM   478  C CG  . LYS A 1 71  ? 1.84575   -1.56653  5.95685   1.000 33.99439 ? 71  LYS A CG  1 
ATOM   479  C CD  . LYS A 1 71  ? 2.42502   -2.98478  6.01790   1.000 33.83308 ? 71  LYS A CD  1 
ATOM   480  C CE  . LYS A 1 71  ? 3.84758   -3.00831  6.57483   1.000 39.24108 ? 71  LYS A CE  1 
ATOM   481  N NZ  . LYS A 1 71  ? 4.86836   -2.98867  5.49021   1.000 44.47377 ? 71  LYS A NZ  1 
ATOM   482  N N   . VAL A 1 72  ? -0.24583  0.86100   9.52842   1.000 21.87484 ? 72  VAL A N   1 
ATOM   483  C CA  . VAL A 1 72  ? -0.24003  1.14681   10.96144  1.000 26.18337 ? 72  VAL A CA  1 
ATOM   484  C C   . VAL A 1 72  ? -0.77759  -0.09214  11.67013  1.000 29.03921 ? 72  VAL A C   1 
ATOM   485  O O   . VAL A 1 72  ? -1.97091  -0.41374  11.58271  1.000 29.12105 ? 72  VAL A O   1 
ATOM   486  C CB  . VAL A 1 72  ? -1.01935  2.41774   11.33048  1.000 31.55033 ? 72  VAL A CB  1 
ATOM   487  C CG1 . VAL A 1 72  ? -2.37764  2.45253   10.65430  1.000 31.16869 ? 72  VAL A CG1 1 
ATOM   488  C CG2 . VAL A 1 72  ? -1.11356  2.57150   12.88295  1.000 30.62012 ? 72  VAL A CG2 1 
ATOM   489  N N   . MET A 1 73  ? 0.12557   -0.80540  12.35075  1.000 31.45794 ? 73  MET A N   1 
ATOM   490  C CA  . MET A 1 73  ? -0.17627  -2.03876  13.06902  1.000 32.13682 ? 73  MET A CA  1 
ATOM   491  C C   . MET A 1 73  ? -0.88122  -1.73289  14.38889  1.000 33.48159 ? 73  MET A C   1 
ATOM   492  O O   . MET A 1 73  ? -0.67672  -0.67633  14.99638  1.000 31.33342 ? 73  MET A O   1 
ATOM   493  C CB  . MET A 1 73  ? 1.11513   -2.81576  13.34061  1.000 30.66122 ? 73  MET A CB  1 
ATOM   494  C CG  . MET A 1 73  ? 1.65001   -3.62277  12.16011  1.000 39.24726 ? 73  MET A CG  1 
ATOM   495  S SD  . MET A 1 73  ? 3.45917   -3.71629  12.10766  1.000 48.50652 ? 73  MET A SD  1 
ATOM   496  C CE  . MET A 1 73  ? 3.87925   -2.11543  11.40854  1.000 53.95446 ? 73  MET A CE  1 
ATOM   497  N N   . CYS A 1 74  ? -1.70638  -2.67857  14.84204  1.000 28.99720 ? 74  CYS A N   1 
ATOM   498  C CA  . CYS A 1 74  ? -2.48637  -2.50356  16.06564  1.000 29.76746 ? 74  CYS A CA  1 
ATOM   499  C C   . CYS A 1 74  ? -2.58577  -3.83114  16.80020  1.000 26.88316 ? 74  CYS A C   1 
ATOM   500  O O   . CYS A 1 74  ? -3.18689  -4.78095  16.28939  1.000 44.16846 ? 74  CYS A O   1 
ATOM   501  C CB  . CYS A 1 74  ? -3.88594  -1.95626  15.76067  1.000 28.99438 ? 74  CYS A CB  1 
ATOM   502  S SG  . CYS A 1 74  ? -5.01937  -1.90784  17.16233  1.000 36.96081 ? 74  CYS A SG  1 
ATOM   503  N N   . GLU A 1 75  ? -1.98175  -3.89607  17.98612  1.000 23.24701 ? 75  GLU A N   1 
ATOM   504  C CA  . GLU A 1 75  ? -2.11955  -5.02941  18.88994  1.000 31.69752 ? 75  GLU A CA  1 
ATOM   505  C C   . GLU A 1 75  ? -2.06957  -4.51295  20.31933  1.000 30.98824 ? 75  GLU A C   1 
ATOM   506  O O   . GLU A 1 75  ? -1.42994  -3.49752  20.60413  1.000 34.63951 ? 75  GLU A O   1 
ATOM   507  C CB  . GLU A 1 75  ? -1.02809  -6.09074  18.67521  1.000 33.09500 ? 75  GLU A CB  1 
ATOM   508  C CG  . GLU A 1 75  ? -1.13414  -6.84920  17.35815  1.000 56.82613 ? 75  GLU A CG  1 
ATOM   509  C CD  . GLU A 1 75  ? -2.31840  -7.79545  17.32225  1.000 55.15357 ? 75  GLU A CD  1 
ATOM   510  O OE1 . GLU A 1 75  ? -2.54572  -8.50718  18.32464  1.000 46.63136 ? 75  GLU A OE1 1 
ATOM   511  O OE2 . GLU A 1 75  ? -3.03526  -7.80816  16.29671  1.000 43.88303 ? 75  GLU A OE2 1 
ATOM   512  N N   . GLY A 1 76  ? -2.75737  -5.21491  21.21361  1.000 26.28854 ? 76  GLY A N   1 
ATOM   513  C CA  . GLY A 1 76  ? -2.80126  -4.80734  22.60230  1.000 19.48257 ? 76  GLY A CA  1 
ATOM   514  C C   . GLY A 1 76  ? -3.35006  -3.40776  22.79240  1.000 30.61134 ? 76  GLY A C   1 
ATOM   515  O O   . GLY A 1 76  ? -2.98020  -2.70722  23.74022  1.000 39.41364 ? 76  GLY A O   1 
ATOM   516  N N   . GLY A 1 77  ? -4.23272  -2.98668  21.88797  1.000 34.10143 ? 77  GLY A N   1 
ATOM   517  C CA  . GLY A 1 77  ? -4.80508  -1.65898  21.93389  1.000 29.96519 ? 77  GLY A CA  1 
ATOM   518  C C   . GLY A 1 77  ? -3.85402  -0.53200  21.60332  1.000 37.19611 ? 77  GLY A C   1 
ATOM   519  O O   . GLY A 1 77  ? -4.25273  0.63461   21.69260  1.000 41.04785 ? 77  GLY A O   1 
ATOM   520  N N   . ARG A 1 78  ? -2.61418  -0.83344  21.23612  1.000 33.86139 ? 78  ARG A N   1 
ATOM   521  C CA  . ARG A 1 78  ? -1.63832  0.17273   20.85077  1.000 37.92549 ? 78  ARG A CA  1 
ATOM   522  C C   . ARG A 1 78  ? -1.52379  0.22832   19.33054  1.000 39.82758 ? 78  ARG A C   1 
ATOM   523  O O   . ARG A 1 78  ? -1.88015  -0.71581  18.62177  1.000 27.47552 ? 78  ARG A O   1 
ATOM   524  C CB  . ARG A 1 78  ? -0.27452  -0.12753  21.48095  1.000 34.49904 ? 78  ARG A CB  1 
ATOM   525  C CG  . ARG A 1 78  ? -0.31903  -0.38341  22.98695  1.000 42.16074 ? 78  ARG A CG  1 
ATOM   526  C CD  . ARG A 1 78  ? -0.41623  0.91474   23.76741  1.000 40.66759 ? 78  ARG A CD  1 
ATOM   527  N NE  . ARG A 1 78  ? 0.77603   1.73482   23.57938  1.000 44.01318 ? 78  ARG A NE  1 
ATOM   528  C CZ  . ARG A 1 78  ? 0.88549   2.99884   23.97349  1.000 45.01319 ? 78  ARG A CZ  1 
ATOM   529  N NH1 . ARG A 1 78  ? -0.12996  3.59511   24.58266  1.000 45.42294 ? 78  ARG A NH1 1 
ATOM   530  N NH2 . ARG A 1 78  ? 2.01040   3.66730   23.75533  1.000 35.89417 ? 78  ARG A NH2 1 
ATOM   531  N N   . TYR A 1 79  ? -1.02496  1.35840   18.83430  1.000 34.11637 ? 79  TYR A N   1 
ATOM   532  C CA  . TYR A 1 79  ? -0.92217  1.61003   17.40243  1.000 33.60898 ? 79  TYR A CA  1 
ATOM   533  C C   . TYR A 1 79  ? 0.51000   1.99531   17.06558  1.000 35.42308 ? 79  TYR A C   1 
ATOM   534  O O   . TYR A 1 79  ? 1.09127   2.85530   17.73347  1.000 34.73367 ? 79  TYR A O   1 
ATOM   535  C CB  . TYR A 1 79  ? -1.88102  2.72549   16.96926  1.000 27.52809 ? 79  TYR A CB  1 
ATOM   536  C CG  . TYR A 1 79  ? -3.34281  2.43411   17.22975  1.000 34.59353 ? 79  TYR A CG  1 
ATOM   537  C CD1 . TYR A 1 79  ? -3.89977  2.62175   18.48979  1.000 34.25705 ? 79  TYR A CD1 1 
ATOM   538  C CD2 . TYR A 1 79  ? -4.16822  1.97273   16.21283  1.000 29.73784 ? 79  TYR A CD2 1 
ATOM   539  C CE1 . TYR A 1 79  ? -5.23911  2.35410   18.72728  1.000 31.23970 ? 79  TYR A CE1 1 
ATOM   540  C CE2 . TYR A 1 79  ? -5.50692  1.70431   16.44035  1.000 30.21009 ? 79  TYR A CE2 1 
ATOM   541  C CZ  . TYR A 1 79  ? -6.03741  1.89633   17.69844  1.000 37.21466 ? 79  TYR A CZ  1 
ATOM   542  O OH  . TYR A 1 79  ? -7.36903  1.62979   17.92736  1.000 44.78290 ? 79  TYR A OH  1 
ATOM   543  N N   . THR A 1 80  ? 1.07430   1.37776   16.02783  1.000 24.34181 ? 80  THR A N   1 
ATOM   544  C CA  . THR A 1 80  ? 2.44292   1.68969   15.64116  1.000 29.75027 ? 80  THR A CA  1 
ATOM   545  C C   . THR A 1 80  ? 2.59972   1.61121   14.12932  1.000 30.23562 ? 80  THR A C   1 
ATOM   546  O O   . THR A 1 80  ? 1.85686   0.90541   13.44134  1.000 26.31223 ? 80  THR A O   1 
ATOM   547  C CB  . THR A 1 80  ? 3.45899   0.75544   16.31315  1.000 30.78182 ? 80  THR A CB  1 
ATOM   548  O OG1 . THR A 1 80  ? 4.78820   1.17699   15.98043  1.000 34.15173 ? 80  THR A OG1 1 
ATOM   549  C CG2 . THR A 1 80  ? 3.26230   -0.67872  15.85016  1.000 30.59185 ? 80  THR A CG2 1 
ATOM   550  N N   . VAL A 1 81  ? 3.58835   2.34604   13.62950  1.000 34.53475 ? 81  VAL A N   1 
ATOM   551  C CA  . VAL A 1 81  ? 3.93458   2.36260   12.21688  1.000 33.26367 ? 81  VAL A CA  1 
ATOM   552  C C   . VAL A 1 81  ? 5.30416   1.72688   12.01558  1.000 29.31007 ? 81  VAL A C   1 
ATOM   553  O O   . VAL A 1 81  ? 6.22462   1.95515   12.80270  1.000 41.30471 ? 81  VAL A O   1 
ATOM   554  C CB  . VAL A 1 81  ? 3.91186   3.79542   11.65954  1.000 31.62559 ? 81  VAL A CB  1 
ATOM   555  C CG1 . VAL A 1 81  ? 4.55350   3.84042   10.29093  1.000 31.26928 ? 81  VAL A CG1 1 
ATOM   556  C CG2 . VAL A 1 81  ? 2.48663   4.31992   11.59678  1.000 33.38669 ? 81  VAL A CG2 1 
ATOM   557  N N   . LEU A 1 84  ? 8.83593   1.14405   16.40105  1.000 60.97400 ? 84  LEU A N   1 
ATOM   558  C CA  . LEU A 1 84  ? 9.22706   2.41574   16.99436  1.000 70.49235 ? 84  LEU A CA  1 
ATOM   559  C C   . LEU A 1 84  ? 8.49268   2.66268   18.30191  1.000 64.20598 ? 84  LEU A C   1 
ATOM   560  O O   . LEU A 1 84  ? 8.54512   1.86136   19.23678  1.000 50.07130 ? 84  LEU A O   1 
ATOM   561  C CB  . LEU A 1 84  ? 8.94266   3.57630   16.03971  1.000 58.85517 ? 84  LEU A CB  1 
ATOM   562  C CG  . LEU A 1 84  ? 10.03676  4.21181   15.18326  1.000 72.34002 ? 84  LEU A CG  1 
ATOM   563  C CD1 . LEU A 1 84  ? 9.42825   5.39954   14.44615  1.000 63.91726 ? 84  LEU A CD1 1 
ATOM   564  C CD2 . LEU A 1 84  ? 11.23737  4.63808   16.02017  1.000 53.29429 ? 84  LEU A CD2 1 
ATOM   565  N N   . GLU A 1 85  ? 7.82025   3.80369   18.34767  1.000 56.59911 ? 85  GLU A N   1 
ATOM   566  C CA  . GLU A 1 85  ? 6.93690   4.19875   19.42951  1.000 53.20175 ? 85  GLU A CA  1 
ATOM   567  C C   . GLU A 1 85  ? 5.51408   3.75684   19.10087  1.000 43.77851 ? 85  GLU A C   1 
ATOM   568  O O   . GLU A 1 85  ? 5.19677   3.40050   17.96139  1.000 35.52458 ? 85  GLU A O   1 
ATOM   569  C CB  . GLU A 1 85  ? 7.01589   5.71502   19.63758  1.000 51.89744 ? 85  GLU A CB  1 
ATOM   570  C CG  . GLU A 1 85  ? 6.99764   6.48211   18.33072  1.000 56.48956 ? 85  GLU A CG  1 
ATOM   571  C CD  . GLU A 1 85  ? 7.89036   7.68800   18.35782  1.000 67.92100 ? 85  GLU A CD  1 
ATOM   572  O OE1 . GLU A 1 85  ? 8.96933   7.60683   18.98493  1.000 82.19883 ? 85  GLU A OE1 1 
ATOM   573  O OE2 . GLU A 1 85  ? 7.50951   8.71373   17.75978  1.000 52.52818 ? 85  GLU A OE2 1 
ATOM   574  N N   . THR A 1 86  ? 4.66160   3.75078   20.12239  1.000 43.99382 ? 86  THR A N   1 
ATOM   575  C CA  . THR A 1 86  ? 3.26683   3.35753   19.99202  1.000 37.26887 ? 86  THR A CA  1 
ATOM   576  C C   . THR A 1 86  ? 2.37881   4.49859   20.46891  1.000 37.71230 ? 86  THR A C   1 
ATOM   577  O O   . THR A 1 86  ? 2.85920   5.51938   20.96636  1.000 41.60063 ? 86  THR A O   1 
ATOM   578  C CB  . THR A 1 86  ? 2.97380   2.07540   20.78132  1.000 39.52520 ? 86  THR A CB  1 
ATOM   579  O OG1 . THR A 1 86  ? 3.45606   2.22158   22.12045  1.000 37.40367 ? 86  THR A OG1 1 
ATOM   580  C CG2 . THR A 1 86  ? 3.65810   0.88492   20.12820  1.000 32.19478 ? 86  THR A CG2 1 
ATOM   581  N N   . PHE A 1 87  ? 1.06776   4.32313   20.29965  1.000 36.57826 ? 87  PHE A N   1 
ATOM   582  C CA  . PHE A 1 87  ? 0.10453   5.36867   20.61158  1.000 36.08672 ? 87  PHE A CA  1 
ATOM   583  C C   . PHE A 1 87  ? -1.19244  4.75872   21.12988  1.000 41.66241 ? 87  PHE A C   1 
ATOM   584  O O   . PHE A 1 87  ? -1.57601  3.64887   20.74715  1.000 38.18682 ? 87  PHE A O   1 
ATOM   585  C CB  . PHE A 1 87  ? -0.17122  6.24896   19.38421  1.000 36.70307 ? 87  PHE A CB  1 
ATOM   586  C CG  . PHE A 1 87  ? 1.07231   6.81041   18.75152  1.000 36.78547 ? 87  PHE A CG  1 
ATOM   587  C CD1 . PHE A 1 87  ? 1.61812   7.99928   19.20361  1.000 27.18974 ? 87  PHE A CD1 1 
ATOM   588  C CD2 . PHE A 1 87  ? 1.69739   6.14680   17.70713  1.000 41.10766 ? 87  PHE A CD2 1 
ATOM   589  C CE1 . PHE A 1 87  ? 2.76141   8.51601   18.62639  1.000 31.33498 ? 87  PHE A CE1 1 
ATOM   590  C CE2 . PHE A 1 87  ? 2.84208   6.65916   17.12690  1.000 34.60101 ? 87  PHE A CE2 1 
ATOM   591  C CZ  . PHE A 1 87  ? 3.37396   7.84499   17.58692  1.000 31.23511 ? 87  PHE A CZ  1 
ATOM   592  N N   . ASP A 1 88  ? -1.86520  5.51127   22.00992  1.000 42.68095 ? 88  ASP A N   1 
ATOM   593  C CA  . ASP A 1 88  ? -3.11061  5.04138   22.61328  1.000 35.52117 ? 88  ASP A CA  1 
ATOM   594  C C   . ASP A 1 88  ? -4.20761  4.87663   21.57107  1.000 36.19637 ? 88  ASP A C   1 
ATOM   595  O O   . ASP A 1 88  ? -5.02663  3.95467   21.66041  1.000 44.04080 ? 88  ASP A O   1 
ATOM   596  C CB  . ASP A 1 88  ? -3.57617  6.01270   23.70087  1.000 41.19101 ? 88  ASP A CB  1 
ATOM   597  C CG  . ASP A 1 88  ? -2.55671  6.19419   24.80643  1.000 50.67998 ? 88  ASP A CG  1 
ATOM   598  O OD1 . ASP A 1 88  ? -1.65091  5.34526   24.93171  1.000 49.80845 ? 88  ASP A OD1 1 
ATOM   599  O OD2 . ASP A 1 88  ? -2.66990  7.18568   25.56028  1.000 57.55641 ? 88  ASP A OD2 1 
ATOM   600  N N   . SER A 1 89  ? -4.24524  5.76479   20.58108  1.000 34.37933 ? 89  SER A N   1 
ATOM   601  C CA  . SER A 1 89  ? -5.32663  5.78660   19.60909  1.000 39.43243 ? 89  SER A CA  1 
ATOM   602  C C   . SER A 1 89  ? -4.77739  6.22294   18.25823  1.000 37.87094 ? 89  SER A C   1 
ATOM   603  O O   . SER A 1 89  ? -3.67357  6.76701   18.16270  1.000 32.73189 ? 89  SER A O   1 
ATOM   604  C CB  . SER A 1 89  ? -6.45174  6.72413   20.06206  1.000 37.12987 ? 89  SER A CB  1 
ATOM   605  O OG  . SER A 1 89  ? -5.93415  8.00533   20.38115  1.000 26.22066 ? 89  SER A OG  1 
ATOM   606  N N   . LEU A 1 90  ? -5.56751  5.97334   17.20665  1.000 36.94886 ? 90  LEU A N   1 
ATOM   607  C CA  . LEU A 1 90  ? -5.21156  6.46085   15.87574  1.000 35.31219 ? 90  LEU A CA  1 
ATOM   608  C C   . LEU A 1 90  ? -5.07869  7.97765   15.85066  1.000 37.48740 ? 90  LEU A C   1 
ATOM   609  O O   . LEU A 1 90  ? -4.28394  8.51792   15.07168  1.000 36.17294 ? 90  LEU A O   1 
ATOM   610  C CB  . LEU A 1 90  ? -6.25048  6.01246   14.84512  1.000 24.16794 ? 90  LEU A CB  1 
ATOM   611  C CG  . LEU A 1 90  ? -6.17451  4.57152   14.33888  1.000 29.39778 ? 90  LEU A CG  1 
ATOM   612  C CD1 . LEU A 1 90  ? -7.29156  4.30570   13.34963  1.000 30.13605 ? 90  LEU A CD1 1 
ATOM   613  C CD2 . LEU A 1 90  ? -4.82458  4.29458   13.70205  1.000 30.81969 ? 90  LEU A CD2 1 
ATOM   614  N N   . THR A 1 91  ? -5.84820  8.67808   16.68746  1.000 28.59111 ? 91  THR A N   1 
ATOM   615  C CA  . THR A 1 91  ? -5.75285  10.13331  16.74749  1.000 32.60526 ? 91  THR A CA  1 
ATOM   616  C C   . THR A 1 91  ? -4.37357  10.57298  17.22071  1.000 36.10074 ? 91  THR A C   1 
ATOM   617  O O   . THR A 1 91  ? -3.74171  11.44523  16.61220  1.000 30.54501 ? 91  THR A O   1 
ATOM   618  C CB  . THR A 1 91  ? -6.83598  10.69235  17.67044  1.000 32.55556 ? 91  THR A CB  1 
ATOM   619  O OG1 . THR A 1 91  ? -8.12401  10.46027  17.09234  1.000 42.32804 ? 91  THR A OG1 1 
ATOM   620  C CG2 . THR A 1 91  ? -6.64256  12.18334  17.87746  1.000 37.06303 ? 91  THR A CG2 1 
ATOM   621  N N   . ASP A 1 92  ? -3.89187  9.97699   18.31400  1.000 36.30212 ? 92  ASP A N   1 
ATOM   622  C CA  . ASP A 1 92  ? -2.57692  10.33153  18.83449  1.000 30.45764 ? 92  ASP A CA  1 
ATOM   623  C C   . ASP A 1 92  ? -1.47252  10.00768  17.83718  1.000 31.02202 ? 92  ASP A C   1 
ATOM   624  O O   . ASP A 1 92  ? -0.44951  10.70071  17.79936  1.000 32.01492 ? 92  ASP A O   1 
ATOM   625  C CB  . ASP A 1 92  ? -2.33294  9.61443   20.16234  1.000 31.78459 ? 92  ASP A CB  1 
ATOM   626  C CG  . ASP A 1 92  ? -3.21220  10.14464  21.27754  1.000 38.02794 ? 92  ASP A CG  1 
ATOM   627  O OD1 . ASP A 1 92  ? -3.49705  11.36027  21.27481  1.000 46.77072 ? 92  ASP A OD1 1 
ATOM   628  O OD2 . ASP A 1 92  ? -3.61510  9.35344   22.15674  1.000 40.58941 ? 92  ASP A OD2 1 
ATOM   629  N N   . LEU A 1 93  ? -1.65677  8.96473   17.02497  1.000 36.82069 ? 93  LEU A N   1 
ATOM   630  C CA  . LEU A 1 93  ? -0.69647  8.66767   15.96679  1.000 37.42317 ? 93  LEU A CA  1 
ATOM   631  C C   . LEU A 1 93  ? -0.71380  9.75617   14.90190  1.000 34.12149 ? 93  LEU A C   1 
ATOM   632  O O   . LEU A 1 93  ? 0.31979   10.36059  14.59085  1.000 29.22696 ? 93  LEU A O   1 
ATOM   633  C CB  . LEU A 1 93  ? -1.00112  7.30239   15.34526  1.000 32.38775 ? 93  LEU A CB  1 
ATOM   634  C CG  . LEU A 1 93  ? 0.01408   6.79610   14.31571  1.000 30.05944 ? 93  LEU A CG  1 
ATOM   635  C CD1 . LEU A 1 93  ? 0.25178   5.31051   14.50339  1.000 35.04407 ? 93  LEU A CD1 1 
ATOM   636  C CD2 . LEU A 1 93  ? -0.43933  7.08582   12.88794  1.000 29.12269 ? 93  LEU A CD2 1 
ATOM   637  N N   . VAL A 1 94  ? -1.89353  10.00977  14.32634  1.000 33.08975 ? 94  VAL A N   1 
ATOM   638  C CA  . VAL A 1 94  ? -2.03531  11.02250  13.28215  1.000 30.24353 ? 94  VAL A CA  1 
ATOM   639  C C   . VAL A 1 94  ? -1.53157  12.37149  13.77303  1.000 33.56895 ? 94  VAL A C   1 
ATOM   640  O O   . VAL A 1 94  ? -0.81597  13.08385  13.05803  1.000 31.71817 ? 94  VAL A O   1 
ATOM   641  C CB  . VAL A 1 94  ? -3.50281  11.10488  12.81895  1.000 28.57485 ? 94  VAL A CB  1 
ATOM   642  C CG1 . VAL A 1 94  ? -3.77502  12.43528  12.12885  1.000 28.49517 ? 94  VAL A CG1 1 
ATOM   643  C CG2 . VAL A 1 94  ? -3.83907  9.93648   11.90109  1.000 30.01853 ? 94  VAL A CG2 1 
ATOM   644  N N   . GLU A 1 95  ? -1.88747  12.73532  15.00801  1.000 34.39939 ? 95  GLU A N   1 
ATOM   645  C CA  . GLU A 1 95  ? -1.48049  14.02460  15.55743  1.000 27.60272 ? 95  GLU A CA  1 
ATOM   646  C C   . GLU A 1 95  ? 0.03548   14.13366  15.66991  1.000 30.63122 ? 95  GLU A C   1 
ATOM   647  O O   . GLU A 1 95  ? 0.60668   15.21067  15.45731  1.000 32.57424 ? 95  GLU A O   1 
ATOM   648  C CB  . GLU A 1 95  ? -2.13249  14.23276  16.92239  1.000 29.89332 ? 95  GLU A CB  1 
ATOM   649  C CG  . GLU A 1 95  ? -3.56405  14.70164  16.84157  1.000 37.00331 ? 95  GLU A CG  1 
ATOM   650  C CD  . GLU A 1 95  ? -3.66893  16.10199  16.28709  1.000 45.27569 ? 95  GLU A CD  1 
ATOM   651  O OE1 . GLU A 1 95  ? -3.16884  17.04519  16.93537  1.000 48.14408 ? 95  GLU A OE1 1 
ATOM   652  O OE2 . GLU A 1 95  ? -4.24071  16.25706  15.19307  1.000 46.02676 ? 95  GLU A OE2 1 
ATOM   653  N N   . HIS A 1 96  ? 0.70383   13.02899  16.00189  1.000 25.68180 ? 96  HIS A N   1 
ATOM   654  C CA  . HIS A 1 96  ? 2.15079   13.06003  16.18124  1.000 22.35785 ? 96  HIS A CA  1 
ATOM   655  C C   . HIS A 1 96  ? 2.87256   13.21405  14.84784  1.000 30.06676 ? 96  HIS A C   1 
ATOM   656  O O   . HIS A 1 96  ? 3.78754   14.03560  14.71523  1.000 30.42809 ? 96  HIS A O   1 
ATOM   657  C CB  . HIS A 1 96  ? 2.60613   11.79224  16.89955  1.000 26.14097 ? 96  HIS A CB  1 
ATOM   658  C CG  . HIS A 1 96  ? 4.04700   11.45693  16.67989  1.000 24.74285 ? 96  HIS A CG  1 
ATOM   659  N ND1 . HIS A 1 96  ? 5.06926   12.10209  17.34139  1.000 29.09750 ? 96  HIS A ND1 1 
ATOM   660  C CD2 . HIS A 1 96  ? 4.63706   10.54154  15.87574  1.000 24.55827 ? 96  HIS A CD2 1 
ATOM   661  C CE1 . HIS A 1 96  ? 6.22770   11.60075  16.95261  1.000 28.58034 ? 96  HIS A CE1 1 
ATOM   662  N NE2 . HIS A 1 96  ? 5.99315   10.65194  16.06409  1.000 35.96840 ? 96  HIS A NE2 1 
ATOM   663  N N   . PHE A 1 97  ? 2.47468   12.43141  13.84456  1.000 28.20612 ? 97  PHE A N   1 
ATOM   664  C CA  . PHE A 1 97  ? 3.16099   12.47875  12.55949  1.000 34.31377 ? 97  PHE A CA  1 
ATOM   665  C C   . PHE A 1 97  ? 2.78214   13.70216  11.73320  1.000 32.08131 ? 97  PHE A C   1 
ATOM   666  O O   . PHE A 1 97  ? 3.49760   14.03078  10.78063  1.000 30.48504 ? 97  PHE A O   1 
ATOM   667  C CB  . PHE A 1 97  ? 2.88124   11.19879  11.77207  1.000 31.56624 ? 97  PHE A CB  1 
ATOM   668  C CG  . PHE A 1 97  ? 3.57421   9.99029   12.32853  1.000 23.23241 ? 97  PHE A CG  1 
ATOM   669  C CD1 . PHE A 1 97  ? 4.95127   9.86859   12.24753  1.000 22.46228 ? 97  PHE A CD1 1 
ATOM   670  C CD2 . PHE A 1 97  ? 2.85274   8.98471   12.94987  1.000 32.15621 ? 97  PHE A CD2 1 
ATOM   671  C CE1 . PHE A 1 97  ? 5.59825   8.75919   12.76603  1.000 24.89257 ? 97  PHE A CE1 1 
ATOM   672  C CE2 . PHE A 1 97  ? 3.49399   7.86944   13.47376  1.000 35.50239 ? 97  PHE A CE2 1 
ATOM   673  C CZ  . PHE A 1 97  ? 4.86886   7.75802   13.38129  1.000 24.49162 ? 97  PHE A CZ  1 
ATOM   674  N N   . LYS A 1 98  ? 1.67919   14.37945  12.06948  1.000 29.78464 ? 98  LYS A N   1 
ATOM   675  C CA  . LYS A 1 98  ? 1.34710   15.63619  11.40281  1.000 30.96589 ? 98  LYS A CA  1 
ATOM   676  C C   . LYS A 1 98  ? 2.45465   16.66889  11.56092  1.000 36.41222 ? 98  LYS A C   1 
ATOM   677  O O   . LYS A 1 98  ? 2.61109   17.55049  10.70758  1.000 36.88212 ? 98  LYS A O   1 
ATOM   678  C CB  . LYS A 1 98  ? 0.03550   16.20477  11.95307  1.000 27.18475 ? 98  LYS A CB  1 
ATOM   679  C CG  . LYS A 1 98  ? -1.21779  15.69870  11.26153  1.000 38.88787 ? 98  LYS A CG  1 
ATOM   680  C CD  . LYS A 1 98  ? -2.26738  16.79534  11.14359  1.000 31.36133 ? 98  LYS A CD  1 
ATOM   681  C CE  . LYS A 1 98  ? -3.03350  16.96132  12.43879  1.000 35.54115 ? 98  LYS A CE  1 
ATOM   682  N NZ  . LYS A 1 98  ? -4.06116  18.03276  12.35287  1.000 45.10049 ? 98  LYS A NZ  1 
ATOM   683  N N   . LYS A 1 99  ? 3.22935   16.57806  12.64399  1.000 30.37126 ? 99  LYS A N   1 
ATOM   684  C CA  . LYS A 1 99  ? 4.26084   17.57440  12.91148  1.000 29.75643 ? 99  LYS A CA  1 
ATOM   685  C C   . LYS A 1 99  ? 5.42337   17.44486  11.93609  1.000 31.32690 ? 99  LYS A C   1 
ATOM   686  O O   . LYS A 1 99  ? 5.81552   18.42118  11.28565  1.000 36.12415 ? 99  LYS A O   1 
ATOM   687  C CB  . LYS A 1 99  ? 4.76267   17.43591  14.34877  1.000 31.05947 ? 99  LYS A CB  1 
ATOM   688  C CG  . LYS A 1 99  ? 3.67110   17.34587  15.39848  1.000 30.95270 ? 99  LYS A CG  1 
ATOM   689  C CD  . LYS A 1 99  ? 4.27489   17.19108  16.78215  1.000 31.13375 ? 99  LYS A CD  1 
ATOM   690  C CE  . LYS A 1 99  ? 3.19991   17.19156  17.85063  1.000 33.24615 ? 99  LYS A CE  1 
ATOM   691  N NZ  . LYS A 1 99  ? 3.70913   16.70020  19.15969  1.000 45.25021 ? 99  LYS A NZ  1 
ATOM   692  N N   . THR A 1 100 ? 5.99002   16.24334  11.82109  1.000 34.57445 ? 100 THR A N   1 
ATOM   693  C CA  . THR A 1 100 ? 7.23481   16.04838  11.09374  1.000 32.65146 ? 100 THR A CA  1 
ATOM   694  C C   . THR A 1 100 ? 7.11974   15.12076  9.89167   1.000 29.31691 ? 100 THR A C   1 
ATOM   695  O O   . THR A 1 100 ? 7.97582   15.18835  9.00339   1.000 28.33403 ? 100 THR A O   1 
ATOM   696  C CB  . THR A 1 100 ? 8.31759   15.50477  12.04059  1.000 26.67304 ? 100 THR A CB  1 
ATOM   697  O OG1 . THR A 1 100 ? 8.21612   16.17140  13.30178  1.000 38.01632 ? 100 THR A OG1 1 
ATOM   698  C CG2 . THR A 1 100 ? 9.68999   15.78480  11.49602  1.000 30.13817 ? 100 THR A CG2 1 
ATOM   699  N N   . GLY A 1 101 ? 6.10676   14.26760  9.83254   1.000 31.31171 ? 101 GLY A N   1 
ATOM   700  C CA  . GLY A 1 101 ? 5.89046   13.40412  8.68867   1.000 28.58158 ? 101 GLY A CA  1 
ATOM   701  C C   . GLY A 1 101 ? 6.27564   11.96328  8.97927   1.000 26.08397 ? 101 GLY A C   1 
ATOM   702  O O   . GLY A 1 101 ? 6.67591   11.59807  10.08562  1.000 23.64486 ? 101 GLY A O   1 
ATOM   703  N N   . ILE A 1 102 ? 6.13632   11.14248  7.94189   1.000 23.34370 ? 102 ILE A N   1 
ATOM   704  C CA  . ILE A 1 102 ? 6.43269   9.71724   8.00387   1.000 24.25084 ? 102 ILE A CA  1 
ATOM   705  C C   . ILE A 1 102 ? 7.46718   9.40767   6.93616   1.000 23.54131 ? 102 ILE A C   1 
ATOM   706  O O   . ILE A 1 102 ? 7.25207   9.70814   5.75635   1.000 23.22045 ? 102 ILE A O   1 
ATOM   707  C CB  . ILE A 1 102 ? 5.16875   8.86266   7.79374   1.000 28.78041 ? 102 ILE A CB  1 
ATOM   708  C CG1 . ILE A 1 102 ? 4.11441   9.19802   8.84712   1.000 25.12489 ? 102 ILE A CG1 1 
ATOM   709  C CG2 . ILE A 1 102 ? 5.50763   7.37797   7.83702   1.000 22.97665 ? 102 ILE A CG2 1 
ATOM   710  C CD1 . ILE A 1 102 ? 2.74233   8.67356   8.51431   1.000 29.74875 ? 102 ILE A CD1 1 
ATOM   711  N N   . GLU A 1 103 ? 8.58520   8.81206   7.34491   1.000 20.15762 ? 103 GLU A N   1 
ATOM   712  C CA  . GLU A 1 103 ? 9.58946   8.36400   6.38272   1.000 23.88002 ? 103 GLU A CA  1 
ATOM   713  C C   . GLU A 1 103 ? 9.05162   7.11185   5.70232   1.000 29.09197 ? 103 GLU A C   1 
ATOM   714  O O   . GLU A 1 103 ? 9.25453   5.98427   6.15751   1.000 22.65442 ? 103 GLU A O   1 
ATOM   715  C CB  . GLU A 1 103 ? 10.93242  8.11595   7.05589   1.000 27.92299 ? 103 GLU A CB  1 
ATOM   716  C CG  . GLU A 1 103 ? 12.07695  8.02311   6.06008   1.000 29.44438 ? 103 GLU A CG  1 
ATOM   717  C CD  . GLU A 1 103 ? 13.40402  7.67728   6.69840   1.000 32.73029 ? 103 GLU A CD  1 
ATOM   718  O OE1 . GLU A 1 103 ? 13.48320  7.66419   7.94405   1.000 46.35652 ? 103 GLU A OE1 1 
ATOM   719  O OE2 . GLU A 1 103 ? 14.36974  7.41826   5.94948   1.000 26.78332 ? 103 GLU A OE2 1 
ATOM   720  N N   . GLU A 1 104 ? 8.34999   7.32845   4.58688   1.000 29.62897 ? 104 GLU A N   1 
ATOM   721  C CA  . GLU A 1 104 ? 7.70144   6.23452   3.87431   1.000 26.48865 ? 104 GLU A CA  1 
ATOM   722  C C   . GLU A 1 104 ? 8.71999   5.27835   3.26933   1.000 25.30368 ? 104 GLU A C   1 
ATOM   723  O O   . GLU A 1 104 ? 8.47848   4.06665   3.20964   1.000 26.89611 ? 104 GLU A O   1 
ATOM   724  C CB  . GLU A 1 104 ? 6.77965   6.80659   2.79486   1.000 27.86896 ? 104 GLU A CB  1 
ATOM   725  C CG  . GLU A 1 104 ? 6.47566   5.85805   1.64898   1.000 32.40929 ? 104 GLU A CG  1 
ATOM   726  C CD  . GLU A 1 104 ? 7.35266   6.09547   0.43751   1.000 29.19323 ? 104 GLU A CD  1 
ATOM   727  O OE1 . GLU A 1 104 ? 7.60924   5.12890   -0.31147  1.000 44.51259 ? 104 GLU A OE1 1 
ATOM   728  O OE2 . GLU A 1 104 ? 7.78856   7.24672   0.23576   1.000 22.10558 ? 104 GLU A OE2 1 
ATOM   729  N N   . ALA A 1 105 ? 9.85647   5.80187   2.82392   1.000 22.86454 ? 105 ALA A N   1 
ATOM   730  C CA  . ALA A 1 105 ? 10.93162  4.99164   2.27802   1.000 31.63735 ? 105 ALA A CA  1 
ATOM   731  C C   . ALA A 1 105 ? 12.24500  5.66114   2.64679   1.000 35.66047 ? 105 ALA A C   1 
ATOM   732  O O   . ALA A 1 105 ? 12.26256  6.73761   3.24811   1.000 31.99410 ? 105 ALA A O   1 
ATOM   733  C CB  . ALA A 1 105 ? 10.79346  4.82320   0.76293   1.000 25.89832 ? 105 ALA A CB  1 
ATOM   734  N N   . SER A 1 106 ? 13.35141  5.01485   2.27758   1.000 32.63786 ? 106 SER A N   1 
ATOM   735  C CA  . SER A 1 106 ? 14.67076  5.54065   2.60980   1.000 35.28855 ? 106 SER A CA  1 
ATOM   736  C C   . SER A 1 106 ? 14.81993  6.97425   2.12110   1.000 35.64487 ? 106 SER A C   1 
ATOM   737  O O   . SER A 1 106 ? 15.07582  7.21000   0.93643   1.000 41.28022 ? 106 SER A O   1 
ATOM   738  C CB  . SER A 1 106 ? 15.77343  4.66463   2.01529   1.000 36.09545 ? 106 SER A CB  1 
ATOM   739  O OG  . SER A 1 106 ? 17.01295  4.90742   2.65699   1.000 39.08787 ? 106 SER A OG  1 
ATOM   740  N N   . GLY A 1 107 ? 14.64464  7.93535   3.02624   1.000 31.61867 ? 107 GLY A N   1 
ATOM   741  C CA  . GLY A 1 107 ? 14.76530  9.33748   2.69316   1.000 31.95847 ? 107 GLY A CA  1 
ATOM   742  C C   . GLY A 1 107 ? 13.53873  9.97327   2.07723   1.000 32.28880 ? 107 GLY A C   1 
ATOM   743  O O   . GLY A 1 107 ? 13.56016  11.18224  1.81411   1.000 28.55542 ? 107 GLY A O   1 
ATOM   744  N N   . ALA A 1 108 ? 12.47409  9.21112   1.83679   1.000 30.75084 ? 108 ALA A N   1 
ATOM   745  C CA  . ALA A 1 108 ? 11.24983  9.73606   1.24501   1.000 30.08248 ? 108 ALA A CA  1 
ATOM   746  C C   . ALA A 1 108 ? 10.21104  9.94017   2.34132   1.000 29.02376 ? 108 ALA A C   1 
ATOM   747  O O   . ALA A 1 108 ? 9.79452   8.97653   2.99309   1.000 31.75342 ? 108 ALA A O   1 
ATOM   748  C CB  . ALA A 1 108 ? 10.71906  8.79369   0.16533   1.000 27.78744 ? 108 ALA A CB  1 
ATOM   749  N N   . PHE A 1 109 ? 9.79666   11.18831  2.54096   1.000 24.00575 ? 109 PHE A N   1 
ATOM   750  C CA  . PHE A 1 109 ? 8.83501   11.54356  3.57232   1.000 20.58354 ? 109 PHE A CA  1 
ATOM   751  C C   . PHE A 1 109 ? 7.49848   11.91660  2.94813   1.000 22.37756 ? 109 PHE A C   1 
ATOM   752  O O   . PHE A 1 109 ? 7.43775   12.47494  1.84911   1.000 25.90571 ? 109 PHE A O   1 
ATOM   753  C CB  . PHE A 1 109 ? 9.33665   12.71497  4.42776   1.000 20.56821 ? 109 PHE A CB  1 
ATOM   754  C CG  . PHE A 1 109 ? 10.33523  12.31766  5.47491   1.000 25.33661 ? 109 PHE A CG  1 
ATOM   755  C CD1 . PHE A 1 109 ? 11.69447  12.38359  5.21916   1.000 23.28433 ? 109 PHE A CD1 1 
ATOM   756  C CD2 . PHE A 1 109 ? 9.91295   11.86564  6.71397   1.000 26.37274 ? 109 PHE A CD2 1 
ATOM   757  C CE1 . PHE A 1 109 ? 12.61335  12.01012  6.18371   1.000 27.91583 ? 109 PHE A CE1 1 
ATOM   758  C CE2 . PHE A 1 109 ? 10.82546  11.48599  7.67723   1.000 22.40586 ? 109 PHE A CE2 1 
ATOM   759  C CZ  . PHE A 1 109 ? 12.17791  11.55891  7.41279   1.000 20.90094 ? 109 PHE A CZ  1 
ATOM   760  N N   . VAL A 1 110 ? 6.42684   11.59100  3.66020   1.000 23.96494 ? 110 VAL A N   1 
ATOM   761  C CA  . VAL A 1 110 ? 5.09765   12.09873  3.35581   1.000 24.75756 ? 110 VAL A CA  1 
ATOM   762  C C   . VAL A 1 110 ? 4.63625   12.91584  4.55218   1.000 23.88906 ? 110 VAL A C   1 
ATOM   763  O O   . VAL A 1 110 ? 5.06519   12.68407  5.68726   1.000 26.78290 ? 110 VAL A O   1 
ATOM   764  C CB  . VAL A 1 110 ? 4.09192   10.97270  3.03456   1.000 23.40803 ? 110 VAL A CB  1 
ATOM   765  C CG1 . VAL A 1 110 ? 4.30581   10.45868  1.61456   1.000 22.29324 ? 110 VAL A CG1 1 
ATOM   766  C CG2 . VAL A 1 110 ? 4.21061   9.84686   4.05050   1.000 23.94936 ? 110 VAL A CG2 1 
ATOM   767  N N   . TYR A 1 111 ? 3.76505   13.88398  4.29535   1.000 20.89210 ? 111 TYR A N   1 
ATOM   768  C CA  . TYR A 1 111 ? 3.31461   14.79594  5.33229   1.000 22.64671 ? 111 TYR A CA  1 
ATOM   769  C C   . TYR A 1 111 ? 1.79594   14.80715  5.38957   1.000 25.12539 ? 111 TYR A C   1 
ATOM   770  O O   . TYR A 1 111 ? 1.11586   14.64254  4.37447   1.000 23.62091 ? 111 TYR A O   1 
ATOM   771  C CB  . TYR A 1 111 ? 3.86581   16.20407  5.09753   1.000 22.74331 ? 111 TYR A CB  1 
ATOM   772  C CG  . TYR A 1 111 ? 5.37365   16.22700  5.07694   1.000 20.97382 ? 111 TYR A CG  1 
ATOM   773  C CD1 . TYR A 1 111 ? 6.08031   15.93486  3.91638   1.000 21.30378 ? 111 TYR A CD1 1 
ATOM   774  C CD2 . TYR A 1 111 ? 6.09306   16.50610  6.23007   1.000 23.77587 ? 111 TYR A CD2 1 
ATOM   775  C CE1 . TYR A 1 111 ? 7.46293   15.94049  3.90301   1.000 20.87569 ? 111 TYR A CE1 1 
ATOM   776  C CE2 . TYR A 1 111 ? 7.47346   16.51730  6.22612   1.000 27.11330 ? 111 TYR A CE2 1 
ATOM   777  C CZ  . TYR A 1 111 ? 8.15353   16.23231  5.06181   1.000 24.34408 ? 111 TYR A CZ  1 
ATOM   778  O OH  . TYR A 1 111 ? 9.52887   16.24374  5.05834   1.000 30.15895 ? 111 TYR A OH  1 
ATOM   779  N N   . LEU A 1 112 ? 1.27437   14.97966  6.59582   1.000 22.29267 ? 112 LEU A N   1 
ATOM   780  C CA  . LEU A 1 112 ? -0.16086  14.98082  6.85099   1.000 25.77573 ? 112 LEU A CA  1 
ATOM   781  C C   . LEU A 1 112 ? -0.56405  16.42686  7.09298   1.000 27.33506 ? 112 LEU A C   1 
ATOM   782  O O   . LEU A 1 112 ? -0.39276  16.94782  8.19788   1.000 33.05013 ? 112 LEU A O   1 
ATOM   783  C CB  . LEU A 1 112 ? -0.50485  14.10707  8.05215   1.000 34.94856 ? 112 LEU A CB  1 
ATOM   784  C CG  . LEU A 1 112 ? 0.00947   12.66726  8.03180   1.000 30.18591 ? 112 LEU A CG  1 
ATOM   785  C CD1 . LEU A 1 112 ? -0.44579  11.92188  9.27760   1.000 28.29186 ? 112 LEU A CD1 1 
ATOM   786  C CD2 . LEU A 1 112 ? -0.42851  11.94227  6.77411   1.000 28.07190 ? 112 LEU A CD2 1 
ATOM   787  N N   . ARG A 1 113 ? -1.09141  17.07742  6.05840   1.000 36.07130 ? 113 ARG A N   1 
ATOM   788  C CA  . ARG A 1 113 ? -1.51881  18.46562  6.15398   1.000 28.42877 ? 113 ARG A CA  1 
ATOM   789  C C   . ARG A 1 113 ? -3.03991  18.59380  6.14765   1.000 28.60460 ? 113 ARG A C   1 
ATOM   790  O O   . ARG A 1 113 ? -3.61792  19.15994  7.07750   1.000 37.09364 ? 113 ARG A O   1 
ATOM   791  C CB  . ARG A 1 113 ? -0.91778  19.28830  5.00810   1.000 22.81168 ? 113 ARG A CB  1 
ATOM   792  C CG  . ARG A 1 113 ? 0.59324   19.25171  4.93962   1.000 25.38164 ? 113 ARG A CG  1 
ATOM   793  C CD  . ARG A 1 113 ? 1.22355   19.51706  6.29571   1.000 34.22992 ? 113 ARG A CD  1 
ATOM   794  N NE  . ARG A 1 113 ? 2.60620   19.96829  6.16730   1.000 42.23786 ? 113 ARG A NE  1 
ATOM   795  C CZ  . ARG A 1 113 ? 3.50336   19.92200  7.14677   1.000 35.01010 ? 113 ARG A CZ  1 
ATOM   796  N NH1 . ARG A 1 113 ? 3.16640   19.44179  8.33576   1.000 32.83590 ? 113 ARG A NH1 1 
ATOM   797  N NH2 . ARG A 1 113 ? 4.73912   20.35521  6.93648   1.000 26.27752 ? 113 ARG A NH2 1 
ATOM   798  N N   . GLN A 1 114 ? -3.69578  18.07352  5.11544   1.000 23.31148 ? 114 GLN A N   1 
ATOM   799  C CA  . GLN A 1 114 ? -5.12517  18.25397  4.92372   1.000 22.10145 ? 114 GLN A CA  1 
ATOM   800  C C   . GLN A 1 114 ? -5.84182  16.93022  5.12702   1.000 34.92270 ? 114 GLN A C   1 
ATOM   801  O O   . GLN A 1 114 ? -5.51335  15.94570  4.44775   1.000 34.68253 ? 114 GLN A O   1 
ATOM   802  C CB  . GLN A 1 114 ? -5.40186  18.80216  3.52357   1.000 25.82726 ? 114 GLN A CB  1 
ATOM   803  C CG  . GLN A 1 114 ? -6.84590  19.18790  3.25141   1.000 27.97847 ? 114 GLN A CG  1 
ATOM   804  C CD  . GLN A 1 114 ? -7.03484  19.77962  1.86376   1.000 27.13341 ? 114 GLN A CD  1 
ATOM   805  O OE1 . GLN A 1 114 ? -8.11627  20.25947  1.52168   1.000 25.45263 ? 114 GLN A OE1 1 
ATOM   806  N NE2 . GLN A 1 114 ? -5.97865  19.74942  1.05831   1.000 24.07778 ? 114 GLN A NE2 1 
ATOM   807  N N   . PRO A 1 115 ? -6.80540  16.84410  6.03702   1.000 37.04444 ? 115 PRO A N   1 
ATOM   808  C CA  . PRO A 1 115 ? -7.60547  15.62489  6.13870   1.000 30.07972 ? 115 PRO A CA  1 
ATOM   809  C C   . PRO A 1 115 ? -8.63636  15.57612  5.02634   1.000 27.81313 ? 115 PRO A C   1 
ATOM   810  O O   . PRO A 1 115 ? -9.13760  16.60352  4.56515   1.000 24.61093 ? 115 PRO A O   1 
ATOM   811  C CB  . PRO A 1 115 ? -8.26854  15.76164  7.51289   1.000 27.70185 ? 115 PRO A CB  1 
ATOM   812  C CG  . PRO A 1 115 ? -8.46369  17.23289  7.64801   1.000 27.81724 ? 115 PRO A CG  1 
ATOM   813  C CD  . PRO A 1 115 ? -7.25257  17.87152  6.99475   1.000 24.24568 ? 115 PRO A CD  1 
ATOM   814  N N   . TYR A 1 116 ? -8.93290  14.36133  4.57663   1.000 31.67988 ? 116 TYR A N   1 
ATOM   815  C CA  . TYR A 1 116 ? -9.96253  14.14126  3.56884   1.000 29.72840 ? 116 TYR A CA  1 
ATOM   816  C C   . TYR A 1 116 ? -11.26021 13.79066  4.28592   1.000 36.08434 ? 116 TYR A C   1 
ATOM   817  O O   . TYR A 1 116 ? -11.37004 12.72663  4.90307   1.000 34.31392 ? 116 TYR A O   1 
ATOM   818  C CB  . TYR A 1 116 ? -9.56179  13.04641  2.58409   1.000 26.79878 ? 116 TYR A CB  1 
ATOM   819  C CG  . TYR A 1 116 ? -10.54072 12.90571  1.43987   1.000 32.23603 ? 116 TYR A CG  1 
ATOM   820  C CD1 . TYR A 1 116 ? -10.35801 13.60533  0.25407   1.000 31.75552 ? 116 TYR A CD1 1 
ATOM   821  C CD2 . TYR A 1 116 ? -11.65449 12.08211  1.54846   1.000 39.90318 ? 116 TYR A CD2 1 
ATOM   822  C CE1 . TYR A 1 116 ? -11.25529 13.48593  -0.79318  1.000 38.71664 ? 116 TYR A CE1 1 
ATOM   823  C CE2 . TYR A 1 116 ? -12.55714 11.95603  0.50655   1.000 45.35940 ? 116 TYR A CE2 1 
ATOM   824  C CZ  . TYR A 1 116 ? -12.35251 12.65872  -0.66144  1.000 39.81958 ? 116 TYR A CZ  1 
ATOM   825  O OH  . TYR A 1 116 ? -13.24855 12.53310  -1.69896  1.000 35.72979 ? 116 TYR A OH  1 
ATOM   826  N N   . TYR A 1 117 ? -12.23929 14.68353  4.19700   1.000 50.35237 ? 117 TYR A N   1 
ATOM   827  C CA  . TYR A 1 117 ? -13.51193 14.50226  4.87907   1.000 39.06657 ? 117 TYR A CA  1 
ATOM   828  C C   . TYR A 1 117 ? -14.51478 13.78679  3.98218   1.000 45.69469 ? 117 TYR A C   1 
ATOM   829  O O   . TYR A 1 117 ? -15.33685 13.00350  4.45804   1.000 56.69772 ? 117 TYR A O   1 
ATOM   830  C CB  . TYR A 1 117 ? -14.07172 15.85311  5.32464   1.000 43.94571 ? 117 TYR A CB  1 
ATOM   831  C CG  . TYR A 1 117 ? -13.36580 16.44845  6.52253   1.000 44.98067 ? 117 TYR A CG  1 
ATOM   832  C CD1 . TYR A 1 117 ? -12.50121 15.68500  7.29882   1.000 44.46499 ? 117 TYR A CD1 1 
ATOM   833  C CD2 . TYR A 1 117 ? -13.56554 17.77624  6.87769   1.000 38.62604 ? 117 TYR A CD2 1 
ATOM   834  C CE1 . TYR A 1 117 ? -11.85919 16.22908  8.39984   1.000 45.69731 ? 117 TYR A CE1 1 
ATOM   835  C CE2 . TYR A 1 117 ? -12.92885 18.32877  7.97111   1.000 35.07092 ? 117 TYR A CE2 1 
ATOM   836  C CZ  . TYR A 1 117 ? -12.07771 17.55294  8.72907   1.000 53.71991 ? 117 TYR A CZ  1 
ATOM   837  O OH  . TYR A 1 117 ? -11.44483 18.10721  9.81821   1.000 43.63715 ? 117 TYR A OH  1 
ATOM   838  N N   . VAL B 2 3   ? -4.72684  -18.67002 4.72340   1.000 52.08365 ? 3   VAL B N   1 
ATOM   839  C CA  . VAL B 2 3   ? -5.97233  -19.38790 4.49534   1.000 50.29564 ? 3   VAL B CA  1 
ATOM   840  C C   . VAL B 2 3   ? -5.71420  -20.48704 3.45601   1.000 52.41222 ? 3   VAL B C   1 
ATOM   841  O O   . VAL B 2 3   ? -6.64162  -21.07078 2.89175   1.000 54.15457 ? 3   VAL B O   1 
ATOM   842  C CB  . VAL B 2 3   ? -7.09903  -18.41602 4.07847   1.000 57.92352 ? 3   VAL B CB  1 
ATOM   843  C CG1 . VAL B 2 3   ? -6.86239  -17.87386 2.68071   1.000 71.12782 ? 3   VAL B CG1 1 
ATOM   844  C CG2 . VAL B 2 3   ? -8.46644  -19.07432 4.20721   1.000 59.11412 ? 3   VAL B CG2 1 
ATOM   845  N N   . SER B 2 4   ? -4.42205  -20.74982 3.23238   1.000 57.76303 ? 4   SER B N   1 
ATOM   846  C CA  . SER B 2 4   ? -3.89745  -21.88362 2.46987   1.000 48.34149 ? 4   SER B CA  1 
ATOM   847  C C   . SER B 2 4   ? -4.02978  -21.71913 0.96146   1.000 49.58108 ? 4   SER B C   1 
ATOM   848  O O   . SER B 2 4   ? -3.08744  -22.02613 0.22514   1.000 44.32490 ? 4   SER B O   1 
ATOM   849  C CB  . SER B 2 4   ? -4.56240  -23.19293 2.89581   1.000 47.04042 ? 4   SER B CB  1 
ATOM   850  O OG  . SER B 2 4   ? -3.78943  -23.86116 3.87523   1.000 42.08706 ? 4   SER B OG  1 
ATOM   851  N N   . SER B 2 5   ? -5.18855  -21.26730 0.48098   1.000 59.25148 ? 5   SER B N   1 
ATOM   852  C CA  . SER B 2 5   ? -5.36625  -21.00235 -0.94772  1.000 53.68085 ? 5   SER B CA  1 
ATOM   853  C C   . SER B 2 5   ? -4.74309  -19.64370 -1.26137  1.000 60.27279 ? 5   SER B C   1 
ATOM   854  O O   . SER B 2 5   ? -5.41568  -18.62270 -1.42816  1.000 51.72851 ? 5   SER B O   1 
ATOM   855  C CB  . SER B 2 5   ? -6.83547  -21.07316 -1.33774  1.000 44.20848 ? 5   SER B CB  1 
ATOM   856  O OG  . SER B 2 5   ? -7.40050  -22.30969 -0.93682  1.000 49.98066 ? 5   SER B OG  1 
ATOM   857  N N   . VAL B 2 6   ? -3.41708  -19.65193 -1.34364  1.000 53.23468 ? 6   VAL B N   1 
ATOM   858  C CA  . VAL B 2 6   ? -2.59088  -18.46685 -1.54728  1.000 42.90023 ? 6   VAL B CA  1 
ATOM   859  C C   . VAL B 2 6   ? -1.81385  -18.69832 -2.83927  1.000 49.21687 ? 6   VAL B C   1 
ATOM   860  O O   . VAL B 2 6   ? -1.52731  -19.85847 -3.17053  1.000 45.92744 ? 6   VAL B O   1 
ATOM   861  C CB  . VAL B 2 6   ? -1.67540  -18.23735 -0.33038  1.000 44.64008 ? 6   VAL B CB  1 
ATOM   862  C CG1 . VAL B 2 6   ? -0.93500  -19.51619 0.01604   1.000 48.38443 ? 6   VAL B CG1 1 
ATOM   863  C CG2 . VAL B 2 6   ? -0.68396  -17.11491 -0.56571  1.000 43.38108 ? 6   VAL B CG2 1 
ATOM   864  N N   . PRO B 2 7   ? -1.50816  -17.66084 -3.62246  1.000 42.39359 ? 7   PRO B N   1 
ATOM   865  C CA  . PRO B 2 7   ? -0.69984  -17.85715 -4.83523  1.000 42.11998 ? 7   PRO B CA  1 
ATOM   866  C C   . PRO B 2 7   ? 0.56056   -18.66399 -4.55219  1.000 40.00925 ? 7   PRO B C   1 
ATOM   867  O O   . PRO B 2 7   ? 1.29892   -18.38861 -3.60399  1.000 34.28340 ? 7   PRO B O   1 
ATOM   868  C CB  . PRO B 2 7   ? -0.37262  -16.42478 -5.28221  1.000 41.88537 ? 7   PRO B CB  1 
ATOM   869  C CG  . PRO B 2 7   ? -1.09381  -15.49848 -4.31349  1.000 42.52270 ? 7   PRO B CG  1 
ATOM   870  C CD  . PRO B 2 7   ? -2.10147  -16.31664 -3.58259  1.000 40.91583 ? 7   PRO B CD  1 
ATOM   871  N N   . THR B 2 8   ? 0.80221   -19.67356 -5.39196  1.000 46.21811 ? 8   THR B N   1 
ATOM   872  C CA  . THR B 2 8   ? 1.74913   -20.73590 -5.07239  1.000 45.09933 ? 8   THR B CA  1 
ATOM   873  C C   . THR B 2 8   ? 3.18979   -20.42057 -5.45395  1.000 46.72450 ? 8   THR B C   1 
ATOM   874  O O   . THR B 2 8   ? 4.10364   -21.07437 -4.93800  1.000 54.59549 ? 8   THR B O   1 
ATOM   875  C CB  . THR B 2 8   ? 1.32204   -22.04322 -5.74944  1.000 45.31089 ? 8   THR B CB  1 
ATOM   876  O OG1 . THR B 2 8   ? 1.71913   -22.02890 -7.12588  1.000 51.48850 ? 8   THR B OG1 1 
ATOM   877  C CG2 . THR B 2 8   ? -0.18848  -22.21517 -5.66664  1.000 48.45177 ? 8   THR B CG2 1 
ATOM   878  N N   . LYS B 2 9   ? 3.42467   -19.45666 -6.33987  1.000 41.62664 ? 9   LYS B N   1 
ATOM   879  C CA  . LYS B 2 9   ? 4.78959   -19.01591 -6.59483  1.000 47.75763 ? 9   LYS B CA  1 
ATOM   880  C C   . LYS B 2 9   ? 4.75725   -17.60265 -7.15152  1.000 50.32375 ? 9   LYS B C   1 
ATOM   881  O O   . LYS B 2 9   ? 3.75064   -17.15663 -7.70550  1.000 51.30864 ? 9   LYS B O   1 
ATOM   882  C CB  . LYS B 2 9   ? 5.53668   -19.96169 -7.54374  1.000 49.73470 ? 9   LYS B CB  1 
ATOM   883  C CG  . LYS B 2 9   ? 4.77257   -20.37889 -8.78274  1.000 56.42131 ? 9   LYS B CG  1 
ATOM   884  C CD  . LYS B 2 9   ? 5.21877   -21.76151 -9.24393  1.000 60.38798 ? 9   LYS B CD  1 
ATOM   885  C CE  . LYS B 2 9   ? 4.43334   -22.86811 -8.56004  1.000 54.98963 ? 9   LYS B CE  1 
ATOM   886  N NZ  . LYS B 2 9   ? 3.04016   -22.94262 -9.07567  1.000 61.83833 ? 9   LYS B NZ  1 
ATOM   887  N N   . LEU B 2 10  ? 5.88062   -16.90588 -6.98851  1.000 37.10525 ? 10  LEU B N   1 
ATOM   888  C CA  . LEU B 2 10  ? 5.99248   -15.49859 -7.36304  1.000 28.45021 ? 10  LEU B CA  1 
ATOM   889  C C   . LEU B 2 10  ? 7.43929   -15.23820 -7.75518  1.000 32.95995 ? 10  LEU B C   1 
ATOM   890  O O   . LEU B 2 10  ? 8.33012   -15.28294 -6.90164  1.000 29.95303 ? 10  LEU B O   1 
ATOM   891  C CB  . LEU B 2 10  ? 5.56195   -14.59370 -6.21200  1.000 32.06007 ? 10  LEU B CB  1 
ATOM   892  C CG  . LEU B 2 10  ? 5.84507   -13.09333 -6.31540  1.000 29.10293 ? 10  LEU B CG  1 
ATOM   893  C CD1 . LEU B 2 10  ? 5.12223   -12.47541 -7.50226  1.000 27.07089 ? 10  LEU B CD1 1 
ATOM   894  C CD2 . LEU B 2 10  ? 5.44902   -12.39656 -5.02160  1.000 27.17883 ? 10  LEU B CD2 1 
ATOM   895  N N   . GLU B 2 11  ? 7.67458   -14.97059 -9.03613  1.000 32.57267 ? 11  GLU B N   1 
ATOM   896  C CA  . GLU B 2 11  ? 9.01949   -14.78824 -9.55646  1.000 28.96781 ? 11  GLU B CA  1 
ATOM   897  C C   . GLU B 2 11  ? 9.13880   -13.45078 -10.27066 1.000 34.41023 ? 11  GLU B C   1 
ATOM   898  O O   . GLU B 2 11  ? 8.15471   -12.89187 -10.76118 1.000 40.26011 ? 11  GLU B O   1 
ATOM   899  C CB  . GLU B 2 11  ? 9.40603   -15.90570 -10.53461 1.000 30.19438 ? 11  GLU B CB  1 
ATOM   900  C CG  . GLU B 2 11  ? 8.71489   -17.23135 -10.30013 1.000 46.83973 ? 11  GLU B CG  1 
ATOM   901  C CD  . GLU B 2 11  ? 8.84530   -18.16656 -11.48626 1.000 56.49303 ? 11  GLU B CD  1 
ATOM   902  O OE1 . GLU B 2 11  ? 7.95852   -18.13600 -12.36445 1.000 59.16546 ? 11  GLU B OE1 1 
ATOM   903  O OE2 . GLU B 2 11  ? 9.83211   -18.93183 -11.54194 1.000 62.93969 ? 11  GLU B OE2 1 
ATOM   904  N N   . VAL B 2 12  ? 10.36768  -12.94988 -10.33167 1.000 35.42229 ? 12  VAL B N   1 
ATOM   905  C CA  . VAL B 2 12  ? 10.70862  -11.82039 -11.18791 1.000 34.41597 ? 12  VAL B CA  1 
ATOM   906  C C   . VAL B 2 12  ? 11.17620  -12.37811 -12.52608 1.000 40.06284 ? 12  VAL B C   1 
ATOM   907  O O   . VAL B 2 12  ? 12.22248  -13.03088 -12.60598 1.000 40.56821 ? 12  VAL B O   1 
ATOM   908  C CB  . VAL B 2 12  ? 11.78855  -10.93574 -10.54801 1.000 26.04369 ? 12  VAL B CB  1 
ATOM   909  C CG1 . VAL B 2 12  ? 12.34728  -9.95479  -11.56633 1.000 30.76069 ? 12  VAL B CG1 1 
ATOM   910  C CG2 . VAL B 2 12  ? 11.22447  -10.19228 -9.35301  1.000 24.93406 ? 12  VAL B CG2 1 
ATOM   911  N N   . VAL B 2 13  ? 10.40101  -12.12421 -13.57590 1.000 29.00442 ? 13  VAL B N   1 
ATOM   912  C CA  . VAL B 2 13  ? 10.67340  -12.72972 -14.87325 1.000 34.63031 ? 13  VAL B CA  1 
ATOM   913  C C   . VAL B 2 13  ? 11.66679  -11.90774 -15.69038 1.000 36.05471 ? 13  VAL B C   1 
ATOM   914  O O   . VAL B 2 13  ? 12.43281  -12.46918 -16.48226 1.000 33.34855 ? 13  VAL B O   1 
ATOM   915  C CB  . VAL B 2 13  ? 9.34804   -12.92402 -15.62963 1.000 37.67143 ? 13  VAL B CB  1 
ATOM   916  C CG1 . VAL B 2 13  ? 9.58545   -13.51035 -17.01192 1.000 40.06525 ? 13  VAL B CG1 1 
ATOM   917  C CG2 . VAL B 2 13  ? 8.41093   -13.79943 -14.82126 1.000 34.19969 ? 13  VAL B CG2 1 
ATOM   918  N N   . ALA B 2 14  ? 11.68221  -10.59177 -15.50089 1.000 32.33170 ? 14  ALA B N   1 
ATOM   919  C CA  . ALA B 2 14  ? 12.58801  -9.71520  -16.22513 1.000 28.19398 ? 14  ALA B CA  1 
ATOM   920  C C   . ALA B 2 14  ? 12.69584  -8.40234  -15.46448 1.000 25.53733 ? 14  ALA B C   1 
ATOM   921  O O   . ALA B 2 14  ? 11.69634  -7.89150  -14.95293 1.000 27.01407 ? 14  ALA B O   1 
ATOM   922  C CB  . ALA B 2 14  ? 12.10273  -9.47291  -17.65756 1.000 28.66759 ? 14  ALA B CB  1 
ATOM   923  N N   . ALA B 2 15  ? 13.90808  -7.86135  -15.39555 1.000 29.69996 ? 15  ALA B N   1 
ATOM   924  C CA  . ALA B 2 15  ? 14.16067  -6.67562  -14.59392 1.000 28.73054 ? 15  ALA B CA  1 
ATOM   925  C C   . ALA B 2 15  ? 15.06404  -5.70554  -15.33507 1.000 24.68756 ? 15  ALA B C   1 
ATOM   926  O O   . ALA B 2 15  ? 16.03030  -6.11046  -15.98599 1.000 37.60534 ? 15  ALA B O   1 
ATOM   927  C CB  . ALA B 2 15  ? 14.80391  -7.04222  -13.25400 1.000 25.74865 ? 15  ALA B CB  1 
ATOM   928  N N   . THR B 2 16  ? 14.72910  -4.43204  -15.23882 1.000 27.60803 ? 16  THR B N   1 
ATOM   929  C CA  . THR B 2 16  ? 15.62263  -3.32051  -15.49644 1.000 31.06691 ? 16  THR B CA  1 
ATOM   930  C C   . THR B 2 16  ? 15.95071  -2.65380  -14.16300 1.000 32.57730 ? 16  THR B C   1 
ATOM   931  O O   . THR B 2 16  ? 15.31597  -2.93731  -13.14475 1.000 29.36261 ? 16  THR B O   1 
ATOM   932  C CB  . THR B 2 16  ? 14.97296  -2.31720  -16.46268 1.000 25.82593 ? 16  THR B CB  1 
ATOM   933  O OG1 . THR B 2 16  ? 14.05175  -1.48640  -15.74888 1.000 32.88310 ? 16  THR B OG1 1 
ATOM   934  C CG2 . THR B 2 16  ? 14.22929  -3.03246  -17.56948 1.000 30.04296 ? 16  THR B CG2 1 
ATOM   935  N N   . PRO B 2 17  ? 16.96142  -1.78027  -14.12807 1.000 31.35851 ? 17  PRO B N   1 
ATOM   936  C CA  . PRO B 2 17  ? 17.30293  -1.12102  -12.85373 1.000 27.49529 ? 17  PRO B CA  1 
ATOM   937  C C   . PRO B 2 17  ? 16.14214  -0.41352  -12.17094 1.000 29.56256 ? 17  PRO B C   1 
ATOM   938  O O   . PRO B 2 17  ? 16.14576  -0.29412  -10.93858 1.000 34.65201 ? 17  PRO B O   1 
ATOM   939  C CB  . PRO B 2 17  ? 18.39463  -0.13170  -13.27453 1.000 26.04538 ? 17  PRO B CB  1 
ATOM   940  C CG  . PRO B 2 17  ? 19.06156  -0.81110  -14.40897 1.000 26.16548 ? 17  PRO B CG  1 
ATOM   941  C CD  . PRO B 2 17  ? 17.96168  -1.48903  -15.17175 1.000 24.01444 ? 17  PRO B CD  1 
ATOM   942  N N   . THR B 2 18  ? 15.14479  0.05290   -12.92126 1.000 25.58979 ? 18  THR B N   1 
ATOM   943  C CA  . THR B 2 18  ? 14.03423  0.79845   -12.34474 1.000 28.09911 ? 18  THR B CA  1 
ATOM   944  C C   . THR B 2 18  ? 12.68794  0.10163   -12.50631 1.000 26.00414 ? 18  THR B C   1 
ATOM   945  O O   . THR B 2 18  ? 11.65194  0.73973   -12.29352 1.000 25.25400 ? 18  THR B O   1 
ATOM   946  C CB  . THR B 2 18  ? 13.96200  2.20100   -12.95678 1.000 28.49924 ? 18  THR B CB  1 
ATOM   947  O OG1 . THR B 2 18  ? 13.69956  2.09976   -14.36176 1.000 30.68465 ? 18  THR B OG1 1 
ATOM   948  C CG2 . THR B 2 18  ? 15.26928  2.94737   -12.74260 1.000 24.18290 ? 18  THR B CG2 1 
ATOM   949  N N   . SER B 2 19  ? 12.66375  -1.18195  -12.86544 1.000 27.01722 ? 19  SER B N   1 
ATOM   950  C CA  . SER B 2 19  ? 11.38289  -1.84131  -13.09424 1.000 26.34982 ? 19  SER B CA  1 
ATOM   951  C C   . SER B 2 19  ? 11.52820  -3.35127  -12.96830 1.000 27.25262 ? 19  SER B C   1 
ATOM   952  O O   . SER B 2 19  ? 12.61826  -3.90832  -13.12266 1.000 25.02478 ? 19  SER B O   1 
ATOM   953  C CB  . SER B 2 19  ? 10.80191  -1.47815  -14.46623 1.000 19.49820 ? 19  SER B CB  1 
ATOM   954  O OG  . SER B 2 19  ? 11.51293  -2.11787  -15.51029 1.000 25.11848 ? 19  SER B OG  1 
ATOM   955  N N   . LEU B 2 20  ? 10.39550  -4.00434  -12.69946 1.000 27.70812 ? 20  LEU B N   1 
ATOM   956  C CA  . LEU B 2 20  ? 10.31725  -5.45290  -12.57256 1.000 24.13713 ? 20  LEU B CA  1 
ATOM   957  C C   . LEU B 2 20  ? 9.05639   -5.95837  -13.25745 1.000 22.94592 ? 20  LEU B C   1 
ATOM   958  O O   . LEU B 2 20  ? 8.04077   -5.26054  -13.31773 1.000 27.71677 ? 20  LEU B O   1 
ATOM   959  C CB  . LEU B 2 20  ? 10.29930  -5.90572  -11.10534 1.000 25.13123 ? 20  LEU B CB  1 
ATOM   960  C CG  . LEU B 2 20  ? 11.48934  -5.58031  -10.20387 1.000 24.24168 ? 20  LEU B CG  1 
ATOM   961  C CD1 . LEU B 2 20  ? 11.11257  -5.77966  -8.74244  1.000 28.58793 ? 20  LEU B CD1 1 
ATOM   962  C CD2 . LEU B 2 20  ? 12.67106  -6.44043  -10.57096 1.000 19.95688 ? 20  LEU B CD2 1 
ATOM   963  N N   . LEU B 2 21  ? 9.12944   -7.18816  -13.76028 1.000 24.19658 ? 21  LEU B N   1 
ATOM   964  C CA  . LEU B 2 21  ? 7.99297   -7.88541  -14.36165 1.000 30.17125 ? 21  LEU B CA  1 
ATOM   965  C C   . LEU B 2 21  ? 7.76291   -9.15450  -13.54794 1.000 31.45583 ? 21  LEU B C   1 
ATOM   966  O O   . LEU B 2 21  ? 8.44344   -10.16394 -13.75918 1.000 32.45223 ? 21  LEU B O   1 
ATOM   967  C CB  . LEU B 2 21  ? 8.25601   -8.20139  -15.83308 1.000 28.37627 ? 21  LEU B CB  1 
ATOM   968  C CG  . LEU B 2 21  ? 7.24589   -9.08801  -16.57014 1.000 31.19195 ? 21  LEU B CG  1 
ATOM   969  C CD1 . LEU B 2 21  ? 5.84276   -8.49076  -16.53273 1.000 32.78883 ? 21  LEU B CD1 1 
ATOM   970  C CD2 . LEU B 2 21  ? 7.69421   -9.34643  -18.00338 1.000 26.54524 ? 21  LEU B CD2 1 
ATOM   971  N N   . ILE B 2 22  ? 6.81840   -9.10244  -12.60600 1.000 27.84051 ? 22  ILE B N   1 
ATOM   972  C CA  . ILE B 2 22  ? 6.56942   -10.23212 -11.71844 1.000 37.23204 ? 22  ILE B CA  1 
ATOM   973  C C   . ILE B 2 22  ? 5.48022   -11.10612 -12.31684 1.000 35.93418 ? 22  ILE B C   1 
ATOM   974  O O   . ILE B 2 22  ? 4.56171   -10.63015 -12.99268 1.000 27.53048 ? 22  ILE B O   1 
ATOM   975  C CB  . ILE B 2 22  ? 6.19553   -9.77683  -10.29015 1.000 32.67266 ? 22  ILE B CB  1 
ATOM   976  C CG1 . ILE B 2 22  ? 4.90263   -8.95633  -10.29570 1.000 33.05119 ? 22  ILE B CG1 1 
ATOM   977  C CG2 . ILE B 2 22  ? 7.33867   -8.99540  -9.66352  1.000 29.28850 ? 22  ILE B CG2 1 
ATOM   978  C CD1 . ILE B 2 22  ? 4.26395   -8.81996  -8.93214  1.000 24.59409 ? 22  ILE B CD1 1 
ATOM   979  N N   . SER B 2 23  ? 5.59854   -12.40842 -12.07262 1.000 36.86058 ? 23  SER B N   1 
ATOM   980  C CA  . SER B 2 23  ? 4.58958   -13.38470 -12.45511 1.000 39.13178 ? 23  SER B CA  1 
ATOM   981  C C   . SER B 2 23  ? 4.31014   -14.28530 -11.26611 1.000 31.15956 ? 23  SER B C   1 
ATOM   982  O O   . SER B 2 23  ? 5.24302   -14.79463 -10.63716 1.000 36.21633 ? 23  SER B O   1 
ATOM   983  C CB  . SER B 2 23  ? 5.03863   -14.23022 -13.65043 1.000 36.25450 ? 23  SER B CB  1 
ATOM   984  O OG  . SER B 2 23  ? 4.02218   -15.14270 -14.02942 1.000 29.79335 ? 23  SER B OG  1 
ATOM   985  N N   . TRP B 2 24  ? 3.03437   -14.46968 -10.95497 1.000 31.58130 ? 24  TRP B N   1 
ATOM   986  C CA  . TRP B 2 24  ? 2.61551   -15.43839 -9.95841  1.000 32.85444 ? 24  TRP B CA  1 
ATOM   987  C C   . TRP B 2 24  ? 1.80678   -16.54144 -10.62587 1.000 38.98737 ? 24  TRP B C   1 
ATOM   988  O O   . TRP B 2 24  ? 1.34167   -16.40365 -11.76047 1.000 42.08877 ? 24  TRP B O   1 
ATOM   989  C CB  . TRP B 2 24  ? 1.80010   -14.77752 -8.83824  1.000 31.84357 ? 24  TRP B CB  1 
ATOM   990  C CG  . TRP B 2 24  ? 0.55117   -14.07980 -9.29346  1.000 33.17209 ? 24  TRP B CG  1 
ATOM   991  C CD1 . TRP B 2 24  ? -0.72299  -14.57000 -9.26026  1.000 34.30303 ? 24  TRP B CD1 1 
ATOM   992  C CD2 . TRP B 2 24  ? 0.45738   -12.75702 -9.83282  1.000 34.86984 ? 24  TRP B CD2 1 
ATOM   993  N NE1 . TRP B 2 24  ? -1.60271  -13.63619 -9.75322  1.000 40.06389 ? 24  TRP B NE1 1 
ATOM   994  C CE2 . TRP B 2 24  ? -0.90308  -12.51417 -10.11186 1.000 36.07084 ? 24  TRP B CE2 1 
ATOM   995  C CE3 . TRP B 2 24  ? 1.39220   -11.75538 -10.11044 1.000 30.57197 ? 24  TRP B CE3 1 
ATOM   996  C CZ2 . TRP B 2 24  ? -1.35043  -11.31117 -10.65477 1.000 32.82344 ? 24  TRP B CZ2 1 
ATOM   997  C CZ3 . TRP B 2 24  ? 0.94677   -10.56270 -10.65022 1.000 30.44450 ? 24  TRP B CZ3 1 
ATOM   998  C CH2 . TRP B 2 24  ? -0.41204  -10.35035 -10.91669 1.000 32.94911 ? 24  TRP B CH2 1 
ATOM   999  N N   . ASP B 2 25  ? 1.66577   -17.65587 -9.91714  1.000 48.47932 ? 25  ASP B N   1 
ATOM   1000 C CA  . ASP B 2 25  ? 0.82069   -18.75670 -10.35575 1.000 47.75249 ? 25  ASP B CA  1 
ATOM   1001 C C   . ASP B 2 25  ? -0.43155  -18.78276 -9.49289  1.000 38.89251 ? 25  ASP B C   1 
ATOM   1002 O O   . ASP B 2 25  ? -0.34406  -18.73875 -8.26059  1.000 34.77230 ? 25  ASP B O   1 
ATOM   1003 C CB  . ASP B 2 25  ? 1.56179   -20.09507 -10.28862 1.000 40.41227 ? 25  ASP B CB  1 
ATOM   1004 C CG  . ASP B 2 25  ? 2.30002   -20.41391 -11.58098 1.000 52.36580 ? 25  ASP B CG  1 
ATOM   1005 O OD1 . ASP B 2 25  ? 1.93421   -19.83920 -12.62798 1.000 60.83391 ? 25  ASP B OD1 1 
ATOM   1006 O OD2 . ASP B 2 25  ? 3.23764   -21.23805 -11.56057 1.000 44.07849 ? 25  ASP B OD2 1 
ATOM   1007 N N   . ALA B 2 26  ? -1.58848  -18.83331 -10.14617 1.000 37.23745 ? 26  ALA B N   1 
ATOM   1008 C CA  . ALA B 2 26  ? -2.88344  -18.77416 -9.48344  1.000 40.02978 ? 26  ALA B CA  1 
ATOM   1009 C C   . ALA B 2 26  ? -2.99156  -19.83288 -8.39343  1.000 41.74994 ? 26  ALA B C   1 
ATOM   1010 O O   . ALA B 2 26  ? -2.41947  -20.92243 -8.52339  1.000 44.39287 ? 26  ALA B O   1 
ATOM   1011 C CB  . ALA B 2 26  ? -4.00750  -18.94991 -10.50414 1.000 44.40677 ? 26  ALA B CB  1 
ATOM   1012 N N   . PRO B 2 27  ? -3.68977  -19.54796 -7.30441  1.000 42.51287 ? 27  PRO B N   1 
ATOM   1013 C CA  . PRO B 2 27  ? -3.92965  -20.56220 -6.27638  1.000 45.85774 ? 27  PRO B CA  1 
ATOM   1014 C C   . PRO B 2 27  ? -5.00438  -21.54144 -6.73883  1.000 50.34842 ? 27  PRO B C   1 
ATOM   1015 O O   . PRO B 2 27  ? -5.56284  -21.42348 -7.82791  1.000 46.27571 ? 27  PRO B O   1 
ATOM   1016 C CB  . PRO B 2 27  ? -4.38673  -19.73617 -5.07262  1.000 46.54039 ? 27  PRO B CB  1 
ATOM   1017 C CG  . PRO B 2 27  ? -4.99104  -18.51965 -5.67222  1.000 41.95054 ? 27  PRO B CG  1 
ATOM   1018 C CD  . PRO B 2 27  ? -4.18598  -18.22201 -6.90011  1.000 41.85997 ? 27  PRO B CD  1 
ATOM   1019 N N   . ALA B 2 28  ? -5.29088  -22.51985 -5.87522  1.000 52.60381 ? 28  ALA B N   1 
ATOM   1020 C CA  . ALA B 2 28  ? -6.21278  -23.59040 -6.24389  1.000 54.96789 ? 28  ALA B CA  1 
ATOM   1021 C C   . ALA B 2 28  ? -7.63155  -23.07666 -6.45862  1.000 56.94224 ? 28  ALA B C   1 
ATOM   1022 O O   . ALA B 2 28  ? -8.36919  -23.62588 -7.28521  1.000 43.85443 ? 28  ALA B O   1 
ATOM   1023 C CB  . ALA B 2 28  ? -6.20338  -24.68415 -5.17621  1.000 55.02460 ? 28  ALA B CB  1 
ATOM   1024 N N   . VAL B 2 29  ? -8.02887  -22.02801 -5.73803  1.000 58.27042 ? 29  VAL B N   1 
ATOM   1025 C CA  . VAL B 2 29  ? -9.39043  -21.50631 -5.78529  1.000 47.45710 ? 29  VAL B CA  1 
ATOM   1026 C C   . VAL B 2 29  ? -9.48197  -20.42002 -6.85111  1.000 46.00542 ? 29  VAL B C   1 
ATOM   1027 O O   . VAL B 2 29  ? -8.49191  -19.76428 -7.19043  1.000 49.36956 ? 29  VAL B O   1 
ATOM   1028 C CB  . VAL B 2 29  ? -9.81299  -20.99059 -4.39073  1.000 47.14716 ? 29  VAL B CB  1 
ATOM   1029 C CG1 . VAL B 2 29  ? -11.23678 -20.45414 -4.40210  1.000 48.07522 ? 29  VAL B CG1 1 
ATOM   1030 C CG2 . VAL B 2 29  ? -9.68263  -22.10309 -3.36259  1.000 50.63464 ? 29  VAL B CG2 1 
ATOM   1031 N N   . THR B 2 30  ? -10.68211 -20.25508 -7.40947  1.000 45.40472 ? 30  THR B N   1 
ATOM   1032 C CA  . THR B 2 30  ? -10.95182 -19.17539 -8.35033  1.000 43.95898 ? 30  THR B CA  1 
ATOM   1033 C C   . THR B 2 30  ? -10.75368 -17.82159 -7.67845  1.000 50.30691 ? 30  THR B C   1 
ATOM   1034 O O   . THR B 2 30  ? -11.20135 -17.60287 -6.54869  1.000 41.47753 ? 30  THR B O   1 
ATOM   1035 C CB  . THR B 2 30  ? -12.38103 -19.29254 -8.88238  1.000 34.63573 ? 30  THR B CB  1 
ATOM   1036 O OG1 . THR B 2 30  ? -12.57004 -20.58706 -9.46453  1.000 46.83076 ? 30  THR B OG1 1 
ATOM   1037 C CG2 . THR B 2 30  ? -12.65575 -18.22459 -9.92914  1.000 36.91227 ? 30  THR B CG2 1 
ATOM   1038 N N   . VAL B 2 31  ? -10.08654 -16.90884 -8.38097  1.000 48.51560 ? 31  VAL B N   1 
ATOM   1039 C CA  . VAL B 2 31  ? -9.76085  -15.58616 -7.86133  1.000 36.73025 ? 31  VAL B CA  1 
ATOM   1040 C C   . VAL B 2 31  ? -10.47663 -14.54345 -8.70553  1.000 30.62600 ? 31  VAL B C   1 
ATOM   1041 O O   . VAL B 2 31  ? -10.48451 -14.63470 -9.93796  1.000 39.65899 ? 31  VAL B O   1 
ATOM   1042 C CB  . VAL B 2 31  ? -8.24187  -15.33658 -7.85896  1.000 34.69047 ? 31  VAL B CB  1 
ATOM   1043 C CG1 . VAL B 2 31  ? -7.91102  -14.10473 -7.04113  1.000 34.79354 ? 31  VAL B CG1 1 
ATOM   1044 C CG2 . VAL B 2 31  ? -7.51357  -16.54711 -7.30670  1.000 31.22819 ? 31  VAL B CG2 1 
ATOM   1045 N N   . ASP B 2 32  ? -11.07865 -13.55572 -8.04188  1.000 30.19846 ? 32  ASP B N   1 
ATOM   1046 C CA  . ASP B 2 32  ? -11.72529 -12.46658 -8.76586  1.000 31.59936 ? 32  ASP B CA  1 
ATOM   1047 C C   . ASP B 2 32  ? -10.71587 -11.41922 -9.21409  1.000 33.93485 ? 32  ASP B C   1 
ATOM   1048 O O   . ASP B 2 32  ? -10.77833 -10.93696 -10.35027 1.000 39.01681 ? 32  ASP B O   1 
ATOM   1049 C CB  . ASP B 2 32  ? -12.80332 -11.82128 -7.89735  1.000 36.98122 ? 32  ASP B CB  1 
ATOM   1050 C CG  . ASP B 2 32  ? -14.08025 -12.62570 -7.86820  1.000 38.99221 ? 32  ASP B CG  1 
ATOM   1051 O OD1 . ASP B 2 32  ? -14.46446 -13.16546 -8.92714  1.000 39.88354 ? 32  ASP B OD1 1 
ATOM   1052 O OD2 . ASP B 2 32  ? -14.69962 -12.71477 -6.78820  1.000 44.35746 ? 32  ASP B OD2 1 
ATOM   1053 N N   . TYR B 2 33  ? -9.78688  -11.05641 -8.33572  1.000 28.60996 ? 33  TYR B N   1 
ATOM   1054 C CA  . TYR B 2 33  ? -8.75141  -10.09027 -8.66384  1.000 29.67574 ? 33  TYR B CA  1 
ATOM   1055 C C   . TYR B 2 33  ? -7.55736  -10.34397 -7.76195  1.000 31.94039 ? 33  TYR B C   1 
ATOM   1056 O O   . TYR B 2 33  ? -7.68071  -10.94909 -6.69507  1.000 36.27151 ? 33  TYR B O   1 
ATOM   1057 C CB  . TYR B 2 33  ? -9.24507  -8.64994  -8.49960  1.000 29.14110 ? 33  TYR B CB  1 
ATOM   1058 C CG  . TYR B 2 33  ? -9.77351  -8.32934  -7.11642  1.000 35.32699 ? 33  TYR B CG  1 
ATOM   1059 C CD1 . TYR B 2 33  ? -11.08692 -8.61961  -6.76635  1.000 39.39314 ? 33  TYR B CD1 1 
ATOM   1060 C CD2 . TYR B 2 33  ? -8.96276  -7.72473  -6.16431  1.000 34.28145 ? 33  TYR B CD2 1 
ATOM   1061 C CE1 . TYR B 2 33  ? -11.57646 -8.32074  -5.50376  1.000 41.63757 ? 33  TYR B CE1 1 
ATOM   1062 C CE2 . TYR B 2 33  ? -9.44351  -7.42114  -4.90079  1.000 33.82125 ? 33  TYR B CE2 1 
ATOM   1063 C CZ  . TYR B 2 33  ? -10.74980 -7.72150  -4.57494  1.000 33.38144 ? 33  TYR B CZ  1 
ATOM   1064 O OH  . TYR B 2 33  ? -11.23169 -7.42291  -3.31939  1.000 26.71410 ? 33  TYR B OH  1 
ATOM   1065 N N   . TYR B 2 34  ? -6.39844  -9.87437  -8.20503  1.000 29.00054 ? 34  TYR B N   1 
ATOM   1066 C CA  . TYR B 2 34  ? -5.20311  -9.88287  -7.38167  1.000 31.96593 ? 34  TYR B CA  1 
ATOM   1067 C C   . TYR B 2 34  ? -4.82911  -8.45889  -6.99496  1.000 38.76931 ? 34  TYR B C   1 
ATOM   1068 O O   . TYR B 2 34  ? -4.98975  -7.51604  -7.77732  1.000 35.70411 ? 34  TYR B O   1 
ATOM   1069 C CB  . TYR B 2 34  ? -4.03165  -10.55637 -8.09986  1.000 34.03726 ? 34  TYR B CB  1 
ATOM   1070 C CG  . TYR B 2 34  ? -4.30022  -12.00069 -8.45023  1.000 37.80654 ? 34  TYR B CG  1 
ATOM   1071 C CD1 . TYR B 2 34  ? -4.09644  -13.01162 -7.51982  1.000 32.50799 ? 34  TYR B CD1 1 
ATOM   1072 C CD2 . TYR B 2 34  ? -4.76522  -12.35390 -9.70982  1.000 34.09195 ? 34  TYR B CD2 1 
ATOM   1073 C CE1 . TYR B 2 34  ? -4.34676  -14.33599 -7.83551  1.000 35.95993 ? 34  TYR B CE1 1 
ATOM   1074 C CE2 . TYR B 2 34  ? -5.01733  -13.67643 -10.03525 1.000 40.81633 ? 34  TYR B CE2 1 
ATOM   1075 C CZ  . TYR B 2 34  ? -4.80704  -14.66312 -9.09505  1.000 36.84296 ? 34  TYR B CZ  1 
ATOM   1076 O OH  . TYR B 2 34  ? -5.05985  -15.97741 -9.42081  1.000 39.92851 ? 34  TYR B OH  1 
ATOM   1077 N N   . VAL B 2 35  ? -4.35376  -8.31803  -5.76144  1.000 30.08511 ? 35  VAL B N   1 
ATOM   1078 C CA  . VAL B 2 35  ? -3.80874  -7.07106  -5.24163  1.000 25.88329 ? 35  VAL B CA  1 
ATOM   1079 C C   . VAL B 2 35  ? -2.31612  -7.27158  -5.01709  1.000 31.89348 ? 35  VAL B C   1 
ATOM   1080 O O   . VAL B 2 35  ? -1.88960  -8.31630  -4.51026  1.000 34.75500 ? 35  VAL B O   1 
ATOM   1081 C CB  . VAL B 2 35  ? -4.52012  -6.64072  -3.94241  1.000 31.79915 ? 35  VAL B CB  1 
ATOM   1082 C CG1 . VAL B 2 35  ? -4.03473  -5.26564  -3.48881  1.000 27.30532 ? 35  VAL B CG1 1 
ATOM   1083 C CG2 . VAL B 2 35  ? -6.03060  -6.64423  -4.13815  1.000 29.44700 ? 35  VAL B CG2 1 
ATOM   1084 N N   . ILE B 2 36  ? -1.52157  -6.28542  -5.43005  1.000 32.94530 ? 36  ILE B N   1 
ATOM   1085 C CA  . ILE B 2 36  ? -0.06699  -6.34150  -5.34669  1.000 31.21124 ? 36  ILE B CA  1 
ATOM   1086 C C   . ILE B 2 36  ? 0.42667   -5.06668  -4.68683  1.000 33.44946 ? 36  ILE B C   1 
ATOM   1087 O O   . ILE B 2 36  ? 0.07822   -3.96401  -5.12248  1.000 40.67185 ? 36  ILE B O   1 
ATOM   1088 C CB  . ILE B 2 36  ? 0.59685   -6.51700  -6.72801  1.000 35.11660 ? 36  ILE B CB  1 
ATOM   1089 C CG1 . ILE B 2 36  ? -0.05936  -7.65699  -7.50238  1.000 41.11221 ? 36  ILE B CG1 1 
ATOM   1090 C CG2 . ILE B 2 36  ? 2.10032   -6.75968  -6.58290  1.000 40.61240 ? 36  ILE B CG2 1 
ATOM   1091 C CD1 . ILE B 2 36  ? -0.95190  -7.21587  -8.65892  1.000 26.88436 ? 36  ILE B CD1 1 
ATOM   1092 N N   . THR B 2 37  ? 1.23635   -5.21726  -3.64249  1.000 35.78496 ? 37  THR B N   1 
ATOM   1093 C CA  . THR B 2 37  ? 1.89722   -4.09845  -2.99359  1.000 28.11000 ? 37  THR B CA  1 
ATOM   1094 C C   . THR B 2 37  ? 3.40144   -4.23237  -3.17119  1.000 28.51834 ? 37  THR B C   1 
ATOM   1095 O O   . THR B 2 37  ? 3.92538   -5.33908  -3.32963  1.000 29.08697 ? 37  THR B O   1 
ATOM   1096 C CB  . THR B 2 37  ? 1.55880   -4.03383  -1.49343  1.000 32.26037 ? 37  THR B CB  1 
ATOM   1097 O OG1 . THR B 2 37  ? 2.11470   -5.17662  -0.81491  1.000 26.22324 ? 37  THR B OG1 1 
ATOM   1098 C CG2 . THR B 2 37  ? 0.04817   -4.00122  -1.29104  1.000 33.16081 ? 37  THR B CG2 1 
ATOM   1099 N N   . TYR B 2 38  ? 4.09323   -3.09560  -3.15158  1.000 24.23765 ? 38  TYR B N   1 
ATOM   1100 C CA  . TYR B 2 38  ? 5.54667   -3.10684  -3.19594  1.000 24.29421 ? 38  TYR B CA  1 
ATOM   1101 C C   . TYR B 2 38  ? 6.09049   -1.87425  -2.48724  1.000 32.31296 ? 38  TYR B C   1 
ATOM   1102 O O   . TYR B 2 38  ? 5.47715   -0.80278  -2.49729  1.000 29.05913 ? 38  TYR B O   1 
ATOM   1103 C CB  . TYR B 2 38  ? 6.08078   -3.17646  -4.63455  1.000 23.57383 ? 38  TYR B CB  1 
ATOM   1104 C CG  . TYR B 2 38  ? 5.68680   -2.00341  -5.49560  1.000 23.70581 ? 38  TYR B CG  1 
ATOM   1105 C CD1 . TYR B 2 38  ? 4.50125   -2.01983  -6.21524  1.000 28.54762 ? 38  TYR B CD1 1 
ATOM   1106 C CD2 . TYR B 2 38  ? 6.49928   -0.88099  -5.59321  1.000 20.64620 ? 38  TYR B CD2 1 
ATOM   1107 C CE1 . TYR B 2 38  ? 4.13049   -0.95231  -7.00111  1.000 24.14336 ? 38  TYR B CE1 1 
ATOM   1108 C CE2 . TYR B 2 38  ? 6.13655   0.19515   -6.38089  1.000 22.05491 ? 38  TYR B CE2 1 
ATOM   1109 C CZ  . TYR B 2 38  ? 4.95042   0.15214   -7.08342  1.000 24.34931 ? 38  TYR B CZ  1 
ATOM   1110 O OH  . TYR B 2 38  ? 4.57251   1.21209   -7.87185  1.000 22.50379 ? 38  TYR B OH  1 
ATOM   1111 N N   . GLY B 2 39  ? 7.25353   -2.04472  -1.87347  1.000 29.52901 ? 39  GLY B N   1 
ATOM   1112 C CA  . GLY B 2 39  ? 7.90405   -0.96910  -1.15102  1.000 15.66096 ? 39  GLY B CA  1 
ATOM   1113 C C   . GLY B 2 39  ? 9.25900   -1.44411  -0.68798  1.000 21.77742 ? 39  GLY B C   1 
ATOM   1114 O O   . GLY B 2 39  ? 9.60608   -2.62077  -0.81684  1.000 30.02632 ? 39  GLY B O   1 
ATOM   1115 N N   . GLU B 2 40  ? 10.02935  -0.50904  -0.14740  1.000 26.62184 ? 40  GLU B N   1 
ATOM   1116 C CA  . GLU B 2 40  ? 11.36289  -0.84873  0.32619   1.000 27.01588 ? 40  GLU B CA  1 
ATOM   1117 C C   . GLU B 2 40  ? 11.27198  -1.70548  1.58230   1.000 28.74041 ? 40  GLU B C   1 
ATOM   1118 O O   . GLU B 2 40  ? 10.49398  -1.41017  2.49552   1.000 28.03343 ? 40  GLU B O   1 
ATOM   1119 C CB  . GLU B 2 40  ? 12.17131  0.41681   0.59791   1.000 23.35403 ? 40  GLU B CB  1 
ATOM   1120 C CG  . GLU B 2 40  ? 12.21501  1.37549   -0.57800  1.000 30.58177 ? 40  GLU B CG  1 
ATOM   1121 C CD  . GLU B 2 40  ? 13.16650  2.52840   -0.34654  1.000 39.54422 ? 40  GLU B CD  1 
ATOM   1122 O OE1 . GLU B 2 40  ? 13.96251  2.45316   0.61049   1.000 32.62345 ? 40  GLU B OE1 1 
ATOM   1123 O OE2 . GLU B 2 40  ? 13.12030  3.50966   -1.11789  1.000 48.38334 ? 40  GLU B OE2 1 
ATOM   1124 N N   . THR B 2 41  ? 12.06328  -2.77533  1.61949   1.000 31.97718 ? 41  THR B N   1 
ATOM   1125 C CA  . THR B 2 41  ? 12.08375  -3.65091  2.78274   1.000 30.89035 ? 41  THR B CA  1 
ATOM   1126 C C   . THR B 2 41  ? 12.46091  -2.86092  4.02923   1.000 22.17286 ? 41  THR B C   1 
ATOM   1127 O O   . THR B 2 41  ? 13.43986  -2.11053  4.03052   1.000 23.86610 ? 41  THR B O   1 
ATOM   1128 C CB  . THR B 2 41  ? 13.06861  -4.80058  2.56525   1.000 28.51831 ? 41  THR B CB  1 
ATOM   1129 O OG1 . THR B 2 41  ? 12.87968  -5.35435  1.25604   1.000 27.57919 ? 41  THR B OG1 1 
ATOM   1130 C CG2 . THR B 2 41  ? 12.85537  -5.88340  3.61097   1.000 19.76281 ? 41  THR B CG2 1 
ATOM   1131 N N   . GLY B 2 42  ? 11.66518  -3.01930  5.08691   1.000 23.89502 ? 42  GLY B N   1 
ATOM   1132 C CA  . GLY B 2 42  ? 11.89948  -2.34113  6.34147   1.000 24.91381 ? 42  GLY B CA  1 
ATOM   1133 C C   . GLY B 2 42  ? 11.15987  -1.03308  6.51584   1.000 29.76513 ? 42  GLY B C   1 
ATOM   1134 O O   . GLY B 2 42  ? 11.15863  -0.48548  7.62611   1.000 26.72681 ? 42  GLY B O   1 
ATOM   1135 N N   . TYR B 2 43  ? 10.52909  -0.51433  5.46286   1.000 27.21119 ? 43  TYR B N   1 
ATOM   1136 C CA  . TYR B 2 43  ? 9.84035   0.76152   5.54510   1.000 32.11692 ? 43  TYR B CA  1 
ATOM   1137 C C   . TYR B 2 43  ? 8.32729   0.56556   5.48475   1.000 33.55764 ? 43  TYR B C   1 
ATOM   1138 O O   . TYR B 2 43  ? 7.84006   -0.36606  4.83699   1.000 37.52388 ? 43  TYR B O   1 
ATOM   1139 C CB  . TYR B 2 43  ? 10.28641  1.69851   4.41544   1.000 32.04165 ? 43  TYR B CB  1 
ATOM   1140 C CG  . TYR B 2 43  ? 11.69032  2.22614   4.60529   1.000 29.53411 ? 43  TYR B CG  1 
ATOM   1141 C CD1 . TYR B 2 43  ? 11.92722  3.38593   5.33404   1.000 30.36344 ? 43  TYR B CD1 1 
ATOM   1142 C CD2 . TYR B 2 43  ? 12.78044  1.55531   4.06888   1.000 28.92888 ? 43  TYR B CD2 1 
ATOM   1143 C CE1 . TYR B 2 43  ? 13.21214  3.86564   5.51622   1.000 29.41823 ? 43  TYR B CE1 1 
ATOM   1144 C CE2 . TYR B 2 43  ? 14.06745  2.02642   4.24463   1.000 37.91145 ? 43  TYR B CE2 1 
ATOM   1145 C CZ  . TYR B 2 43  ? 14.27880  3.17948   4.97045   1.000 32.31025 ? 43  TYR B CZ  1 
ATOM   1146 O OH  . TYR B 2 43  ? 15.56117  3.64815   5.14235   1.000 29.06220 ? 43  TYR B OH  1 
ATOM   1147 N N   . PRO B 2 44  ? 7.55485   1.42909   6.15217   1.000 31.58528 ? 44  PRO B N   1 
ATOM   1148 C CA  . PRO B 2 44  ? 6.10384   1.21383   6.23563   1.000 27.37542 ? 44  PRO B CA  1 
ATOM   1149 C C   . PRO B 2 44  ? 5.32921   1.63295   4.99652   1.000 28.61995 ? 44  PRO B C   1 
ATOM   1150 O O   . PRO B 2 44  ? 4.13940   1.30371   4.89494   1.000 28.66655 ? 44  PRO B O   1 
ATOM   1151 C CB  . PRO B 2 44  ? 5.70667   2.07291   7.43923   1.000 24.16810 ? 44  PRO B CB  1 
ATOM   1152 C CG  . PRO B 2 44  ? 6.66912   3.21730   7.38115   1.000 23.82270 ? 44  PRO B CG  1 
ATOM   1153 C CD  . PRO B 2 44  ? 7.97582   2.63001   6.89785   1.000 25.53889 ? 44  PRO B CD  1 
ATOM   1154 N N   . GLY B 2 45  ? 5.94852   2.34876   4.06181   1.000 24.93031 ? 45  GLY B N   1 
ATOM   1155 C CA  . GLY B 2 45  ? 5.22885   2.80752   2.88836   1.000 22.69132 ? 45  GLY B CA  1 
ATOM   1156 C C   . GLY B 2 45  ? 5.19991   1.75213   1.79594   1.000 22.37172 ? 45  GLY B C   1 
ATOM   1157 O O   . GLY B 2 45  ? 6.15798   1.00777   1.59246   1.000 28.05624 ? 45  GLY B O   1 
ATOM   1158 N N   . TYR B 2 46  ? 4.07428   1.69319   1.08922   1.000 19.18309 ? 46  TYR B N   1 
ATOM   1159 C CA  . TYR B 2 46  ? 3.93019   0.77744   -0.03132  1.000 19.68470 ? 46  TYR B CA  1 
ATOM   1160 C C   . TYR B 2 46  ? 2.97078   1.37380   -1.05044  1.000 21.57100 ? 46  TYR B C   1 
ATOM   1161 O O   . TYR B 2 46  ? 2.10298   2.18314   -0.71053  1.000 24.65423 ? 46  TYR B O   1 
ATOM   1162 C CB  . TYR B 2 46  ? 3.43737   -0.60393  0.42299   1.000 23.92629 ? 46  TYR B CB  1 
ATOM   1163 C CG  . TYR B 2 46  ? 2.02278   -0.63527  0.96968   1.000 23.02394 ? 46  TYR B CG  1 
ATOM   1164 C CD1 . TYR B 2 46  ? 1.75409   -0.33586  2.30293   1.000 23.60467 ? 46  TYR B CD1 1 
ATOM   1165 C CD2 . TYR B 2 46  ? 0.95678   -0.97481  0.15178   1.000 22.47875 ? 46  TYR B CD2 1 
ATOM   1166 C CE1 . TYR B 2 46  ? 0.45419   -0.37347  2.79943   1.000 21.70116 ? 46  TYR B CE1 1 
ATOM   1167 C CE2 . TYR B 2 46  ? -0.33811  -1.01653  0.63518   1.000 28.01424 ? 46  TYR B CE2 1 
ATOM   1168 C CZ  . TYR B 2 46  ? -0.58861  -0.71732  1.95599   1.000 27.49267 ? 46  TYR B CZ  1 
ATOM   1169 O OH  . TYR B 2 46  ? -1.88756  -0.76061  2.41724   1.000 18.22108 ? 46  TYR B OH  1 
ATOM   1170 N N   . GLN B 2 47  ? 3.15062   0.97882   -2.30594  1.000 19.41407 ? 47  GLN B N   1 
ATOM   1171 C CA  . GLN B 2 47  ? 2.22195   1.29864   -3.37887  1.000 23.79311 ? 47  GLN B CA  1 
ATOM   1172 C C   . GLN B 2 47  ? 1.34264   0.08543   -3.65692  1.000 26.48358 ? 47  GLN B C   1 
ATOM   1173 O O   . GLN B 2 47  ? 1.72222   -1.05531  -3.38718  1.000 32.56442 ? 47  GLN B O   1 
ATOM   1174 C CB  . GLN B 2 47  ? 2.97147   1.70648   -4.64905  1.000 27.51373 ? 47  GLN B CB  1 
ATOM   1175 C CG  . GLN B 2 47  ? 4.02487   2.77820   -4.42846  1.000 25.23575 ? 47  GLN B CG  1 
ATOM   1176 C CD  . GLN B 2 47  ? 3.59621   4.14702   -4.92058  1.000 27.30904 ? 47  GLN B CD  1 
ATOM   1177 O OE1 . GLN B 2 47  ? 3.70089   4.45366   -6.10810  1.000 31.44309 ? 47  GLN B OE1 1 
ATOM   1178 N NE2 . GLN B 2 47  ? 3.11678   4.98120   -4.00521  1.000 23.65439 ? 47  GLN B NE2 1 
ATOM   1179 N N   . GLU B 2 48  ? 0.15752   0.33973   -4.20534  1.000 21.68835 ? 48  GLU B N   1 
ATOM   1180 C CA  . GLU B 2 48  ? -0.83857  -0.70913  -4.37648  1.000 27.12810 ? 48  GLU B CA  1 
ATOM   1181 C C   . GLU B 2 48  ? -1.55045  -0.55330  -5.71037  1.000 29.24444 ? 48  GLU B C   1 
ATOM   1182 O O   . GLU B 2 48  ? -1.85115  0.56696   -6.13005  1.000 35.30625 ? 48  GLU B O   1 
ATOM   1183 C CB  . GLU B 2 48  ? -1.86860  -0.67801  -3.23837  1.000 25.81720 ? 48  GLU B CB  1 
ATOM   1184 C CG  . GLU B 2 48  ? -2.61456  -1.98095  -3.04090  1.000 28.48415 ? 48  GLU B CG  1 
ATOM   1185 C CD  . GLU B 2 48  ? -3.51571  -1.96324  -1.81571  1.000 33.42771 ? 48  GLU B CD  1 
ATOM   1186 O OE1 . GLU B 2 48  ? -3.18595  -1.26625  -0.83413  1.000 33.59092 ? 48  GLU B OE1 1 
ATOM   1187 O OE2 . GLU B 2 48  ? -4.55715  -2.64977  -1.82823  1.000 44.30532 ? 48  GLU B OE2 1 
ATOM   1188 N N   . PHE B 2 49  ? -1.82227  -1.68134  -6.36825  1.000 25.98066 ? 49  PHE B N   1 
ATOM   1189 C CA  . PHE B 2 49  ? -2.64119  -1.69199  -7.57541  1.000 27.83805 ? 49  PHE B CA  1 
ATOM   1190 C C   . PHE B 2 49  ? -3.26409  -3.07269  -7.74308  1.000 28.68036 ? 49  PHE B C   1 
ATOM   1191 O O   . PHE B 2 49  ? -2.67973  -4.08465  -7.34707  1.000 29.14513 ? 49  PHE B O   1 
ATOM   1192 C CB  . PHE B 2 49  ? -1.83521  -1.30303  -8.82497  1.000 22.76080 ? 49  PHE B CB  1 
ATOM   1193 C CG  . PHE B 2 49  ? -0.80964  -2.32357  -9.24180  1.000 19.30220 ? 49  PHE B CG  1 
ATOM   1194 C CD1 . PHE B 2 49  ? 0.45533   -2.31711  -8.68094  1.000 22.10335 ? 49  PHE B CD1 1 
ATOM   1195 C CD2 . PHE B 2 49  ? -1.10306  -3.27494  -10.20860 1.000 18.35252 ? 49  PHE B CD2 1 
ATOM   1196 C CE1 . PHE B 2 49  ? 1.40463   -3.24367  -9.06501  1.000 32.27968 ? 49  PHE B CE1 1 
ATOM   1197 C CE2 . PHE B 2 49  ? -0.15544  -4.20781  -10.59745 1.000 20.63926 ? 49  PHE B CE2 1 
ATOM   1198 C CZ  . PHE B 2 49  ? 1.09865   -4.19102  -10.02500 1.000 25.04892 ? 49  PHE B CZ  1 
ATOM   1199 N N   . GLU B 2 50  ? -4.45684  -3.09919  -8.33140  1.000 27.60873 ? 50  GLU B N   1 
ATOM   1200 C CA  . GLU B 2 50  ? -5.22618  -4.32100  -8.50519  1.000 29.21676 ? 50  GLU B CA  1 
ATOM   1201 C C   . GLU B 2 50  ? -5.11953  -4.81415  -9.94199  1.000 29.15471 ? 50  GLU B C   1 
ATOM   1202 O O   . GLU B 2 50  ? -4.77879  -4.06203  -10.85803 1.000 27.82095 ? 50  GLU B O   1 
ATOM   1203 C CB  . GLU B 2 50  ? -6.69368  -4.10030  -8.12981  1.000 29.27499 ? 50  GLU B CB  1 
ATOM   1204 C CG  . GLU B 2 50  ? -6.92660  -3.97828  -6.63808  1.000 30.71820 ? 50  GLU B CG  1 
ATOM   1205 C CD  . GLU B 2 50  ? -8.30292  -3.43788  -6.30721  1.000 40.41557 ? 50  GLU B CD  1 
ATOM   1206 O OE1 . GLU B 2 50  ? -8.53141  -3.07967  -5.13361  1.000 38.57363 ? 50  GLU B OE1 1 
ATOM   1207 O OE2 . GLU B 2 50  ? -9.15691  -3.37022  -7.21746  1.000 43.50700 ? 50  GLU B OE2 1 
ATOM   1208 N N   . VAL B 2 51  ? -5.42605  -6.09398  -10.12846 1.000 26.51075 ? 51  VAL B N   1 
ATOM   1209 C CA  . VAL B 2 51  ? -5.23599  -6.76972  -11.40999 1.000 28.26038 ? 51  VAL B CA  1 
ATOM   1210 C C   . VAL B 2 51  ? -6.36300  -7.77846  -11.60415 1.000 31.03111 ? 51  VAL B C   1 
ATOM   1211 O O   . VAL B 2 51  ? -6.74735  -8.46239  -10.64389 1.000 30.38769 ? 51  VAL B O   1 
ATOM   1212 C CB  . VAL B 2 51  ? -3.84580  -7.42714  -11.46850 1.000 34.99861 ? 51  VAL B CB  1 
ATOM   1213 C CG1 . VAL B 2 51  ? -3.82405  -8.59536  -12.41745 1.000 29.89764 ? 51  VAL B CG1 1 
ATOM   1214 C CG2 . VAL B 2 51  ? -2.79466  -6.39916  -11.87142 1.000 28.01688 ? 51  VAL B CG2 1 
ATOM   1215 N N   . PRO B 2 52  ? -6.93762  -7.88890  -12.80516 1.000 38.98448 ? 52  PRO B N   1 
ATOM   1216 C CA  . PRO B 2 52  ? -8.04708  -8.82920  -13.00871 1.000 34.15092 ? 52  PRO B CA  1 
ATOM   1217 C C   . PRO B 2 52  ? -7.64615  -10.26160 -12.68771 1.000 32.96893 ? 52  PRO B C   1 
ATOM   1218 O O   . PRO B 2 52  ? -6.47375  -10.63842 -12.76555 1.000 33.07680 ? 52  PRO B O   1 
ATOM   1219 C CB  . PRO B 2 52  ? -8.38349  -8.66537  -14.49524 1.000 34.81467 ? 52  PRO B CB  1 
ATOM   1220 C CG  . PRO B 2 52  ? -7.93117  -7.29140  -14.83224 1.000 31.93601 ? 52  PRO B CG  1 
ATOM   1221 C CD  . PRO B 2 52  ? -6.69961  -7.05242  -13.99482 1.000 31.49700 ? 52  PRO B CD  1 
ATOM   1222 N N   . GLY B 2 53  ? -8.64993  -11.06475 -12.32638 1.000 32.95810 ? 53  GLY B N   1 
ATOM   1223 C CA  . GLY B 2 53  ? -8.41072  -12.43759 -11.91253 1.000 32.90512 ? 53  GLY B CA  1 
ATOM   1224 C C   . GLY B 2 53  ? -7.85354  -13.33406 -13.00005 1.000 32.42180 ? 53  GLY B C   1 
ATOM   1225 O O   . GLY B 2 53  ? -7.34646  -14.41770 -12.69598 1.000 29.81335 ? 53  GLY B O   1 
ATOM   1226 N N   . SER B 2 54  ? -7.93076  -12.90963 -14.25955 1.000 29.77107 ? 54  SER B N   1 
ATOM   1227 C CA  . SER B 2 54  ? -7.41686  -13.68764 -15.37915 1.000 32.20958 ? 54  SER B CA  1 
ATOM   1228 C C   . SER B 2 54  ? -5.94933  -13.41549 -15.67263 1.000 43.47286 ? 54  SER B C   1 
ATOM   1229 O O   . SER B 2 54  ? -5.37140  -14.08633 -16.53806 1.000 33.83077 ? 54  SER B O   1 
ATOM   1230 C CB  . SER B 2 54  ? -8.24187  -13.39874 -16.63683 1.000 34.58715 ? 54  SER B CB  1 
ATOM   1231 O OG  . SER B 2 54  ? -8.06580  -12.05365 -17.05078 1.000 38.94508 ? 54  SER B OG  1 
ATOM   1232 N N   . LYS B 2 55  ? -5.34883  -12.45078 -14.98151 1.000 40.74963 ? 55  LYS B N   1 
ATOM   1233 C CA  . LYS B 2 55  ? -3.97704  -12.02443 -15.20489 1.000 34.88269 ? 55  LYS B CA  1 
ATOM   1234 C C   . LYS B 2 55  ? -3.07815  -12.59951 -14.12129 1.000 34.04576 ? 55  LYS B C   1 
ATOM   1235 O O   . LYS B 2 55  ? -3.42774  -12.57363 -12.93573 1.000 34.27508 ? 55  LYS B O   1 
ATOM   1236 C CB  . LYS B 2 55  ? -3.88547  -10.49982 -15.18395 1.000 47.14752 ? 55  LYS B CB  1 
ATOM   1237 C CG  . LYS B 2 55  ? -2.60137  -9.89401  -15.73353 1.000 56.38929 ? 55  LYS B CG  1 
ATOM   1238 C CD  . LYS B 2 55  ? -2.59279  -9.88835  -17.25261 1.000 62.01378 ? 55  LYS B CD  1 
ATOM   1239 C CE  . LYS B 2 55  ? -1.24361  -10.29386 -17.78230 1.000 55.07899 ? 55  LYS B CE  1 
ATOM   1240 N NZ  . LYS B 2 55  ? -1.03387  -11.73190 -17.50592 1.000 50.56131 ? 55  LYS B NZ  1 
ATOM   1241 N N   . SER B 2 56  ? -1.91516  -13.11108 -14.52764 1.000 39.65777 ? 56  SER B N   1 
ATOM   1242 C CA  . SER B 2 56  ? -0.94676  -13.65433 -13.58218 1.000 43.27591 ? 56  SER B CA  1 
ATOM   1243 C C   . SER B 2 56  ? 0.40332   -12.95886 -13.66293 1.000 42.67208 ? 56  SER B C   1 
ATOM   1244 O O   . SER B 2 56  ? 1.37488   -13.45191 -13.07570 1.000 36.81797 ? 56  SER B O   1 
ATOM   1245 C CB  . SER B 2 56  ? -0.76415  -15.16187 -13.79166 1.000 34.62706 ? 56  SER B CB  1 
ATOM   1246 O OG  . SER B 2 56  ? 0.38628   -15.44055 -14.57428 1.000 33.10834 ? 56  SER B OG  1 
ATOM   1247 N N   . THR B 2 57  ? 0.49480   -11.83507 -14.37215 1.000 33.80321 ? 57  THR B N   1 
ATOM   1248 C CA  . THR B 2 57  ? 1.73081   -11.07261 -14.43897 1.000 38.49324 ? 57  THR B CA  1 
ATOM   1249 C C   . THR B 2 57  ? 1.41385   -9.59547  -14.26976 1.000 34.08187 ? 57  THR B C   1 
ATOM   1250 O O   . THR B 2 57  ? 0.34122   -9.13336  -14.66746 1.000 38.99789 ? 57  THR B O   1 
ATOM   1251 C CB  . THR B 2 57  ? 2.47956   -11.28787 -15.76798 1.000 39.65002 ? 57  THR B CB  1 
ATOM   1252 O OG1 . THR B 2 57  ? 1.67483   -10.83042 -16.86226 1.000 36.85311 ? 57  THR B OG1 1 
ATOM   1253 C CG2 . THR B 2 57  ? 2.81029   -12.76062 -15.97033 1.000 26.64983 ? 57  THR B CG2 1 
ATOM   1254 N N   . ALA B 2 58  ? 2.34947   -8.86148  -13.67220 1.000 32.94419 ? 58  ALA B N   1 
ATOM   1255 C CA  . ALA B 2 58  ? 2.24893   -7.41465  -13.56055 1.000 27.30494 ? 58  ALA B CA  1 
ATOM   1256 C C   . ALA B 2 58  ? 3.63702   -6.81420  -13.70945 1.000 28.13789 ? 58  ALA B C   1 
ATOM   1257 O O   . ALA B 2 58  ? 4.65245   -7.47884  -13.48788 1.000 31.29801 ? 58  ALA B O   1 
ATOM   1258 C CB  . ALA B 2 58  ? 1.62030   -6.97922  -12.23010 1.000 30.24464 ? 58  ALA B CB  1 
ATOM   1259 N N   . THR B 2 59  ? 3.67036   -5.54636  -14.10042 1.000 33.85263 ? 59  THR B N   1 
ATOM   1260 C CA  . THR B 2 59  ? 4.91196   -4.80195  -14.24154 1.000 31.21833 ? 59  THR B CA  1 
ATOM   1261 C C   . THR B 2 59  ? 4.96498   -3.71962  -13.17407 1.000 28.35512 ? 59  THR B C   1 
ATOM   1262 O O   . THR B 2 59  ? 4.02222   -2.93373  -13.03230 1.000 29.69404 ? 59  THR B O   1 
ATOM   1263 C CB  . THR B 2 59  ? 5.03359   -4.18419  -15.63665 1.000 29.20613 ? 59  THR B CB  1 
ATOM   1264 O OG1 . THR B 2 59  ? 5.30501   -5.21141  -16.59906 1.000 32.76484 ? 59  THR B OG1 1 
ATOM   1265 C CG2 . THR B 2 59  ? 6.15165   -3.18050  -15.66165 1.000 20.83487 ? 59  THR B CG2 1 
ATOM   1266 N N   . ILE B 2 60  ? 6.05548   -3.69068  -12.41713 1.000 22.84556 ? 60  ILE B N   1 
ATOM   1267 C CA  . ILE B 2 60  ? 6.26734   -2.68557  -11.38523 1.000 22.96312 ? 60  ILE B CA  1 
ATOM   1268 C C   . ILE B 2 60  ? 7.32188   -1.71489  -11.89051 1.000 24.23396 ? 60  ILE B C   1 
ATOM   1269 O O   . ILE B 2 60  ? 8.44395   -2.12302  -12.21045 1.000 23.81640 ? 60  ILE B O   1 
ATOM   1270 C CB  . ILE B 2 60  ? 6.68581   -3.32419  -10.05547 1.000 24.67296 ? 60  ILE B CB  1 
ATOM   1271 C CG1 . ILE B 2 60  ? 5.68596   -4.41780  -9.67105  1.000 28.69068 ? 60  ILE B CG1 1 
ATOM   1272 C CG2 . ILE B 2 60  ? 6.78565   -2.26513  -8.97931  1.000 20.09337 ? 60  ILE B CG2 1 
ATOM   1273 C CD1 . ILE B 2 60  ? 6.18843   -5.38203  -8.62305  1.000 28.31214 ? 60  ILE B CD1 1 
ATOM   1274 N N   . SER B 2 61  ? 6.96969   -0.43238  -11.95786 1.000 28.97138 ? 61  SER B N   1 
ATOM   1275 C CA  . SER B 2 61  ? 7.84359   0.57251   -12.54387 1.000 22.54321 ? 61  SER B CA  1 
ATOM   1276 C C   . SER B 2 61  ? 8.13896   1.67817   -11.53841 1.000 26.47902 ? 61  SER B C   1 
ATOM   1277 O O   . SER B 2 61  ? 7.44894   1.83899   -10.52692 1.000 26.10408 ? 61  SER B O   1 
ATOM   1278 C CB  . SER B 2 61  ? 7.22826   1.17781   -13.81250 1.000 21.10360 ? 61  SER B CB  1 
ATOM   1279 O OG  . SER B 2 61  ? 5.88475   1.58145   -13.59374 1.000 44.22122 ? 61  SER B OG  1 
ATOM   1280 N N   . GLY B 2 62  ? 9.18196   2.44694   -11.84172 1.000 30.42494 ? 62  GLY B N   1 
ATOM   1281 C CA  . GLY B 2 62  ? 9.54039   3.59361   -11.03578 1.000 19.35325 ? 62  GLY B CA  1 
ATOM   1282 C C   . GLY B 2 62  ? 10.29551  3.28647   -9.76501  1.000 23.42298 ? 62  GLY B C   1 
ATOM   1283 O O   . GLY B 2 62  ? 10.12235  3.99873   -8.77053  1.000 35.88567 ? 62  GLY B O   1 
ATOM   1284 N N   . LEU B 2 63  ? 11.13618  2.25853   -9.76141  1.000 24.90037 ? 63  LEU B N   1 
ATOM   1285 C CA  . LEU B 2 63  ? 11.91672  1.89221   -8.58886  1.000 28.10265 ? 63  LEU B CA  1 
ATOM   1286 C C   . LEU B 2 63  ? 13.32999  2.46450   -8.66893  1.000 27.39218 ? 63  LEU B C   1 
ATOM   1287 O O   . LEU B 2 63  ? 13.84149  2.78033   -9.74633  1.000 25.14152 ? 63  LEU B O   1 
ATOM   1288 C CB  . LEU B 2 63  ? 11.97974  0.37068   -8.43644  1.000 26.15427 ? 63  LEU B CB  1 
ATOM   1289 C CG  . LEU B 2 63  ? 10.65060  -0.37712  -8.54916  1.000 25.11706 ? 63  LEU B CG  1 
ATOM   1290 C CD1 . LEU B 2 63  ? 10.86891  -1.81793  -8.99980  1.000 32.28113 ? 63  LEU B CD1 1 
ATOM   1291 C CD2 . LEU B 2 63  ? 9.89455   -0.33174  -7.23205  1.000 24.58783 ? 63  LEU B CD2 1 
ATOM   1292 N N   . LYS B 2 64  ? 13.96453  2.58957   -7.49858  1.000 28.47486 ? 64  LYS B N   1 
ATOM   1293 C CA  . LYS B 2 64  ? 15.33635  3.09095   -7.51413  1.000 33.69572 ? 64  LYS B CA  1 
ATOM   1294 C C   . LYS B 2 64  ? 16.32408  1.93824   -7.69087  1.000 31.89733 ? 64  LYS B C   1 
ATOM   1295 O O   . LYS B 2 64  ? 16.13171  0.86081   -7.11947  1.000 29.49433 ? 64  LYS B O   1 
ATOM   1296 C CB  . LYS B 2 64  ? 15.66155  3.84855   -6.22674  1.000 26.82258 ? 64  LYS B CB  1 
ATOM   1297 C CG  . LYS B 2 64  ? 14.46100  4.49064   -5.55019  1.000 32.46649 ? 64  LYS B CG  1 
ATOM   1298 C CD  . LYS B 2 64  ? 14.84076  5.75191   -4.78924  1.000 35.74384 ? 64  LYS B CD  1 
ATOM   1299 C CE  . LYS B 2 64  ? 13.61325  6.59515   -4.47930  1.000 43.66264 ? 64  LYS B CE  1 
ATOM   1300 N NZ  . LYS B 2 64  ? 13.01614  7.17703   -5.71241  1.000 57.51809 ? 64  LYS B NZ  1 
ATOM   1301 N N   . PRO B 2 65  ? 17.37861  2.14805   -8.47608  1.000 27.75747 ? 65  PRO B N   1 
ATOM   1302 C CA  . PRO B 2 65  ? 18.34366  1.07116   -8.71993  1.000 25.86624 ? 65  PRO B CA  1 
ATOM   1303 C C   . PRO B 2 65  ? 19.06200  0.65675   -7.44570  1.000 28.69477 ? 65  PRO B C   1 
ATOM   1304 O O   . PRO B 2 65  ? 19.34529  1.47550   -6.56867  1.000 26.90161 ? 65  PRO B O   1 
ATOM   1305 C CB  . PRO B 2 65  ? 19.31929  1.69060   -9.72744  1.000 25.82830 ? 65  PRO B CB  1 
ATOM   1306 C CG  . PRO B 2 65  ? 18.57670  2.82286   -10.33638 1.000 25.82106 ? 65  PRO B CG  1 
ATOM   1307 C CD  . PRO B 2 65  ? 17.67740  3.35009   -9.26882  1.000 27.16139 ? 65  PRO B CD  1 
ATOM   1308 N N   . GLY B 2 66  ? 19.36176  -0.63609  -7.35809  1.000 29.30519 ? 66  GLY B N   1 
ATOM   1309 C CA  . GLY B 2 66  ? 20.10391  -1.17280  -6.23523  1.000 42.28935 ? 66  GLY B CA  1 
ATOM   1310 C C   . GLY B 2 66  ? 19.41721  -0.98942  -4.89813  1.000 41.67648 ? 66  GLY B C   1 
ATOM   1311 O O   . GLY B 2 66  ? 20.05314  -0.60537  -3.91205  1.000 39.73035 ? 66  GLY B O   1 
ATOM   1312 N N   . VAL B 2 67  ? 18.11453  -1.25036  -4.85284  1.000 36.93476 ? 67  VAL B N   1 
ATOM   1313 C CA  . VAL B 2 67  ? 17.33371  -1.15673  -3.62691  1.000 37.22053 ? 67  VAL B CA  1 
ATOM   1314 C C   . VAL B 2 67  ? 16.53231  -2.43916  -3.47006  1.000 39.17091 ? 67  VAL B C   1 
ATOM   1315 O O   . VAL B 2 67  ? 15.93067  -2.92635  -4.43374  1.000 38.53241 ? 67  VAL B O   1 
ATOM   1316 C CB  . VAL B 2 67  ? 16.39420  0.06767   -3.63063  1.000 26.55746 ? 67  VAL B CB  1 
ATOM   1317 C CG1 . VAL B 2 67  ? 15.71386  0.21221   -2.28050  1.000 26.57986 ? 67  VAL B CG1 1 
ATOM   1318 C CG2 . VAL B 2 67  ? 17.15572  1.33015   -3.98818  1.000 21.37373 ? 67  VAL B CG2 1 
ATOM   1319 N N   . ASP B 2 68  ? 16.52939  -2.98759  -2.25708  1.000 35.83880 ? 68  ASP B N   1 
ATOM   1320 C CA  . ASP B 2 68  ? 15.73158  -4.16854  -1.95455  1.000 33.25605 ? 68  ASP B CA  1 
ATOM   1321 C C   . ASP B 2 68  ? 14.27764  -3.76122  -1.75992  1.000 32.58004 ? 68  ASP B C   1 
ATOM   1322 O O   . ASP B 2 68  ? 13.95011  -3.04257  -0.80974  1.000 30.65119 ? 68  ASP B O   1 
ATOM   1323 C CB  . ASP B 2 68  ? 16.25495  -4.87443  -0.70530  1.000 40.98195 ? 68  ASP B CB  1 
ATOM   1324 C CG  . ASP B 2 68  ? 17.76367  -4.99129  -0.68668  1.000 49.78187 ? 68  ASP B CG  1 
ATOM   1325 O OD1 . ASP B 2 68  ? 18.32633  -5.52905  -1.66060  1.000 52.14810 ? 68  ASP B OD1 1 
ATOM   1326 O OD2 . ASP B 2 68  ? 18.38693  -4.56352  0.30815   1.000 54.33683 ? 68  ASP B OD2 1 
ATOM   1327 N N   . TYR B 2 69  ? 13.41120  -4.21177  -2.65794  1.000 32.43718 ? 69  TYR B N   1 
ATOM   1328 C CA  . TYR B 2 69  ? 11.97866  -4.00538  -2.52832  1.000 29.70896 ? 69  TYR B CA  1 
ATOM   1329 C C   . TYR B 2 69  ? 11.30732  -5.30593  -2.11357  1.000 29.75498 ? 69  TYR B C   1 
ATOM   1330 O O   . TYR B 2 69  ? 11.79359  -6.39912  -2.41420  1.000 30.87231 ? 69  TYR B O   1 
ATOM   1331 C CB  . TYR B 2 69  ? 11.37112  -3.50576  -3.83924  1.000 29.10249 ? 69  TYR B CB  1 
ATOM   1332 C CG  . TYR B 2 69  ? 11.78574  -2.10132  -4.19825  1.000 24.25605 ? 69  TYR B CG  1 
ATOM   1333 C CD1 . TYR B 2 69  ? 11.05328  -1.00579  -3.76255  1.000 25.14313 ? 69  TYR B CD1 1 
ATOM   1334 C CD2 . TYR B 2 69  ? 12.92155  -1.86889  -4.96141  1.000 26.92169 ? 69  TYR B CD2 1 
ATOM   1335 C CE1 . TYR B 2 69  ? 11.43667  0.28480   -4.08759  1.000 25.82592 ? 69  TYR B CE1 1 
ATOM   1336 C CE2 . TYR B 2 69  ? 13.31232  -0.58458  -5.29108  1.000 29.34709 ? 69  TYR B CE2 1 
ATOM   1337 C CZ  . TYR B 2 69  ? 12.56660  0.48699   -4.85220  1.000 29.17613 ? 69  TYR B CZ  1 
ATOM   1338 O OH  . TYR B 2 69  ? 12.95332  1.76496   -5.17965  1.000 25.70612 ? 69  TYR B OH  1 
ATOM   1339 N N   . THR B 2 70  ? 10.18142  -5.17468  -1.41875  1.000 28.16757 ? 70  THR B N   1 
ATOM   1340 C CA  . THR B 2 70  ? 9.37658   -6.30872  -0.98496  1.000 23.62050 ? 70  THR B CA  1 
ATOM   1341 C C   . THR B 2 70  ? 8.08232   -6.32086  -1.78734  1.000 25.57427 ? 70  THR B C   1 
ATOM   1342 O O   . THR B 2 70  ? 7.27334   -5.39238  -1.68435  1.000 21.37109 ? 70  THR B O   1 
ATOM   1343 C CB  . THR B 2 70  ? 9.08943   -6.23461  0.51321   1.000 20.12177 ? 70  THR B CB  1 
ATOM   1344 O OG1 . THR B 2 70  ? 10.30163  -6.47200  1.23696   1.000 25.71762 ? 70  THR B OG1 1 
ATOM   1345 C CG2 . THR B 2 70  ? 8.05620   -7.27700  0.91273   1.000 17.66207 ? 70  THR B CG2 1 
ATOM   1346 N N   . ILE B 2 71  ? 7.89175   -7.37052  -2.58142  1.000 27.73590 ? 71  ILE B N   1 
ATOM   1347 C CA  . ILE B 2 71  ? 6.76562   -7.48362  -3.50014  1.000 26.19249 ? 71  ILE B CA  1 
ATOM   1348 C C   . ILE B 2 71  ? 5.79945   -8.52463  -2.95189  1.000 22.94101 ? 71  ILE B C   1 
ATOM   1349 O O   . ILE B 2 71  ? 6.19009   -9.67081  -2.70557  1.000 25.83854 ? 71  ILE B O   1 
ATOM   1350 C CB  . ILE B 2 71  ? 7.23661   -7.84715  -4.91977  1.000 28.75966 ? 71  ILE B CB  1 
ATOM   1351 C CG1 . ILE B 2 71  ? 8.20782   -6.78717  -5.45225  1.000 32.15558 ? 71  ILE B CG1 1 
ATOM   1352 C CG2 . ILE B 2 71  ? 6.04986   -7.99686  -5.85673  1.000 32.52722 ? 71  ILE B CG2 1 
ATOM   1353 C CD1 . ILE B 2 71  ? 9.67010   -7.15735  -5.32125  1.000 34.57093 ? 71  ILE B CD1 1 
ATOM   1354 N N   . THR B 2 72  ? 4.54001   -8.12388  -2.76794  1.000 25.82417 ? 72  THR B N   1 
ATOM   1355 C CA  . THR B 2 72  ? 3.50577   -8.94081  -2.14185  1.000 25.51339 ? 72  THR B CA  1 
ATOM   1356 C C   . THR B 2 72  ? 2.29020   -9.04832  -3.05591  1.000 30.17959 ? 72  THR B C   1 
ATOM   1357 O O   . THR B 2 72  ? 1.83643   -8.04665  -3.61340  1.000 32.01316 ? 72  THR B O   1 
ATOM   1358 C CB  . THR B 2 72  ? 3.06571   -8.34298  -0.79213  1.000 25.43781 ? 72  THR B CB  1 
ATOM   1359 O OG1 . THR B 2 72  ? 4.20420   -8.15052  0.05356   1.000 31.61124 ? 72  THR B OG1 1 
ATOM   1360 C CG2 . THR B 2 72  ? 2.07773   -9.25819  -0.09155  1.000 32.46547 ? 72  THR B CG2 1 
ATOM   1361 N N   . VAL B 2 73  ? 1.74860   -10.25877 -3.19403  1.000 28.57607 ? 73  VAL B N   1 
ATOM   1362 C CA  . VAL B 2 73  ? 0.53574   -10.49522 -3.96958  1.000 29.49427 ? 73  VAL B CA  1 
ATOM   1363 C C   . VAL B 2 73  ? -0.52639  -11.09149 -3.05462  1.000 40.10518 ? 73  VAL B C   1 
ATOM   1364 O O   . VAL B 2 73  ? -0.24107  -11.99518 -2.26006  1.000 33.21085 ? 73  VAL B O   1 
ATOM   1365 C CB  . VAL B 2 73  ? 0.78890   -11.41964 -5.18076  1.000 31.21940 ? 73  VAL B CB  1 
ATOM   1366 C CG1 . VAL B 2 73  ? -0.50327  -11.64552 -5.94899  1.000 34.09125 ? 73  VAL B CG1 1 
ATOM   1367 C CG2 . VAL B 2 73  ? 1.84420   -10.83023 -6.10069  1.000 36.15005 ? 73  VAL B CG2 1 
ATOM   1368 N N   . TYR B 2 74  ? -1.74946  -10.57206 -3.16340  1.000 35.93565 ? 74  TYR B N   1 
ATOM   1369 C CA  . TYR B 2 74  ? -2.91204  -11.10215 -2.46741  1.000 30.78633 ? 74  TYR B CA  1 
ATOM   1370 C C   . TYR B 2 74  ? -3.98361  -11.50845 -3.46864  1.000 29.28795 ? 74  TYR B C   1 
ATOM   1371 O O   . TYR B 2 74  ? -4.15959  -10.86893 -4.50898  1.000 30.65715 ? 74  TYR B O   1 
ATOM   1372 C CB  . TYR B 2 74  ? -3.53800  -10.08284 -1.50794  1.000 34.63858 ? 74  TYR B CB  1 
ATOM   1373 C CG  . TYR B 2 74  ? -2.59898  -9.36408  -0.56964  1.000 34.76525 ? 74  TYR B CG  1 
ATOM   1374 C CD1 . TYR B 2 74  ? -1.95129  -8.20011  -0.96195  1.000 29.87731 ? 74  TYR B CD1 1 
ATOM   1375 C CD2 . TYR B 2 74  ? -2.40369  -9.81699  0.72858   1.000 33.65077 ? 74  TYR B CD2 1 
ATOM   1376 C CE1 . TYR B 2 74  ? -1.11040  -7.52325  -0.09810  1.000 34.48435 ? 74  TYR B CE1 1 
ATOM   1377 C CE2 . TYR B 2 74  ? -1.56474  -9.14365  1.60240   1.000 32.80465 ? 74  TYR B CE2 1 
ATOM   1378 C CZ  . TYR B 2 74  ? -0.92098  -7.99859  1.18390   1.000 33.91681 ? 74  TYR B CZ  1 
ATOM   1379 O OH  . TYR B 2 74  ? -0.08424  -7.32522  2.04651   1.000 24.14528 ? 74  TYR B OH  1 
ATOM   1380 N N   . ALA B 2 75  ? -4.71737  -12.56303 -3.13015  1.000 36.58789 ? 75  ALA B N   1 
ATOM   1381 C CA  . ALA B 2 75  ? -5.91293  -12.91734 -3.87873  1.000 30.06836 ? 75  ALA B CA  1 
ATOM   1382 C C   . ALA B 2 75  ? -7.07931  -12.08739 -3.37906  1.000 29.56304 ? 75  ALA B C   1 
ATOM   1383 O O   . ALA B 2 75  ? -7.24208  -11.86288 -2.18209  1.000 29.72473 ? 75  ALA B O   1 
ATOM   1384 C CB  . ALA B 2 75  ? -6.22855  -14.40545 -3.72878  1.000 34.12330 ? 75  ALA B CB  1 
ATOM   1385 N N   . GLY B 2 76  ? -7.90093  -11.61268 -4.32455  1.000 30.87061 ? 76  GLY B N   1 
ATOM   1386 C CA  . GLY B 2 76  ? -9.09017  -10.85108 -4.00720  1.000 35.66495 ? 76  GLY B CA  1 
ATOM   1387 C C   . GLY B 2 76  ? -10.32952 -11.61979 -4.41833  1.000 32.72967 ? 76  GLY B C   1 
ATOM   1388 O O   . GLY B 2 76  ? -10.39534 -12.17723 -5.51808  1.000 33.03548 ? 76  GLY B O   1 
ATOM   1389 N N   . PHE B 2 77  ? -11.30401 -11.65828 -3.51323  1.000 35.78307 ? 77  PHE B N   1 
ATOM   1390 C CA  . PHE B 2 77  ? -12.59905 -12.26586 -3.77323  1.000 38.04851 ? 77  PHE B CA  1 
ATOM   1391 C C   . PHE B 2 77  ? -13.68617 -11.25603 -3.44865  1.000 38.50987 ? 77  PHE B C   1 
ATOM   1392 O O   . PHE B 2 77  ? -13.64906 -10.61831 -2.39100  1.000 34.83223 ? 77  PHE B O   1 
ATOM   1393 C CB  . PHE B 2 77  ? -12.80920 -13.53794 -2.94441  1.000 33.02615 ? 77  PHE B CB  1 
ATOM   1394 C CG  . PHE B 2 77  ? -11.58949 -14.40190 -2.83014  1.000 29.40969 ? 77  PHE B CG  1 
ATOM   1395 C CD1 . PHE B 2 77  ? -11.31738 -15.36620 -3.78639  1.000 35.30241 ? 77  PHE B CD1 1 
ATOM   1396 C CD2 . PHE B 2 77  ? -10.72420 -14.26385 -1.75821  1.000 31.79380 ? 77  PHE B CD2 1 
ATOM   1397 C CE1 . PHE B 2 77  ? -10.19827 -16.16859 -3.68206  1.000 33.31893 ? 77  PHE B CE1 1 
ATOM   1398 C CE2 . PHE B 2 77  ? -9.60373  -15.06212 -1.64751  1.000 30.29255 ? 77  PHE B CE2 1 
ATOM   1399 C CZ  . PHE B 2 77  ? -9.33995  -16.01610 -2.61045  1.000 31.81804 ? 77  PHE B CZ  1 
ATOM   1400 N N   . THR B 2 78  ? -14.65324 -11.11421 -4.35633  1.000 41.74133 ? 78  THR B N   1 
ATOM   1401 C CA  . THR B 2 78  ? -15.81238 -10.28154 -4.05873  1.000 47.35344 ? 78  THR B CA  1 
ATOM   1402 C C   . THR B 2 78  ? -16.58460 -10.82038 -2.86128  1.000 46.01146 ? 78  THR B C   1 
ATOM   1403 O O   . THR B 2 78  ? -17.21482 -10.04974 -2.12865  1.000 42.76442 ? 78  THR B O   1 
ATOM   1404 C CB  . THR B 2 78  ? -16.71589 -10.18751 -5.28803  1.000 43.11323 ? 78  THR B CB  1 
ATOM   1405 O OG1 . THR B 2 78  ? -15.93302 -9.78095  -6.41568  1.000 42.95175 ? 78  THR B OG1 1 
ATOM   1406 C CG2 . THR B 2 78  ? -17.82280 -9.16898  -5.06523  1.000 47.49447 ? 78  THR B CG2 1 
ATOM   1407 N N   . ASP B 2 79  ? -16.52648 -12.13372 -2.63321  1.000 48.80011 ? 79  ASP B N   1 
ATOM   1408 C CA  . ASP B 2 79  ? -17.24205 -12.72521 -1.50908  1.000 44.73390 ? 79  ASP B CA  1 
ATOM   1409 C C   . ASP B 2 79  ? -16.72589 -12.19282 -0.17835  1.000 38.85882 ? 79  ASP B C   1 
ATOM   1410 O O   . ASP B 2 79  ? -17.51301 -11.87104 0.71938   1.000 29.83125 ? 79  ASP B O   1 
ATOM   1411 C CB  . ASP B 2 79  ? -17.10279 -14.24672 -1.54639  1.000 44.85240 ? 79  ASP B CB  1 
ATOM   1412 C CG  . ASP B 2 79  ? -17.24934 -14.81512 -2.94015  1.000 57.17275 ? 79  ASP B CG  1 
ATOM   1413 O OD1 . ASP B 2 79  ? -18.22112 -14.45675 -3.63885  1.000 76.47043 ? 79  ASP B OD1 1 
ATOM   1414 O OD2 . ASP B 2 79  ? -16.37837 -15.61697 -3.33948  1.000 56.94191 ? 79  ASP B OD2 1 
ATOM   1415 N N   . GLN B 2 80  ? -15.40939 -12.07817 -0.03924  1.000 45.64814 ? 80  GLN B N   1 
ATOM   1416 C CA  . GLN B 2 80  ? -14.77082 -11.97932 1.26386   1.000 34.31167 ? 80  GLN B CA  1 
ATOM   1417 C C   . GLN B 2 80  ? -14.50245 -10.53330 1.65851   1.000 38.24724 ? 80  GLN B C   1 
ATOM   1418 O O   . GLN B 2 80  ? -14.16820 -9.69275  0.81815   1.000 43.52691 ? 80  GLN B O   1 
ATOM   1419 C CB  . GLN B 2 80  ? -13.46531 -12.77448 1.27523   1.000 30.35650 ? 80  GLN B CB  1 
ATOM   1420 C CG  . GLN B 2 80  ? -13.65012 -14.26398 1.01054   1.000 31.06150 ? 80  GLN B CG  1 
ATOM   1421 C CD  . GLN B 2 80  ? -14.41448 -14.97014 2.11392   1.000 29.30044 ? 80  GLN B CD  1 
ATOM   1422 O OE1 . GLN B 2 80  ? -14.52306 -14.46449 3.23105   1.000 38.98550 ? 80  GLN B OE1 1 
ATOM   1423 N NE2 . GLN B 2 80  ? -14.94493 -16.14943 1.80665   1.000 28.60461 ? 80  GLN B NE2 1 
ATOM   1424 N N   . TYR B 2 81  ? -14.64785 -10.26443 2.95825   1.000 44.12373 ? 81  TYR B N   1 
ATOM   1425 C CA  . TYR B 2 81  ? -14.38476 -8.93740  3.50470   1.000 40.82045 ? 81  TYR B CA  1 
ATOM   1426 C C   . TYR B 2 81  ? -12.91609 -8.55999  3.35427   1.000 38.23594 ? 81  TYR B C   1 
ATOM   1427 O O   . TYR B 2 81  ? -12.59281 -7.41798  3.00700   1.000 40.75856 ? 81  TYR B O   1 
ATOM   1428 C CB  . TYR B 2 81  ? -14.81073 -8.91368  4.97468   1.000 39.60193 ? 81  TYR B CB  1 
ATOM   1429 C CG  . TYR B 2 81  ? -14.96177 -7.54866  5.61185   1.000 44.63474 ? 81  TYR B CG  1 
ATOM   1430 C CD1 . TYR B 2 81  ? -16.10791 -6.78907  5.41688   1.000 35.00845 ? 81  TYR B CD1 1 
ATOM   1431 C CD2 . TYR B 2 81  ? -13.97685 -7.04142  6.44767   1.000 46.90573 ? 81  TYR B CD2 1 
ATOM   1432 C CE1 . TYR B 2 81  ? -16.25345 -5.55038  6.01517   1.000 38.83915 ? 81  TYR B CE1 1 
ATOM   1433 C CE2 . TYR B 2 81  ? -14.11495 -5.80773  7.05235   1.000 40.66407 ? 81  TYR B CE2 1 
ATOM   1434 C CZ  . TYR B 2 81  ? -15.25337 -5.06738  6.83274   1.000 35.70249 ? 81  TYR B CZ  1 
ATOM   1435 O OH  . TYR B 2 81  ? -15.38423 -3.83718  7.43251   1.000 47.08913 ? 81  TYR B OH  1 
ATOM   1436 N N   . TYR B 2 82  ? -12.01545 -9.50717  3.60043   1.000 37.07102 ? 82  TYR B N   1 
ATOM   1437 C CA  . TYR B 2 82  ? -10.57967 -9.28334  3.52979   1.000 33.35232 ? 82  TYR B CA  1 
ATOM   1438 C C   . TYR B 2 82  ? -9.97871  -10.08227 2.37775   1.000 28.06638 ? 82  TYR B C   1 
ATOM   1439 O O   . TYR B 2 82  ? -10.61770 -10.96019 1.79111   1.000 30.95677 ? 82  TYR B O   1 
ATOM   1440 C CB  . TYR B 2 82  ? -9.89566  -9.66425  4.85199   1.000 35.70428 ? 82  TYR B CB  1 
ATOM   1441 C CG  . TYR B 2 82  ? -10.29159 -8.80308  6.03416   1.000 37.87654 ? 82  TYR B CG  1 
ATOM   1442 C CD1 . TYR B 2 82  ? -9.78762  -7.51747  6.18144   1.000 33.21227 ? 82  TYR B CD1 1 
ATOM   1443 C CD2 . TYR B 2 82  ? -11.16490 -9.27942  7.00592   1.000 38.02476 ? 82  TYR B CD2 1 
ATOM   1444 C CE1 . TYR B 2 82  ? -10.14466 -6.72798  7.25971   1.000 39.89134 ? 82  TYR B CE1 1 
ATOM   1445 C CE2 . TYR B 2 82  ? -11.52566 -8.49752  8.09073   1.000 38.35216 ? 82  TYR B CE2 1 
ATOM   1446 C CZ  . TYR B 2 82  ? -11.01610 -7.22169  8.20974   1.000 42.61731 ? 82  TYR B CZ  1 
ATOM   1447 O OH  . TYR B 2 82  ? -11.37502 -6.44056  9.28509   1.000 49.94927 ? 82  TYR B OH  1 
ATOM   1448 N N   . TYR B 2 83  ? -8.72722  -9.76264  2.05861   1.000 31.62014 ? 83  TYR B N   1 
ATOM   1449 C CA  . TYR B 2 83  ? -8.00014  -10.46402 1.01446   1.000 30.45344 ? 83  TYR B CA  1 
ATOM   1450 C C   . TYR B 2 83  ? -7.48744  -11.80421 1.53205   1.000 30.06808 ? 83  TYR B C   1 
ATOM   1451 O O   . TYR B 2 83  ? -7.46538  -12.07285 2.73551   1.000 36.38303 ? 83  TYR B O   1 
ATOM   1452 C CB  . TYR B 2 83  ? -6.83171  -9.61918  0.50609   1.000 37.47934 ? 83  TYR B CB  1 
ATOM   1453 C CG  . TYR B 2 83  ? -7.23811  -8.28700  -0.07408  1.000 32.86840 ? 83  TYR B CG  1 
ATOM   1454 C CD1 . TYR B 2 83  ? -8.39603  -8.16465  -0.82597  1.000 27.05177 ? 83  TYR B CD1 1 
ATOM   1455 C CD2 . TYR B 2 83  ? -6.45854  -7.15363  0.12305   1.000 34.65685 ? 83  TYR B CD2 1 
ATOM   1456 C CE1 . TYR B 2 83  ? -8.77310  -6.95444  -1.35853  1.000 29.67435 ? 83  TYR B CE1 1 
ATOM   1457 C CE2 . TYR B 2 83  ? -6.82808  -5.93356  -0.40756  1.000 35.73699 ? 83  TYR B CE2 1 
ATOM   1458 C CZ  . TYR B 2 83  ? -7.98705  -5.84113  -1.14876  1.000 31.82495 ? 83  TYR B CZ  1 
ATOM   1459 O OH  . TYR B 2 83  ? -8.36397  -4.63160  -1.68184  1.000 28.96447 ? 83  TYR B OH  1 
ATOM   1460 N N   . GLY B 2 84  ? -7.06770  -12.65239 0.60018   1.000 36.71325 ? 84  GLY B N   1 
ATOM   1461 C CA  . GLY B 2 84  ? -6.50523  -13.93514 0.96231   1.000 31.39259 ? 84  GLY B CA  1 
ATOM   1462 C C   . GLY B 2 84  ? -5.13209  -13.79364 1.58791   1.000 29.88640 ? 84  GLY B C   1 
ATOM   1463 O O   . GLY B 2 84  ? -4.59334  -12.69912 1.75130   1.000 33.50644 ? 84  GLY B O   1 
ATOM   1464 N N   . SER B 2 85  ? -4.55852  -14.93626 1.95691   1.000 39.28262 ? 85  SER B N   1 
ATOM   1465 C CA  . SER B 2 85  ? -3.20757  -14.93819 2.49142   1.000 35.55060 ? 85  SER B CA  1 
ATOM   1466 C C   . SER B 2 85  ? -2.22495  -14.47356 1.41775   1.000 37.70089 ? 85  SER B C   1 
ATOM   1467 O O   . SER B 2 85  ? -2.46582  -14.66186 0.22183   1.000 42.10288 ? 85  SER B O   1 
ATOM   1468 C CB  . SER B 2 85  ? -2.82811  -16.32870 2.99061   1.000 33.46273 ? 85  SER B CB  1 
ATOM   1469 O OG  . SER B 2 85  ? -3.28714  -16.52045 4.31512   1.000 43.59316 ? 85  SER B OG  1 
ATOM   1470 N N   . PRO B 2 86  ? -1.12397  -13.83424 1.81234   1.000 34.08879 ? 86  PRO B N   1 
ATOM   1471 C CA  . PRO B 2 86  ? -0.19450  -13.30052 0.81141   1.000 31.50633 ? 86  PRO B CA  1 
ATOM   1472 C C   . PRO B 2 86  ? 1.00154   -14.19517 0.54750   1.000 26.11345 ? 86  PRO B C   1 
ATOM   1473 O O   . PRO B 2 86  ? 1.38781   -15.00480 1.39477   1.000 36.88441 ? 86  PRO B O   1 
ATOM   1474 C CB  . PRO B 2 86  ? 0.24885   -11.97917 1.44056   1.000 37.58155 ? 86  PRO B CB  1 
ATOM   1475 C CG  . PRO B 2 86  ? 0.27301   -12.29046 2.90484   1.000 31.26380 ? 86  PRO B CG  1 
ATOM   1476 C CD  . PRO B 2 86  ? -0.85293  -13.28221 3.15243   1.000 29.79353 ? 86  PRO B CD  1 
ATOM   1477 N N   . ILE B 2 87  ? 1.58852   -14.05498 -0.63568  1.000 26.93932 ? 87  ILE B N   1 
ATOM   1478 C CA  . ILE B 2 87  ? 2.93451   -14.53390 -0.91256  1.000 26.64414 ? 87  ILE B CA  1 
ATOM   1479 C C   . ILE B 2 87  ? 3.77916   -13.31457 -1.25051  1.000 29.07730 ? 87  ILE B C   1 
ATOM   1480 O O   . ILE B 2 87  ? 3.32088   -12.40725 -1.95441  1.000 30.73897 ? 87  ILE B O   1 
ATOM   1481 C CB  . ILE B 2 87  ? 2.97410   -15.58190 -2.04741  1.000 24.63262 ? 87  ILE B CB  1 
ATOM   1482 C CG1 . ILE B 2 87  ? 4.40795   -16.06544 -2.26834  1.000 26.46396 ? 87  ILE B CG1 1 
ATOM   1483 C CG2 . ILE B 2 87  ? 2.39709   -15.02376 -3.34097  1.000 27.53148 ? 87  ILE B CG2 1 
ATOM   1484 C CD1 . ILE B 2 87  ? 4.53244   -17.20753 -3.25026  1.000 31.40220 ? 87  ILE B CD1 1 
ATOM   1485 N N   . SER B 2 88  ? 4.99413   -13.26944 -0.71336  1.000 24.29297 ? 88  SER B N   1 
ATOM   1486 C CA  . SER B 2 88  ? 5.84277   -12.10176 -0.88080  1.000 27.91703 ? 88  SER B CA  1 
ATOM   1487 C C   . SER B 2 88  ? 7.29370   -12.52758 -1.03041  1.000 30.36083 ? 88  SER B C   1 
ATOM   1488 O O   . SER B 2 88  ? 7.73920   -13.47913 -0.38356  1.000 35.13483 ? 88  SER B O   1 
ATOM   1489 C CB  . SER B 2 88  ? 5.70355   -11.13718 0.30407   1.000 24.45886 ? 88  SER B CB  1 
ATOM   1490 O OG  . SER B 2 88  ? 6.44155   -11.59932 1.42047   1.000 35.72549 ? 88  SER B OG  1 
ATOM   1491 N N   . ILE B 2 89  ? 8.02396   -11.81880 -1.89142  1.000 28.32164 ? 89  ILE B N   1 
ATOM   1492 C CA  . ILE B 2 89  ? 9.46286   -12.01552 -2.02727  1.000 25.94880 ? 89  ILE B CA  1 
ATOM   1493 C C   . ILE B 2 89  ? 10.17191  -10.68525 -1.81563  1.000 25.65019 ? 89  ILE B C   1 
ATOM   1494 O O   . ILE B 2 89  ? 9.52928   -9.65226  -1.59625  1.000 32.34489 ? 89  ILE B O   1 
ATOM   1495 C CB  . ILE B 2 89  ? 9.82979   -12.63318 -3.39168  1.000 23.21114 ? 89  ILE B CB  1 
ATOM   1496 C CG1 . ILE B 2 89  ? 9.33707   -11.76862 -4.55351  1.000 26.48954 ? 89  ILE B CG1 1 
ATOM   1497 C CG2 . ILE B 2 89  ? 9.24733   -14.02524 -3.52117  1.000 27.17419 ? 89  ILE B CG2 1 
ATOM   1498 C CD1 . ILE B 2 89  ? 9.95365   -10.39026 -4.63700  1.000 39.89840 ? 89  ILE B CD1 1 
ATOM   1499 N N   . ASN B 2 90  ? 11.50213  -10.71313 -1.86035  1.000 29.51737 ? 90  ASN B N   1 
ATOM   1500 C CA  . ASN B 2 90  ? 12.34683  -9.52834  -1.78213  1.000 26.84532 ? 90  ASN B CA  1 
ATOM   1501 C C   . ASN B 2 90  ? 13.27086  -9.58171  -2.98621  1.000 25.60494 ? 90  ASN B C   1 
ATOM   1502 O O   . ASN B 2 90  ? 13.90702  -10.60977 -3.23334  1.000 30.58708 ? 90  ASN B O   1 
ATOM   1503 C CB  . ASN B 2 90  ? 13.13932  -9.49173  -0.45190  1.000 31.75002 ? 90  ASN B CB  1 
ATOM   1504 C CG  . ASN B 2 90  ? 14.22896  -8.39533  -0.40274  1.000 53.09072 ? 90  ASN B CG  1 
ATOM   1505 O OD1 . ASN B 2 90  ? 14.76612  -7.95684  -1.42260  1.000 54.85868 ? 90  ASN B OD1 1 
ATOM   1506 N ND2 . ASN B 2 90  ? 14.54591  -7.95130  0.80946   1.000 46.07802 ? 90  ASN B ND2 1 
ATOM   1507 N N   . TYR B 2 91  ? 13.33266  -8.48825  -3.73896  1.000 30.18344 ? 91  TYR B N   1 
ATOM   1508 C CA  . TYR B 2 91  ? 14.20188  -8.38930  -4.90283  1.000 34.07445 ? 91  TYR B CA  1 
ATOM   1509 C C   . TYR B 2 91  ? 14.98362  -7.08734  -4.83734  1.000 31.26585 ? 91  TYR B C   1 
ATOM   1510 O O   . TYR B 2 91  ? 14.44241  -6.04982  -4.44582  1.000 27.18432 ? 91  TYR B O   1 
ATOM   1511 C CB  . TYR B 2 91  ? 13.40148  -8.45013  -6.21073  1.000 28.13377 ? 91  TYR B CB  1 
ATOM   1512 C CG  . TYR B 2 91  ? 14.24357  -8.66783  -7.45072  1.000 36.87098 ? 91  TYR B CG  1 
ATOM   1513 C CD1 . TYR B 2 91  ? 14.85486  -7.60010  -8.10079  1.000 31.74571 ? 91  TYR B CD1 1 
ATOM   1514 C CD2 . TYR B 2 91  ? 14.42223  -9.94145  -7.97586  1.000 31.54795 ? 91  TYR B CD2 1 
ATOM   1515 C CE1 . TYR B 2 91  ? 15.62240  -7.79781  -9.23735  1.000 29.43913 ? 91  TYR B CE1 1 
ATOM   1516 C CE2 . TYR B 2 91  ? 15.18673  -10.14723 -9.11228  1.000 30.28640 ? 91  TYR B CE2 1 
ATOM   1517 C CZ  . TYR B 2 91  ? 15.78308  -9.07208  -9.73884  1.000 27.00157 ? 91  TYR B CZ  1 
ATOM   1518 O OH  . TYR B 2 91  ? 16.54348  -9.27137  -10.86703 1.000 25.89303 ? 91  TYR B OH  1 
ATOM   1519 N N   . ARG B 2 92  ? 16.25652  -7.14395  -5.22069  1.000 39.26362 ? 92  ARG B N   1 
ATOM   1520 C CA  . ARG B 2 92  ? 17.10531  -5.96138  -5.27843  1.000 34.02004 ? 92  ARG B CA  1 
ATOM   1521 C C   . ARG B 2 92  ? 17.21320  -5.49251  -6.72239  1.000 40.85084 ? 92  ARG B C   1 
ATOM   1522 O O   . ARG B 2 92  ? 17.72095  -6.22174  -7.58143  1.000 38.67804 ? 92  ARG B O   1 
ATOM   1523 C CB  . ARG B 2 92  ? 18.49655  -6.23563  -4.71256  1.000 33.84447 ? 92  ARG B CB  1 
ATOM   1524 C CG  . ARG B 2 92  ? 19.48030  -5.11238  -5.01166  1.000 44.01464 ? 92  ARG B CG  1 
ATOM   1525 C CD  . ARG B 2 92  ? 20.74402  -5.22708  -4.18716  1.000 37.21201 ? 92  ARG B CD  1 
ATOM   1526 N NE  . ARG B 2 92  ? 20.80574  -4.19644  -3.15708  1.000 52.48996 ? 92  ARG B NE  1 
ATOM   1527 C CZ  . ARG B 2 92  ? 21.48462  -4.31980  -2.02201  1.000 59.16321 ? 92  ARG B CZ  1 
ATOM   1528 N NH1 . ARG B 2 92  ? 22.16115  -5.43239  -1.77355  1.000 44.17552 ? 92  ARG B NH1 1 
ATOM   1529 N NH2 . ARG B 2 92  ? 21.48873  -3.33202  -1.13621  1.000 58.71862 ? 92  ARG B NH2 1 
ATOM   1530 N N   . THR B 2 93  ? 16.74587  -4.27737  -6.98015  1.000 45.44458 ? 93  THR B N   1 
ATOM   1531 C CA  . THR B 2 93  ? 16.83488  -3.68281  -8.30435  1.000 36.32870 ? 93  THR B CA  1 
ATOM   1532 C C   . THR B 2 93  ? 18.28384  -3.36471  -8.65652  1.000 32.73984 ? 93  THR B C   1 
ATOM   1533 O O   . THR B 2 93  ? 18.77535  -3.75033  -9.71565  1.000 41.46407 ? 93  THR B O   1 
ATOM   1534 C CB  . THR B 2 93  ? 15.99769  -2.40164  -8.39323  1.000 28.24012 ? 93  THR B CB  1 
ATOM   1535 O OG1 . THR B 2 93  ? 16.41186  -1.49397  -7.36656  1.000 35.87108 ? 93  THR B OG1 1 
ATOM   1536 C CG2 . THR B 2 93  ? 14.52888  -2.71791  -8.20305  1.000 34.06749 ? 93  THR B CG2 1 
HETATM 1537 O O   . HOH C 3 .   ? -15.84925 11.00273  5.97686   1.000 29.32640 ? 201 HOH A O   1 
HETATM 1538 O O   . HOH C 3 .   ? 3.22874   6.10562   -13.39506 1.000 24.75482 ? 202 HOH A O   1 
HETATM 1539 O O   . HOH C 3 .   ? -4.20046  19.92997  14.30688  1.000 30.08583 ? 203 HOH A O   1 
HETATM 1540 O O   . HOH C 3 .   ? 3.15474   16.05770  8.47623   1.000 27.28111 ? 204 HOH A O   1 
HETATM 1541 O O   . HOH C 3 .   ? 0.52109   19.39751  9.68295   1.000 35.57425 ? 205 HOH A O   1 
HETATM 1542 O O   . HOH C 3 .   ? -0.72357  3.56153   -4.99946  1.000 23.10378 ? 206 HOH A O   1 
HETATM 1543 O O   . HOH C 3 .   ? -0.71356  -7.00926  14.00760  1.000 34.21031 ? 207 HOH A O   1 
HETATM 1544 O O   . HOH D 3 .   ? -13.14393 -6.29475  1.09686   1.000 22.53831 ? 101 HOH B O   1 
HETATM 1545 O O   . HOH D 3 .   ? -4.92348  -17.16099 0.37396   1.000 56.36303 ? 102 HOH B O   1 
HETATM 1546 O O   . HOH D 3 .   ? 19.79120  -3.15775  1.67091   1.000 36.12114 ? 103 HOH B O   1 
HETATM 1547 O O   . HOH D 3 .   ? -10.22992 -4.45445  -3.70599  1.000 32.59291 ? 104 HOH B O   1 
HETATM 1548 O O   . HOH D 3 .   ? -10.75917 -10.47189 -0.83371  1.000 30.66152 ? 105 HOH B O   1 
HETATM 1549 O O   . HOH D 3 .   ? 8.48784   2.28394   1.09535   1.000 27.01200 ? 106 HOH B O   1 
HETATM 1550 O O   . HOH D 3 .   ? 16.55755  1.72548   1.04771   1.000 24.32905 ? 107 HOH B O   1 
HETATM 1551 O O   . HOH D 3 .   ? 11.58482  3.53151   -3.51019  1.000 14.22161 ? 108 HOH B O   1 
HETATM 1552 O O   . HOH D 3 .   ? -11.58708 -4.00877  -5.97326  1.000 35.77358 ? 109 HOH B O   1 
HETATM 1553 O O   . HOH D 3 .   ? 1.52807   -4.97980  2.53730   1.000 28.74093 ? 110 HOH B O   1 
HETATM 1554 O O   . HOH D 3 .   ? 4.83928   -5.12018  0.25703   1.000 32.55534 ? 111 HOH B O   1 
HETATM 1555 O O   . HOH D 3 .   ? -14.17504 -17.56113 -0.74861  1.000 22.83013 ? 112 HOH B O   1 
HETATM 1556 O O   . HOH D 3 .   ? 1.03840   -4.09573  -14.66904 1.000 34.93165 ? 113 HOH B O   1 
HETATM 1557 O O   . HOH D 3 .   ? -4.93529  -2.68090  1.88151   1.000 24.75172 ? 114 HOH B O   1 
# 
